data_6OEJ
#
_entry.id   6OEJ
#
_cell.length_a   89.371
_cell.length_b   110.961
_cell.length_c   217.563
_cell.angle_alpha   90.00
_cell.angle_beta   90.00
_cell.angle_gamma   90.00
#
_symmetry.space_group_name_H-M   'P 21 21 21'
#
loop_
_entity.id
_entity.type
_entity.pdbx_description
1 polymer 'clade A/E 93TH057 HIV-1 gp120 core'
2 polymer 'C11 Fab heavy chain'
3 polymer 'C11 Fab light chain'
4 branched beta-D-mannopyranose-(1-4)-2-acetamido-2-deoxy-beta-D-glucopyranose-(1-4)-[alpha-L-fucopyranose-(1-6)]2-acetamido-2-deoxy-beta-D-glucopyranose
5 non-polymer 2-acetamido-2-deoxy-beta-D-glucopyranose
#
loop_
_entity_poly.entity_id
_entity_poly.type
_entity_poly.pdbx_seq_one_letter_code
_entity_poly.pdbx_strand_id
1 'polypeptide(L)'
;CDNLWVTVYYGVPVWKDADTTLFCASDAKAHETEVHNVWATHACVPTDPCPQEIHLENVTENFNMWKNNMVEQMQEDVIS
LWDQSLQPCVKLTGGSVIKQACPKISFDPIPIHYCTPAGYVILKCNDKNFNGTGPCKNVSSVQCTHGIKPVVSTQLLLNG
SLAEEEIIIRSENLTNNAKTIIVHLNKSVEINCTRPSNGGSGSGGDIRKAYCEINGTKWNKVLKQVTEKLKEHFNNKTII
FQPPSGGDLEITMHSFNCRGEFFYCNTTQLFNNTCIGNETMKGCNGTITLPCKIKQIINMWQGTGQAMYAPPIDGKINCV
SNITGILLTRDGGANNTSNETFRPGGGNIKDNWRSELYKYKVVQIEPLGIAPTKAKRRVVQREKR
;
G,A
2 'polypeptide(L)'
;EVQLVESGGGLVKPGGSLRLSCAASGFTFSSYSMNWVRQAPGRGLEWVSSISNTSTYIYYADSVEGRFTLSRDNAKNSLY
LQMNSLRAEDTAVYYCARANQHFDWLLSLLGGYHYYGMDVWGQGTTVTVSSASTKGPSVFPLAPSSKSTSGGTAALGCLV
KDYFPEPVTVSWNSGALTSGVHTFPAVLQSSGLYSLSSVVTVPSSSLGTQTYICNVNHKPSNTKVDKRVEPKSCDKTHT
;
H,B
3 'polypeptide(L)'
;DIVMTQSPLSLPVTPGEPASISCRSSQSLLHSNGYNYLDWYLQKPGQSPQLLIYLGSNRASGVPDRFIGSGSGTDFTLKI
SRVEAEDVGVFYCMQALQAVGFGPGTKVEIKRTVAAPSVFIFPPSDEQLKSGTASVVCLLNNFYPREAKVQWKVDNALQS
GNSQESVTEQDSKDSTYSLSSTLTLSKADYEKHKVYACEVTHQGLSSPVTKSFNRGEC
;
L,C
#
loop_
_chem_comp.id
_chem_comp.type
_chem_comp.name
_chem_comp.formula
BMA D-saccharide, beta linking beta-D-mannopyranose 'C6 H12 O6'
FUC L-saccharide, alpha linking alpha-L-fucopyranose 'C6 H12 O5'
NAG D-saccharide, beta linking 2-acetamido-2-deoxy-beta-D-glucopyranose 'C8 H15 N O6'
#
# COMPACT_ATOMS: atom_id res chain seq x y z
N CYS A 1 -16.34 0.49 -25.06
CA CYS A 1 -17.25 -0.19 -24.16
C CYS A 1 -16.63 -1.48 -23.62
N ASP A 2 -15.31 -1.59 -23.72
CA ASP A 2 -14.61 -2.77 -23.24
C ASP A 2 -14.67 -2.85 -21.71
N ASN A 3 -14.56 -4.08 -21.22
CA ASN A 3 -14.59 -4.48 -19.80
C ASN A 3 -16.02 -4.79 -19.33
N LEU A 4 -16.19 -5.97 -18.74
CA LEU A 4 -17.47 -6.40 -18.19
C LEU A 4 -17.48 -6.53 -16.68
N TRP A 5 -16.36 -6.94 -16.07
CA TRP A 5 -16.21 -7.05 -14.63
C TRP A 5 -17.40 -7.73 -13.98
N VAL A 6 -17.37 -9.07 -13.95
CA VAL A 6 -18.39 -10.05 -13.57
C VAL A 6 -18.66 -10.88 -14.81
N THR A 7 -18.00 -12.04 -14.87
CA THR A 7 -17.94 -12.82 -16.10
C THR A 7 -17.85 -14.31 -15.79
N VAL A 8 -18.64 -14.77 -14.83
CA VAL A 8 -18.77 -16.19 -14.53
C VAL A 8 -20.10 -16.40 -13.85
N TYR A 9 -20.78 -17.49 -14.20
CA TYR A 9 -22.06 -17.77 -13.58
C TYR A 9 -21.92 -18.93 -12.58
N TYR A 10 -22.32 -18.65 -11.35
CA TYR A 10 -22.32 -19.61 -10.26
C TYR A 10 -23.74 -19.77 -9.76
N GLY A 11 -24.15 -21.01 -9.51
CA GLY A 11 -25.47 -21.32 -8.99
C GLY A 11 -26.21 -22.29 -9.88
N VAL A 12 -27.49 -22.47 -9.54
CA VAL A 12 -28.33 -23.43 -10.27
C VAL A 12 -28.54 -22.93 -11.70
N PRO A 13 -28.58 -23.82 -12.70
CA PRO A 13 -28.85 -23.41 -14.09
C PRO A 13 -30.05 -22.48 -14.25
N VAL A 14 -30.08 -21.75 -15.36
CA VAL A 14 -31.09 -20.73 -15.63
C VAL A 14 -31.43 -20.69 -17.11
N TRP A 15 -31.14 -21.78 -17.83
CA TRP A 15 -31.40 -21.83 -19.26
C TRP A 15 -32.01 -23.18 -19.62
N LYS A 16 -33.09 -23.14 -20.39
CA LYS A 16 -33.72 -24.34 -20.90
C LYS A 16 -33.30 -24.58 -22.35
N ASP A 17 -34.11 -25.32 -23.10
CA ASP A 17 -33.83 -25.61 -24.51
C ASP A 17 -35.04 -25.18 -25.33
N ALA A 18 -34.82 -24.29 -26.29
CA ALA A 18 -35.86 -23.87 -27.20
C ALA A 18 -35.25 -23.45 -28.54
N ASP A 19 -35.93 -22.55 -29.24
CA ASP A 19 -35.47 -22.05 -30.53
C ASP A 19 -36.38 -20.90 -30.95
N THR A 20 -35.77 -19.81 -31.40
CA THR A 20 -36.52 -18.60 -31.74
C THR A 20 -35.93 -18.02 -33.02
N THR A 21 -36.17 -16.74 -33.25
CA THR A 21 -35.75 -16.09 -34.48
C THR A 21 -34.52 -15.23 -34.20
N LEU A 22 -33.41 -15.60 -34.83
CA LEU A 22 -32.15 -14.88 -34.73
C LEU A 22 -31.88 -14.13 -36.03
N PHE A 23 -31.28 -12.95 -35.93
CA PHE A 23 -31.14 -12.05 -37.07
C PHE A 23 -29.68 -11.87 -37.46
N CYS A 24 -29.44 -11.74 -38.76
CA CYS A 24 -28.08 -11.57 -39.27
C CYS A 24 -27.52 -10.22 -38.83
N ALA A 25 -26.20 -10.11 -38.90
CA ALA A 25 -25.51 -8.87 -38.57
C ALA A 25 -24.14 -8.89 -39.25
N SER A 26 -23.76 -7.75 -39.83
CA SER A 26 -22.44 -7.60 -40.43
C SER A 26 -22.02 -6.15 -40.28
N ASP A 27 -20.83 -5.84 -40.81
CA ASP A 27 -20.35 -4.46 -40.83
C ASP A 27 -20.41 -3.91 -42.25
N ALA A 43 -31.15 -4.86 -43.89
CA ALA A 43 -31.60 -6.18 -43.47
C ALA A 43 -30.88 -6.62 -42.19
N CYS A 44 -29.57 -6.76 -42.28
CA CYS A 44 -28.76 -7.03 -41.09
C CYS A 44 -28.47 -5.71 -40.36
N VAL A 45 -27.85 -5.84 -39.19
CA VAL A 45 -27.67 -4.72 -38.28
C VAL A 45 -26.19 -4.59 -37.95
N PRO A 46 -25.71 -3.47 -37.39
CA PRO A 46 -24.28 -3.36 -37.07
C PRO A 46 -23.89 -4.33 -35.97
N THR A 47 -22.94 -5.22 -36.27
CA THR A 47 -22.40 -6.11 -35.25
C THR A 47 -21.93 -5.30 -34.06
N ASP A 48 -22.40 -5.68 -32.88
CA ASP A 48 -21.97 -4.99 -31.67
C ASP A 48 -20.46 -5.14 -31.55
N PRO A 49 -19.71 -4.03 -31.55
CA PRO A 49 -18.26 -4.12 -31.37
C PRO A 49 -17.82 -4.42 -29.95
N CYS A 50 -18.74 -4.80 -29.08
CA CYS A 50 -18.45 -5.19 -27.70
C CYS A 50 -19.13 -6.52 -27.42
N PRO A 51 -18.63 -7.61 -28.01
CA PRO A 51 -19.19 -8.93 -27.72
C PRO A 51 -19.03 -9.25 -26.24
N GLN A 52 -19.85 -10.20 -25.78
CA GLN A 52 -19.89 -10.57 -24.37
C GLN A 52 -19.80 -12.07 -24.25
N GLU A 53 -19.19 -12.53 -23.16
CA GLU A 53 -19.04 -13.95 -22.90
C GLU A 53 -19.03 -14.18 -21.40
N ILE A 54 -19.62 -15.29 -20.98
CA ILE A 54 -19.78 -15.61 -19.56
C ILE A 54 -19.59 -17.10 -19.38
N HIS A 55 -18.65 -17.48 -18.52
CA HIS A 55 -18.39 -18.89 -18.27
C HIS A 55 -19.28 -19.42 -17.16
N LEU A 56 -19.75 -20.65 -17.35
CA LEU A 56 -20.60 -21.33 -16.37
C LEU A 56 -19.78 -22.48 -15.80
N GLU A 57 -19.19 -22.26 -14.63
CA GLU A 57 -18.23 -23.19 -14.08
C GLU A 57 -18.92 -24.47 -13.60
N ASN A 58 -18.17 -25.57 -13.65
CA ASN A 58 -18.66 -26.91 -13.33
C ASN A 58 -20.01 -27.18 -13.99
N VAL A 59 -20.08 -26.90 -15.28
CA VAL A 59 -21.28 -27.14 -16.07
C VAL A 59 -20.89 -28.12 -17.16
N THR A 60 -21.27 -29.38 -16.99
CA THR A 60 -21.15 -30.36 -18.06
C THR A 60 -22.37 -30.25 -18.95
N GLU A 61 -22.16 -30.04 -20.24
CA GLU A 61 -23.25 -29.80 -21.16
C GLU A 61 -23.18 -30.77 -22.33
N ASN A 62 -24.29 -30.95 -23.03
CA ASN A 62 -24.30 -31.78 -24.23
C ASN A 62 -25.03 -31.08 -25.36
N PHE A 63 -24.38 -31.03 -26.52
CA PHE A 63 -24.90 -30.40 -27.73
C PHE A 63 -25.07 -31.43 -28.83
N ASN A 64 -25.89 -31.05 -29.80
CA ASN A 64 -26.19 -31.83 -30.98
C ASN A 64 -25.97 -30.94 -32.18
N MET A 65 -25.28 -31.44 -33.20
CA MET A 65 -24.98 -30.65 -34.38
C MET A 65 -25.88 -30.99 -35.56
N TRP A 66 -26.69 -32.04 -35.45
CA TRP A 66 -27.59 -32.46 -36.52
C TRP A 66 -29.05 -32.20 -36.21
N LYS A 67 -29.44 -32.21 -34.93
CA LYS A 67 -30.81 -31.94 -34.52
C LYS A 67 -30.95 -30.55 -33.90
N ASN A 68 -30.19 -29.57 -34.40
CA ASN A 68 -30.26 -28.20 -33.92
C ASN A 68 -31.05 -27.34 -34.88
N ASN A 69 -31.98 -26.55 -34.35
CA ASN A 69 -32.83 -25.68 -35.17
C ASN A 69 -32.13 -24.35 -35.44
N MET A 70 -30.97 -24.46 -36.11
CA MET A 70 -30.20 -23.30 -36.51
C MET A 70 -29.87 -23.35 -37.99
N VAL A 71 -29.27 -24.46 -38.43
CA VAL A 71 -28.98 -24.66 -39.84
C VAL A 71 -30.19 -24.34 -40.71
N GLU A 72 -31.39 -24.51 -40.17
CA GLU A 72 -32.61 -24.14 -40.88
C GLU A 72 -32.66 -22.63 -41.12
N GLN A 73 -32.49 -21.85 -40.06
CA GLN A 73 -32.49 -20.39 -40.20
C GLN A 73 -31.34 -19.92 -41.08
N MET A 74 -30.20 -20.60 -41.04
CA MET A 74 -29.09 -20.24 -41.91
C MET A 74 -29.45 -20.46 -43.37
N GLN A 75 -30.07 -21.61 -43.69
CA GLN A 75 -30.51 -21.86 -45.05
C GLN A 75 -31.54 -20.82 -45.50
N GLU A 76 -32.46 -20.46 -44.60
CA GLU A 76 -33.47 -19.46 -44.93
C GLU A 76 -32.83 -18.12 -45.25
N ASP A 77 -31.85 -17.71 -44.43
CA ASP A 77 -31.17 -16.44 -44.68
C ASP A 77 -30.34 -16.49 -45.96
N VAL A 78 -29.70 -17.63 -46.25
CA VAL A 78 -28.92 -17.73 -47.48
C VAL A 78 -29.81 -17.65 -48.70
N ILE A 79 -31.00 -18.26 -48.64
CA ILE A 79 -31.91 -18.18 -49.78
C ILE A 79 -32.46 -16.76 -49.92
N SER A 80 -32.81 -16.12 -48.80
CA SER A 80 -33.22 -14.72 -48.86
C SER A 80 -32.10 -13.81 -49.37
N LEU A 81 -30.84 -14.23 -49.17
CA LEU A 81 -29.68 -13.49 -49.63
C LEU A 81 -29.50 -13.61 -51.14
N TRP A 82 -29.55 -14.84 -51.65
CA TRP A 82 -29.38 -15.04 -53.09
C TRP A 82 -30.58 -14.52 -53.87
N ASP A 83 -31.78 -14.59 -53.31
CA ASP A 83 -32.97 -14.11 -54.01
C ASP A 83 -32.85 -12.62 -54.32
N GLN A 84 -32.55 -11.81 -53.31
CA GLN A 84 -32.42 -10.38 -53.51
C GLN A 84 -31.22 -10.01 -54.38
N SER A 85 -30.24 -10.91 -54.51
CA SER A 85 -29.09 -10.66 -55.36
C SER A 85 -29.31 -11.23 -56.76
N SER A 106 -20.92 -6.27 -57.53
CA SER A 106 -19.89 -7.10 -56.90
C SER A 106 -20.49 -8.37 -56.29
N PHE A 107 -19.61 -9.31 -55.96
CA PHE A 107 -20.02 -10.56 -55.30
C PHE A 107 -18.82 -11.12 -54.57
N ASP A 108 -19.02 -11.51 -53.30
CA ASP A 108 -18.04 -12.20 -52.48
C ASP A 108 -18.60 -12.44 -51.08
N PRO A 109 -18.32 -13.59 -50.46
CA PRO A 109 -18.87 -13.88 -49.13
C PRO A 109 -18.50 -12.81 -48.11
N ILE A 110 -19.45 -12.51 -47.22
CA ILE A 110 -19.27 -11.52 -46.17
C ILE A 110 -19.33 -12.25 -44.83
N PRO A 111 -18.33 -12.12 -43.96
CA PRO A 111 -18.46 -12.65 -42.60
C PRO A 111 -19.63 -12.03 -41.87
N ILE A 112 -20.57 -12.87 -41.42
CA ILE A 112 -21.80 -12.41 -40.78
C ILE A 112 -22.06 -13.23 -39.53
N HIS A 113 -22.66 -12.57 -38.54
CA HIS A 113 -23.01 -13.17 -37.25
C HIS A 113 -24.46 -13.64 -37.27
N TYR A 114 -24.98 -13.95 -36.08
CA TYR A 114 -26.35 -14.43 -35.89
C TYR A 114 -26.77 -14.07 -34.46
N CYS A 115 -27.30 -12.86 -34.29
CA CYS A 115 -27.65 -12.39 -32.95
C CYS A 115 -29.02 -12.89 -32.53
N THR A 116 -29.17 -13.06 -31.21
CA THR A 116 -30.29 -13.66 -30.48
C THR A 116 -31.15 -12.58 -29.84
N PRO A 117 -32.47 -12.68 -29.94
CA PRO A 117 -33.35 -11.66 -29.33
C PRO A 117 -33.30 -11.70 -27.81
N ALA A 118 -33.86 -10.66 -27.21
CA ALA A 118 -33.83 -10.51 -25.76
C ALA A 118 -34.57 -11.65 -25.08
N GLY A 119 -34.11 -12.01 -23.88
CA GLY A 119 -34.68 -13.10 -23.11
C GLY A 119 -34.07 -14.46 -23.36
N TYR A 120 -33.17 -14.57 -24.35
CA TYR A 120 -32.59 -15.81 -24.82
C TYR A 120 -31.09 -15.58 -25.02
N VAL A 121 -30.33 -16.68 -25.13
CA VAL A 121 -28.88 -16.59 -25.22
C VAL A 121 -28.36 -17.80 -26.00
N ILE A 122 -27.28 -17.58 -26.76
CA ILE A 122 -26.61 -18.67 -27.47
C ILE A 122 -25.54 -19.27 -26.57
N LEU A 123 -25.48 -20.59 -26.53
CA LEU A 123 -24.49 -21.33 -25.77
C LEU A 123 -23.40 -21.83 -26.71
N LYS A 124 -22.17 -21.85 -26.18
CA LYS A 124 -20.95 -22.13 -26.90
C LYS A 124 -20.21 -23.27 -26.23
N CYS A 125 -19.89 -24.30 -27.01
CA CYS A 125 -19.06 -25.42 -26.56
C CYS A 125 -17.63 -25.16 -27.02
N ASN A 126 -16.77 -24.81 -26.06
CA ASN A 126 -15.39 -24.45 -26.36
C ASN A 126 -14.42 -25.62 -26.24
N ASP A 127 -14.92 -26.85 -26.11
CA ASP A 127 -14.01 -27.98 -25.97
C ASP A 127 -13.16 -28.16 -27.23
N LYS A 128 -11.92 -28.60 -27.02
CA LYS A 128 -10.93 -28.61 -28.09
C LYS A 128 -11.20 -29.70 -29.11
N ASN A 129 -11.34 -30.94 -28.66
CA ASN A 129 -11.55 -32.08 -29.54
C ASN A 129 -12.96 -32.61 -29.35
N PHE A 130 -13.92 -31.88 -29.89
CA PHE A 130 -15.33 -32.24 -29.77
C PHE A 130 -15.68 -33.23 -30.88
N ASN A 131 -16.10 -34.44 -30.47
CA ASN A 131 -16.48 -35.49 -31.41
C ASN A 131 -17.48 -34.99 -32.45
N GLY A 132 -18.31 -34.02 -32.07
CA GLY A 132 -19.42 -33.57 -32.90
C GLY A 132 -20.70 -33.41 -32.12
N THR A 133 -21.04 -34.39 -31.28
CA THR A 133 -22.27 -34.37 -30.47
C THR A 133 -21.98 -34.94 -29.08
N GLY A 134 -23.00 -34.96 -28.23
CA GLY A 134 -22.80 -35.42 -26.87
C GLY A 134 -22.25 -34.30 -26.00
N PRO A 135 -21.52 -34.65 -24.95
CA PRO A 135 -21.18 -33.64 -23.95
C PRO A 135 -19.77 -33.09 -24.02
N CYS A 136 -19.69 -31.78 -23.78
CA CYS A 136 -18.46 -31.05 -23.52
C CYS A 136 -18.63 -30.24 -22.24
N LYS A 137 -17.54 -30.16 -21.45
CA LYS A 137 -17.58 -29.68 -20.08
C LYS A 137 -16.98 -28.30 -19.92
N ASN A 138 -16.78 -27.57 -21.02
CA ASN A 138 -16.27 -26.19 -20.97
C ASN A 138 -17.19 -25.40 -21.88
N VAL A 139 -18.23 -24.80 -21.29
CA VAL A 139 -19.30 -24.18 -22.05
C VAL A 139 -19.54 -22.79 -21.50
N SER A 140 -19.58 -21.82 -22.40
CA SER A 140 -19.86 -20.43 -22.03
C SER A 140 -21.02 -19.95 -22.90
N SER A 141 -21.47 -18.72 -22.67
CA SER A 141 -22.64 -18.21 -23.38
C SER A 141 -22.31 -16.89 -24.04
N VAL A 142 -22.62 -16.78 -25.33
CA VAL A 142 -22.41 -15.54 -26.07
C VAL A 142 -23.71 -14.77 -26.13
N GLN A 143 -23.84 -13.92 -27.14
CA GLN A 143 -25.05 -13.16 -27.41
C GLN A 143 -25.28 -13.24 -28.91
N CYS A 144 -24.18 -13.12 -29.66
CA CYS A 144 -24.14 -13.29 -31.10
C CYS A 144 -23.00 -14.24 -31.42
N THR A 145 -23.16 -15.02 -32.49
CA THR A 145 -22.14 -15.99 -32.85
C THR A 145 -20.92 -15.29 -33.46
N HIS A 146 -19.96 -16.08 -33.91
CA HIS A 146 -18.79 -15.55 -34.57
C HIS A 146 -19.07 -15.40 -36.07
N GLY A 147 -18.24 -14.59 -36.72
CA GLY A 147 -18.38 -14.37 -38.14
C GLY A 147 -18.30 -15.66 -38.94
N ILE A 148 -19.31 -15.92 -39.76
CA ILE A 148 -19.31 -17.12 -40.57
C ILE A 148 -19.73 -16.80 -42.00
N LYS A 149 -18.76 -16.80 -42.89
CA LYS A 149 -19.01 -16.53 -44.30
C LYS A 149 -19.71 -17.71 -44.96
N PRO A 150 -20.87 -17.50 -45.60
CA PRO A 150 -21.64 -18.62 -46.14
C PRO A 150 -21.09 -19.16 -47.46
N VAL A 151 -20.27 -20.21 -47.37
CA VAL A 151 -19.65 -20.81 -48.54
C VAL A 151 -20.63 -21.78 -49.21
N VAL A 152 -20.73 -21.70 -50.52
CA VAL A 152 -21.67 -22.55 -51.28
C VAL A 152 -20.81 -23.42 -52.19
N SER A 153 -20.53 -24.64 -51.73
CA SER A 153 -19.77 -25.62 -52.49
C SER A 153 -20.00 -26.99 -51.88
N THR A 154 -19.69 -28.01 -52.67
CA THR A 154 -19.78 -29.40 -52.25
C THR A 154 -18.39 -29.98 -52.12
N GLN A 155 -18.33 -31.28 -51.77
CA GLN A 155 -17.08 -32.04 -51.74
C GLN A 155 -16.03 -31.42 -50.81
N LEU A 156 -15.61 -30.18 -51.09
CA LEU A 156 -14.65 -29.48 -50.27
C LEU A 156 -15.30 -28.30 -49.57
N LEU A 157 -14.75 -27.95 -48.41
CA LEU A 157 -15.15 -26.76 -47.68
C LEU A 157 -14.04 -25.72 -47.80
N LEU A 158 -14.41 -24.51 -48.20
CA LEU A 158 -13.45 -23.43 -48.35
C LEU A 158 -13.78 -22.29 -47.40
N ASN A 159 -12.84 -21.37 -47.26
CA ASN A 159 -13.02 -20.14 -46.51
C ASN A 159 -13.69 -20.41 -45.16
N GLY A 160 -13.18 -21.44 -44.49
CA GLY A 160 -13.79 -21.90 -43.25
C GLY A 160 -12.78 -21.94 -42.12
N SER A 161 -13.30 -21.69 -40.91
CA SER A 161 -12.46 -21.72 -39.73
C SER A 161 -11.88 -23.10 -39.51
N LEU A 162 -10.59 -23.14 -39.19
CA LEU A 162 -9.95 -24.41 -38.90
C LEU A 162 -10.20 -24.81 -37.45
N ALA A 163 -9.93 -26.07 -37.14
CA ALA A 163 -10.00 -26.54 -35.78
C ALA A 163 -8.74 -26.13 -35.02
N GLU A 164 -8.74 -26.38 -33.71
CA GLU A 164 -7.64 -25.92 -32.87
C GLU A 164 -6.73 -27.04 -32.39
N GLU A 165 -6.83 -28.25 -32.93
CA GLU A 165 -5.91 -29.25 -32.44
C GLU A 165 -5.62 -30.31 -33.51
N GLU A 166 -6.36 -31.43 -33.56
CA GLU A 166 -6.15 -32.41 -34.62
C GLU A 166 -7.32 -32.45 -35.60
N ILE A 167 -7.11 -33.19 -36.70
CA ILE A 167 -8.15 -33.51 -37.67
C ILE A 167 -9.32 -34.13 -36.91
N ILE A 168 -10.52 -33.57 -37.07
CA ILE A 168 -11.67 -34.07 -36.32
C ILE A 168 -12.77 -34.44 -37.30
N ILE A 169 -13.41 -35.59 -37.06
CA ILE A 169 -14.41 -36.15 -37.97
C ILE A 169 -15.79 -35.94 -37.36
N ARG A 170 -16.78 -35.75 -38.23
CA ARG A 170 -18.15 -35.57 -37.77
C ARG A 170 -19.14 -36.26 -38.69
N SER A 171 -20.09 -36.94 -38.05
CA SER A 171 -21.12 -37.76 -38.67
C SER A 171 -22.16 -38.07 -37.61
N GLU A 172 -23.37 -38.42 -38.05
CA GLU A 172 -24.41 -38.77 -37.08
C GLU A 172 -24.32 -40.23 -36.66
N ASN A 173 -24.35 -41.14 -37.63
CA ASN A 173 -24.17 -42.57 -37.39
C ASN A 173 -22.96 -43.05 -38.16
N LEU A 174 -22.07 -43.77 -37.48
CA LEU A 174 -20.88 -44.34 -38.11
C LEU A 174 -21.15 -45.69 -38.76
N THR A 175 -22.40 -46.16 -38.75
CA THR A 175 -22.78 -47.40 -39.39
C THR A 175 -23.56 -47.16 -40.69
N ASN A 176 -24.55 -46.29 -40.64
CA ASN A 176 -25.32 -45.91 -41.82
C ASN A 176 -24.44 -45.20 -42.84
N ASN A 177 -23.88 -45.96 -43.78
CA ASN A 177 -22.94 -45.40 -44.74
C ASN A 177 -23.58 -44.36 -45.67
N ALA A 178 -24.90 -44.28 -45.72
CA ALA A 178 -25.59 -43.27 -46.52
C ALA A 178 -25.75 -41.94 -45.77
N LYS A 179 -24.97 -41.73 -44.71
CA LYS A 179 -24.98 -40.48 -43.97
C LYS A 179 -23.73 -39.67 -44.29
N THR A 180 -23.86 -38.34 -44.18
CA THR A 180 -22.80 -37.41 -44.53
C THR A 180 -21.53 -37.67 -43.73
N ILE A 181 -20.41 -37.10 -44.18
CA ILE A 181 -19.11 -37.28 -43.53
C ILE A 181 -18.33 -35.99 -43.67
N ILE A 182 -17.94 -35.38 -42.54
CA ILE A 182 -17.18 -34.13 -42.56
C ILE A 182 -15.81 -34.36 -41.93
N VAL A 183 -14.77 -33.93 -42.65
CA VAL A 183 -13.39 -33.94 -42.16
C VAL A 183 -13.03 -32.49 -41.90
N HIS A 184 -13.00 -32.09 -40.63
CA HIS A 184 -12.58 -30.77 -40.21
C HIS A 184 -11.06 -30.80 -40.07
N LEU A 185 -10.37 -30.18 -41.03
CA LEU A 185 -8.92 -30.22 -41.13
C LEU A 185 -8.28 -29.31 -40.07
N ASN A 186 -6.95 -29.18 -40.14
CA ASN A 186 -6.23 -28.28 -39.25
C ASN A 186 -5.05 -27.60 -39.94
N LYS A 187 -5.15 -27.44 -41.27
CA LYS A 187 -4.13 -26.70 -42.00
C LYS A 187 -4.76 -26.15 -43.28
N SER A 188 -4.95 -24.83 -43.31
CA SER A 188 -5.52 -24.17 -44.48
C SER A 188 -4.64 -24.39 -45.69
N VAL A 189 -5.25 -24.83 -46.79
CA VAL A 189 -4.51 -25.10 -48.02
C VAL A 189 -5.03 -24.18 -49.11
N GLU A 190 -4.18 -23.28 -49.60
CA GLU A 190 -4.62 -22.31 -50.59
C GLU A 190 -4.90 -22.98 -51.93
N ILE A 191 -5.97 -22.51 -52.58
CA ILE A 191 -6.41 -22.99 -53.89
C ILE A 191 -6.49 -21.77 -54.80
N ASN A 192 -6.12 -21.95 -56.07
CA ASN A 192 -6.01 -20.82 -57.00
C ASN A 192 -6.74 -21.16 -58.30
N CYS A 193 -8.04 -20.88 -58.37
CA CYS A 193 -8.84 -21.16 -59.56
C CYS A 193 -8.84 -19.93 -60.47
N THR A 194 -8.30 -20.10 -61.68
CA THR A 194 -8.06 -19.00 -62.59
C THR A 194 -8.60 -19.32 -63.99
N ARG A 195 -8.97 -18.25 -64.69
CA ARG A 195 -9.52 -18.28 -66.05
C ARG A 195 -8.55 -17.61 -67.02
N PRO A 196 -8.12 -18.29 -68.09
CA PRO A 196 -7.27 -17.64 -69.11
C PRO A 196 -8.10 -16.70 -69.99
N SER A 197 -7.70 -15.44 -70.04
CA SER A 197 -8.41 -14.43 -70.83
C SER A 197 -8.13 -14.57 -72.32
N LYS A 209 -12.31 -23.50 -70.19
CA LYS A 209 -11.28 -24.50 -69.94
C LYS A 209 -10.34 -24.01 -68.83
N ALA A 210 -10.91 -23.29 -67.87
CA ALA A 210 -10.15 -22.72 -66.77
C ALA A 210 -9.59 -23.83 -65.87
N TYR A 211 -8.85 -23.44 -64.84
CA TYR A 211 -8.20 -24.46 -64.01
C TYR A 211 -8.13 -23.99 -62.55
N CYS A 212 -7.57 -24.86 -61.71
CA CYS A 212 -7.30 -24.56 -60.30
C CYS A 212 -5.96 -25.15 -59.93
N GLU A 213 -5.02 -24.31 -59.53
CA GLU A 213 -3.72 -24.76 -59.07
C GLU A 213 -3.73 -24.97 -57.56
N ILE A 214 -3.09 -26.06 -57.13
CA ILE A 214 -2.96 -26.40 -55.71
C ILE A 214 -1.56 -26.96 -55.50
N ASN A 215 -0.88 -26.49 -54.45
CA ASN A 215 0.44 -27.02 -54.10
C ASN A 215 0.28 -28.46 -53.64
N GLY A 216 0.75 -29.40 -54.46
CA GLY A 216 0.45 -30.80 -54.25
C GLY A 216 1.21 -31.46 -53.11
N THR A 217 2.30 -30.84 -52.64
CA THR A 217 3.06 -31.43 -51.56
C THR A 217 2.28 -31.38 -50.25
N LYS A 218 1.79 -30.18 -49.90
CA LYS A 218 0.90 -30.06 -48.75
C LYS A 218 -0.35 -30.91 -48.93
N TRP A 219 -0.80 -31.07 -50.18
CA TRP A 219 -1.94 -31.95 -50.44
C TRP A 219 -1.64 -33.38 -50.03
N ASN A 220 -0.48 -33.90 -50.46
CA ASN A 220 -0.09 -35.25 -50.08
C ASN A 220 0.07 -35.38 -48.58
N LYS A 221 0.62 -34.36 -47.92
CA LYS A 221 0.83 -34.41 -46.47
C LYS A 221 -0.50 -34.45 -45.72
N VAL A 222 -1.41 -33.53 -46.05
CA VAL A 222 -2.71 -33.50 -45.39
C VAL A 222 -3.51 -34.75 -45.70
N LEU A 223 -3.36 -35.31 -46.91
CA LEU A 223 -4.01 -36.57 -47.22
C LEU A 223 -3.47 -37.71 -46.38
N LYS A 224 -2.15 -37.74 -46.17
CA LYS A 224 -1.57 -38.73 -45.26
C LYS A 224 -2.15 -38.60 -43.85
N GLN A 225 -2.30 -37.35 -43.38
CA GLN A 225 -2.86 -37.14 -42.04
C GLN A 225 -4.31 -37.62 -41.95
N VAL A 226 -5.13 -37.28 -42.95
CA VAL A 226 -6.52 -37.73 -42.96
C VAL A 226 -6.59 -39.25 -43.01
N THR A 227 -5.71 -39.88 -43.80
CA THR A 227 -5.63 -41.34 -43.83
C THR A 227 -5.35 -41.89 -42.44
N GLU A 228 -4.39 -41.28 -41.73
CA GLU A 228 -4.09 -41.70 -40.37
C GLU A 228 -5.34 -41.66 -39.49
N LYS A 229 -6.07 -40.55 -39.53
CA LYS A 229 -7.21 -40.40 -38.65
C LYS A 229 -8.34 -41.37 -38.99
N LEU A 230 -8.58 -41.63 -40.28
CA LEU A 230 -9.60 -42.61 -40.65
C LEU A 230 -9.20 -44.01 -40.21
N LYS A 231 -7.95 -44.40 -40.48
CA LYS A 231 -7.42 -45.67 -39.99
C LYS A 231 -7.68 -45.82 -38.50
N GLU A 232 -7.40 -44.78 -37.72
CA GLU A 232 -7.70 -44.84 -36.29
C GLU A 232 -9.19 -45.05 -36.04
N HIS A 233 -10.03 -44.25 -36.68
CA HIS A 233 -11.45 -44.38 -36.40
C HIS A 233 -12.08 -45.63 -37.01
N PHE A 234 -11.35 -46.58 -37.60
CA PHE A 234 -11.97 -47.83 -38.06
C PHE A 234 -11.14 -49.05 -37.64
N ASN A 235 -10.86 -49.16 -36.34
CA ASN A 235 -10.02 -50.21 -35.74
C ASN A 235 -8.84 -50.61 -36.62
N ASN A 236 -8.21 -49.61 -37.24
CA ASN A 236 -7.01 -49.78 -38.07
C ASN A 236 -7.30 -50.69 -39.27
N LYS A 237 -8.01 -50.12 -40.24
CA LYS A 237 -8.33 -50.79 -41.49
C LYS A 237 -7.64 -50.08 -42.65
N THR A 238 -7.66 -50.73 -43.81
CA THR A 238 -7.04 -50.19 -45.02
C THR A 238 -8.04 -49.26 -45.70
N ILE A 239 -7.73 -47.98 -45.73
CA ILE A 239 -8.61 -46.97 -46.31
C ILE A 239 -8.29 -46.82 -47.80
N ILE A 240 -9.33 -46.59 -48.61
CA ILE A 240 -9.16 -46.47 -50.05
C ILE A 240 -10.18 -45.45 -50.55
N PHE A 241 -9.76 -44.63 -51.51
CA PHE A 241 -10.58 -43.53 -52.02
C PHE A 241 -10.92 -43.74 -53.49
N GLN A 242 -11.90 -42.97 -53.95
CA GLN A 242 -12.48 -43.14 -55.28
C GLN A 242 -13.17 -41.85 -55.68
N PRO A 243 -13.14 -41.49 -56.97
CA PRO A 243 -13.99 -40.39 -57.46
C PRO A 243 -15.47 -40.68 -57.23
N PRO A 244 -16.33 -39.66 -57.30
CA PRO A 244 -17.75 -39.88 -57.03
C PRO A 244 -18.43 -40.70 -58.11
N SER A 245 -19.60 -41.24 -57.76
CA SER A 245 -20.30 -42.21 -58.59
C SER A 245 -21.27 -41.55 -59.55
N GLY A 246 -22.54 -41.99 -59.52
CA GLY A 246 -23.56 -41.48 -60.41
C GLY A 246 -24.15 -40.17 -59.92
N GLY A 247 -25.32 -39.86 -60.44
CA GLY A 247 -25.95 -38.58 -60.19
C GLY A 247 -25.39 -37.49 -61.08
N ASP A 248 -26.03 -36.32 -61.00
CA ASP A 248 -25.61 -35.19 -61.81
C ASP A 248 -24.20 -34.76 -61.44
N LEU A 249 -23.58 -33.96 -62.31
CA LEU A 249 -22.23 -33.45 -62.07
C LEU A 249 -22.16 -32.59 -60.81
N GLU A 250 -23.32 -32.36 -60.19
CA GLU A 250 -23.36 -31.67 -58.90
C GLU A 250 -22.51 -32.38 -57.86
N ILE A 251 -22.59 -33.71 -57.80
CA ILE A 251 -21.82 -34.48 -56.85
C ILE A 251 -20.63 -35.20 -57.49
N THR A 252 -20.67 -35.50 -58.78
CA THR A 252 -19.54 -36.15 -59.43
C THR A 252 -18.32 -35.22 -59.52
N MET A 253 -18.55 -33.98 -59.94
CA MET A 253 -17.53 -32.97 -59.94
C MET A 253 -17.65 -32.11 -58.68
N HIS A 254 -16.53 -31.49 -58.31
CA HIS A 254 -16.52 -30.54 -57.19
C HIS A 254 -17.04 -29.21 -57.69
N SER A 255 -18.21 -28.80 -57.23
CA SER A 255 -18.87 -27.61 -57.70
C SER A 255 -18.73 -26.48 -56.69
N PHE A 256 -18.50 -25.27 -57.18
CA PHE A 256 -18.45 -24.12 -56.28
C PHE A 256 -18.74 -22.84 -57.05
N ASN A 257 -18.94 -21.77 -56.28
CA ASN A 257 -19.25 -20.44 -56.78
C ASN A 257 -18.00 -19.57 -56.72
N CYS A 258 -17.93 -18.58 -57.63
CA CYS A 258 -16.79 -17.66 -57.67
C CYS A 258 -17.05 -16.49 -58.62
N ARG A 259 -17.00 -15.27 -58.09
CA ARG A 259 -17.17 -14.02 -58.83
C ARG A 259 -18.50 -13.95 -59.58
N GLY A 260 -19.44 -14.87 -59.31
CA GLY A 260 -20.68 -14.97 -60.02
C GLY A 260 -20.81 -16.22 -60.87
N GLU A 261 -19.70 -16.69 -61.42
CA GLU A 261 -19.71 -17.93 -62.19
C GLU A 261 -19.66 -19.14 -61.24
N PHE A 262 -19.82 -20.32 -61.84
CA PHE A 262 -19.74 -21.57 -61.10
C PHE A 262 -18.76 -22.50 -61.80
N PHE A 263 -17.85 -23.07 -61.04
CA PHE A 263 -16.84 -23.98 -61.56
C PHE A 263 -17.12 -25.39 -61.09
N TYR A 264 -17.13 -26.33 -62.04
CA TYR A 264 -17.20 -27.75 -61.75
C TYR A 264 -15.85 -28.36 -62.10
N CYS A 265 -15.18 -28.94 -61.11
CA CYS A 265 -13.83 -29.45 -61.23
C CYS A 265 -13.84 -30.97 -61.21
N ASN A 266 -12.97 -31.57 -62.03
CA ASN A 266 -12.75 -33.01 -62.00
C ASN A 266 -11.62 -33.28 -61.02
N THR A 267 -11.96 -33.88 -59.88
CA THR A 267 -10.95 -34.22 -58.86
C THR A 267 -10.40 -35.61 -59.08
N THR A 268 -9.99 -35.90 -60.33
CA THR A 268 -9.40 -37.19 -60.65
C THR A 268 -8.11 -37.41 -59.87
N GLN A 269 -7.19 -36.45 -59.95
CA GLN A 269 -5.86 -36.63 -59.40
C GLN A 269 -5.82 -36.48 -57.88
N LEU A 270 -6.75 -35.73 -57.30
CA LEU A 270 -6.68 -35.42 -55.87
C LEU A 270 -6.80 -36.66 -54.99
N PHE A 271 -7.18 -37.80 -55.54
CA PHE A 271 -7.21 -39.07 -54.82
C PHE A 271 -6.58 -40.17 -55.66
N ASN A 272 -5.56 -39.84 -56.43
CA ASN A 272 -4.73 -40.83 -57.11
C ASN A 272 -3.96 -41.60 -56.05
N ASN A 273 -4.42 -42.80 -55.72
CA ASN A 273 -3.85 -43.55 -54.60
C ASN A 273 -2.42 -43.99 -54.83
N THR A 274 -1.89 -43.87 -56.05
CA THR A 274 -0.45 -44.04 -56.24
C THR A 274 0.33 -42.93 -55.54
N CYS A 275 -0.32 -41.83 -55.19
CA CYS A 275 0.31 -40.80 -54.38
C CYS A 275 0.51 -41.28 -52.95
N ILE A 276 -0.33 -42.20 -52.49
CA ILE A 276 -0.22 -42.76 -51.14
C ILE A 276 -0.26 -44.29 -51.21
N GLY A 283 5.22 -38.76 -59.25
CA GLY A 283 4.92 -37.35 -59.15
C GLY A 283 4.18 -36.99 -57.88
N CYS A 284 2.93 -36.53 -58.03
CA CYS A 284 2.03 -36.25 -56.91
C CYS A 284 2.50 -35.11 -56.02
N ASN A 285 3.77 -35.12 -55.62
CA ASN A 285 4.26 -34.16 -54.63
C ASN A 285 4.53 -32.78 -55.22
N GLY A 286 4.62 -32.66 -56.55
CA GLY A 286 4.74 -31.35 -57.15
C GLY A 286 3.41 -30.60 -57.15
N THR A 287 3.48 -29.32 -57.51
CA THR A 287 2.27 -28.51 -57.61
C THR A 287 1.42 -29.00 -58.76
N ILE A 288 0.14 -29.23 -58.50
CA ILE A 288 -0.75 -29.91 -59.45
C ILE A 288 -1.91 -29.00 -59.82
N THR A 289 -2.32 -29.08 -61.09
CA THR A 289 -3.33 -28.22 -61.67
C THR A 289 -4.51 -29.06 -62.12
N LEU A 290 -5.68 -28.82 -61.51
CA LEU A 290 -6.91 -29.48 -61.91
C LEU A 290 -7.61 -28.70 -63.00
N PRO A 291 -7.81 -29.25 -64.19
CA PRO A 291 -8.67 -28.59 -65.17
C PRO A 291 -10.13 -28.61 -64.72
N CYS A 292 -10.81 -27.49 -64.89
CA CYS A 292 -12.19 -27.33 -64.46
C CYS A 292 -12.97 -26.61 -65.55
N LYS A 293 -14.30 -26.74 -65.50
CA LYS A 293 -15.16 -26.09 -66.47
C LYS A 293 -16.02 -25.03 -65.78
N ILE A 294 -16.04 -23.84 -66.36
CA ILE A 294 -16.89 -22.74 -65.88
C ILE A 294 -18.31 -23.03 -66.35
N LYS A 295 -19.00 -23.92 -65.67
CA LYS A 295 -20.35 -24.32 -66.07
C LYS A 295 -21.31 -23.19 -65.73
N GLN A 296 -21.72 -22.45 -66.77
CA GLN A 296 -22.64 -21.33 -66.59
C GLN A 296 -23.95 -21.79 -65.97
N ILE A 297 -24.52 -22.86 -66.51
CA ILE A 297 -25.87 -23.31 -66.17
C ILE A 297 -25.77 -24.52 -65.25
N ILE A 298 -26.45 -24.44 -64.11
CA ILE A 298 -26.23 -25.38 -63.01
C ILE A 298 -27.52 -26.10 -62.64
N ASN A 299 -27.49 -26.80 -61.50
CA ASN A 299 -28.69 -27.25 -60.82
C ASN A 299 -29.02 -26.26 -59.71
N MET A 300 -30.30 -25.91 -59.60
CA MET A 300 -30.71 -24.83 -58.70
C MET A 300 -30.42 -25.14 -57.24
N TRP A 301 -29.32 -24.59 -56.72
CA TRP A 301 -29.15 -24.51 -55.27
C TRP A 301 -29.85 -23.25 -54.78
N GLN A 302 -31.07 -23.07 -55.25
CA GLN A 302 -31.86 -21.87 -54.99
C GLN A 302 -33.31 -22.21 -54.64
N GLY A 303 -33.62 -23.47 -54.40
CA GLY A 303 -34.99 -23.91 -54.19
C GLY A 303 -35.35 -25.08 -55.09
N THR A 304 -36.14 -24.81 -56.13
CA THR A 304 -36.53 -25.82 -57.11
C THR A 304 -36.62 -25.16 -58.48
N GLY A 305 -36.07 -25.82 -59.50
CA GLY A 305 -36.09 -25.28 -60.84
C GLY A 305 -34.72 -25.21 -61.48
N GLN A 306 -34.30 -24.02 -61.87
CA GLN A 306 -33.00 -23.80 -62.49
C GLN A 306 -32.82 -22.29 -62.64
N ALA A 307 -31.79 -21.89 -63.40
CA ALA A 307 -31.50 -20.50 -63.72
C ALA A 307 -30.54 -20.50 -64.91
N MET A 308 -30.13 -19.29 -65.32
CA MET A 308 -29.23 -19.12 -66.46
C MET A 308 -28.29 -17.95 -66.20
N TYR A 309 -27.33 -17.77 -67.10
CA TYR A 309 -26.28 -16.76 -66.92
C TYR A 309 -25.90 -16.19 -68.28
N ALA A 310 -24.78 -15.46 -68.30
CA ALA A 310 -24.24 -14.83 -69.49
C ALA A 310 -22.76 -15.15 -69.64
N PRO A 311 -22.28 -15.35 -70.87
CA PRO A 311 -20.87 -15.72 -71.08
C PRO A 311 -19.93 -14.64 -70.60
N PRO A 312 -18.65 -14.99 -70.34
CA PRO A 312 -17.75 -14.03 -69.65
C PRO A 312 -16.99 -13.10 -70.58
N ILE A 313 -16.11 -12.30 -69.98
CA ILE A 313 -15.36 -11.26 -70.68
C ILE A 313 -13.91 -11.71 -70.85
N ASP A 314 -13.20 -11.02 -71.74
CA ASP A 314 -11.79 -11.32 -72.00
C ASP A 314 -10.93 -10.71 -70.89
N GLY A 315 -11.09 -11.24 -69.69
CA GLY A 315 -10.32 -10.80 -68.54
C GLY A 315 -10.13 -11.94 -67.56
N LYS A 316 -9.16 -11.76 -66.67
CA LYS A 316 -8.83 -12.79 -65.70
C LYS A 316 -9.95 -12.92 -64.68
N ILE A 317 -10.45 -14.15 -64.50
CA ILE A 317 -11.46 -14.46 -63.50
C ILE A 317 -10.82 -15.44 -62.53
N ASN A 318 -10.61 -15.01 -61.28
CA ASN A 318 -9.75 -15.76 -60.38
C ASN A 318 -10.24 -15.68 -58.95
N CYS A 319 -10.29 -16.84 -58.29
CA CYS A 319 -10.58 -16.95 -56.86
C CYS A 319 -9.47 -17.74 -56.20
N VAL A 320 -8.84 -17.15 -55.19
CA VAL A 320 -7.93 -17.86 -54.29
C VAL A 320 -8.65 -18.06 -52.97
N SER A 321 -8.66 -19.29 -52.48
CA SER A 321 -9.44 -19.64 -51.29
C SER A 321 -8.63 -20.56 -50.39
N ASN A 322 -9.19 -20.88 -49.24
CA ASN A 322 -8.58 -21.78 -48.26
C ASN A 322 -9.44 -23.03 -48.14
N ILE A 323 -8.98 -24.13 -48.73
CA ILE A 323 -9.55 -25.43 -48.41
C ILE A 323 -9.26 -25.73 -46.95
N THR A 324 -10.33 -25.87 -46.15
CA THR A 324 -10.22 -26.09 -44.70
C THR A 324 -11.16 -27.18 -44.21
N GLY A 325 -11.86 -27.88 -45.09
CA GLY A 325 -12.76 -28.94 -44.69
C GLY A 325 -13.13 -29.76 -45.88
N ILE A 326 -13.50 -31.02 -45.64
CA ILE A 326 -13.78 -31.96 -46.71
C ILE A 326 -15.11 -32.67 -46.45
N LEU A 327 -15.87 -32.88 -47.52
CA LEU A 327 -17.11 -33.64 -47.52
C LEU A 327 -16.88 -34.94 -48.27
N LEU A 328 -17.03 -36.07 -47.57
CA LEU A 328 -16.86 -37.39 -48.16
C LEU A 328 -18.13 -38.21 -47.99
N THR A 329 -18.14 -39.41 -48.56
CA THR A 329 -19.19 -40.38 -48.33
C THR A 329 -18.58 -41.78 -48.25
N ARG A 330 -19.44 -42.78 -48.12
CA ARG A 330 -19.00 -44.16 -47.93
C ARG A 330 -19.76 -45.09 -48.86
N ASP A 331 -19.12 -46.20 -49.21
CA ASP A 331 -19.74 -47.22 -50.05
C ASP A 331 -20.41 -48.27 -49.17
N GLY A 332 -19.77 -49.41 -48.95
CA GLY A 332 -20.31 -50.44 -48.08
C GLY A 332 -21.16 -51.45 -48.82
N GLY A 333 -21.98 -52.15 -48.04
CA GLY A 333 -22.84 -53.19 -48.59
C GLY A 333 -22.16 -54.55 -48.62
N ALA A 334 -21.02 -54.63 -49.31
CA ALA A 334 -20.22 -55.85 -49.37
C ALA A 334 -19.05 -55.67 -48.41
N ASN A 335 -19.27 -56.06 -47.15
CA ASN A 335 -18.24 -55.87 -46.12
C ASN A 335 -18.60 -56.76 -44.92
N ASN A 336 -17.84 -57.83 -44.66
CA ASN A 336 -16.69 -58.38 -45.40
C ASN A 336 -15.52 -57.39 -45.60
N THR A 337 -14.53 -57.81 -46.40
CA THR A 337 -13.44 -56.96 -46.88
C THR A 337 -12.53 -56.47 -45.76
N SER A 338 -11.29 -56.12 -46.10
CA SER A 338 -10.37 -55.44 -45.21
C SER A 338 -10.11 -54.03 -45.70
N ASN A 339 -11.13 -53.38 -46.25
CA ASN A 339 -10.99 -52.09 -46.88
C ASN A 339 -12.16 -51.20 -46.54
N GLU A 340 -11.92 -49.89 -46.60
CA GLU A 340 -12.93 -48.86 -46.34
C GLU A 340 -12.97 -47.92 -47.53
N THR A 341 -14.03 -47.98 -48.32
CA THR A 341 -14.16 -47.17 -49.52
C THR A 341 -14.70 -45.79 -49.18
N PHE A 342 -14.15 -44.76 -49.85
CA PHE A 342 -14.62 -43.39 -49.65
C PHE A 342 -14.56 -42.63 -50.97
N ARG A 343 -15.70 -42.08 -51.36
CA ARG A 343 -15.92 -41.13 -52.45
C ARG A 343 -16.46 -39.82 -51.89
N PRO A 344 -16.06 -38.68 -52.43
CA PRO A 344 -16.69 -37.41 -52.02
C PRO A 344 -18.06 -37.27 -52.65
N GLY A 345 -19.01 -36.83 -51.83
CA GLY A 345 -20.38 -36.66 -52.29
C GLY A 345 -21.14 -35.60 -51.55
N GLY A 346 -21.59 -35.91 -50.34
CA GLY A 346 -22.33 -34.96 -49.53
C GLY A 346 -23.59 -34.46 -50.19
N GLY A 347 -23.43 -33.60 -51.19
CA GLY A 347 -24.55 -33.09 -51.96
C GLY A 347 -25.30 -31.97 -51.25
N ASN A 348 -25.87 -32.28 -50.09
CA ASN A 348 -26.68 -31.31 -49.37
C ASN A 348 -25.81 -30.15 -48.91
N ILE A 349 -26.24 -28.92 -49.22
CA ILE A 349 -25.49 -27.73 -48.82
C ILE A 349 -25.65 -27.42 -47.34
N LYS A 350 -26.75 -27.86 -46.73
CA LYS A 350 -26.95 -27.65 -45.29
C LYS A 350 -25.75 -28.14 -44.49
N ASP A 351 -25.17 -29.27 -44.91
CA ASP A 351 -24.00 -29.81 -44.23
C ASP A 351 -22.94 -28.75 -43.97
N ASN A 352 -22.71 -27.87 -44.96
CA ASN A 352 -21.74 -26.79 -44.80
C ASN A 352 -22.01 -25.99 -43.54
N TRP A 353 -23.23 -25.45 -43.41
CA TRP A 353 -23.55 -24.72 -42.19
C TRP A 353 -23.46 -25.64 -40.98
N ARG A 354 -23.87 -26.90 -41.12
CA ARG A 354 -23.63 -27.89 -40.08
C ARG A 354 -22.17 -27.84 -39.62
N SER A 355 -21.25 -27.96 -40.58
CA SER A 355 -19.84 -27.98 -40.26
C SER A 355 -19.36 -26.74 -39.53
N GLU A 356 -20.11 -25.63 -39.62
CA GLU A 356 -19.63 -24.37 -39.07
C GLU A 356 -20.54 -23.81 -37.98
N LEU A 357 -21.56 -24.56 -37.56
CA LEU A 357 -22.45 -24.14 -36.48
C LEU A 357 -22.55 -25.24 -35.42
N TYR A 358 -21.52 -26.07 -35.31
CA TYR A 358 -21.57 -27.19 -34.37
C TYR A 358 -21.54 -26.73 -32.93
N LYS A 359 -20.76 -25.67 -32.64
CA LYS A 359 -20.46 -25.29 -31.27
C LYS A 359 -21.55 -24.47 -30.60
N TYR A 360 -22.54 -23.98 -31.36
CA TYR A 360 -23.56 -23.11 -30.83
C TYR A 360 -24.89 -23.84 -30.67
N LYS A 361 -25.65 -23.40 -29.66
CA LYS A 361 -26.98 -23.96 -29.39
C LYS A 361 -27.83 -22.91 -28.70
N VAL A 362 -29.03 -22.66 -29.20
CA VAL A 362 -29.89 -21.64 -28.61
C VAL A 362 -30.45 -22.15 -27.29
N VAL A 363 -30.57 -21.25 -26.30
CA VAL A 363 -31.26 -21.54 -25.05
C VAL A 363 -32.09 -20.33 -24.65
N GLN A 364 -33.13 -20.61 -23.85
CA GLN A 364 -34.03 -19.59 -23.35
C GLN A 364 -33.61 -19.21 -21.93
N ILE A 365 -33.57 -17.91 -21.65
CA ILE A 365 -33.18 -17.41 -20.34
C ILE A 365 -34.41 -17.31 -19.45
N GLU A 366 -34.30 -17.82 -18.23
CA GLU A 366 -35.25 -17.53 -17.16
C GLU A 366 -34.61 -17.95 -15.84
N PRO A 367 -34.65 -17.11 -14.81
CA PRO A 367 -34.18 -17.54 -13.49
C PRO A 367 -34.97 -18.73 -12.96
N LEU A 368 -34.52 -19.25 -11.82
CA LEU A 368 -35.13 -20.42 -11.21
C LEU A 368 -35.13 -21.60 -12.16
N GLY A 369 -34.01 -22.32 -12.26
CA GLY A 369 -33.85 -23.30 -13.32
C GLY A 369 -34.06 -24.76 -12.97
N ILE A 370 -33.84 -25.14 -11.70
CA ILE A 370 -33.99 -26.52 -11.22
C ILE A 370 -32.90 -27.41 -11.80
N ALA A 371 -32.33 -28.28 -10.98
CA ALA A 371 -31.32 -29.22 -11.44
C ALA A 371 -31.89 -30.63 -11.57
CA GLU B 1 -38.06 -12.61 17.39
C GLU B 1 -37.60 -13.09 16.02
N VAL B 2 -37.27 -12.15 15.14
CA VAL B 2 -36.60 -12.45 13.88
C VAL B 2 -35.11 -12.55 14.14
N GLN B 3 -34.50 -13.65 13.67
CA GLN B 3 -33.10 -13.89 14.02
C GLN B 3 -32.46 -14.87 13.05
N LEU B 4 -31.12 -14.82 13.04
CA LEU B 4 -30.26 -15.80 12.37
C LEU B 4 -29.16 -16.19 13.35
N VAL B 5 -28.88 -17.50 13.44
CA VAL B 5 -27.91 -18.03 14.38
C VAL B 5 -26.79 -18.72 13.62
N GLU B 6 -25.55 -18.37 13.92
CA GLU B 6 -24.43 -18.94 13.19
C GLU B 6 -23.80 -20.09 13.95
N SER B 7 -23.21 -21.03 13.20
CA SER B 7 -22.48 -22.14 13.79
C SER B 7 -21.25 -22.46 12.95
N GLY B 8 -20.14 -22.76 13.64
CA GLY B 8 -18.89 -23.13 13.00
C GLY B 8 -17.76 -22.16 13.31
N GLY B 9 -16.53 -22.55 13.03
CA GLY B 9 -15.42 -21.63 13.18
C GLY B 9 -14.45 -22.02 14.29
N GLY B 10 -13.16 -21.87 14.01
CA GLY B 10 -12.15 -22.21 14.98
C GLY B 10 -10.84 -22.52 14.29
N LEU B 11 -9.88 -22.97 15.09
CA LEU B 11 -8.56 -23.33 14.58
C LEU B 11 -8.67 -24.37 13.47
N VAL B 12 -8.13 -24.03 12.31
CA VAL B 12 -8.09 -24.92 11.16
C VAL B 12 -6.82 -24.63 10.37
N LYS B 13 -5.91 -25.60 10.34
CA LYS B 13 -4.61 -25.38 9.74
C LYS B 13 -4.74 -25.14 8.24
N PRO B 14 -3.83 -24.36 7.65
CA PRO B 14 -3.95 -24.01 6.23
C PRO B 14 -3.99 -25.24 5.34
N GLY B 15 -4.58 -25.06 4.16
CA GLY B 15 -4.91 -26.17 3.29
C GLY B 15 -6.14 -26.95 3.70
N GLY B 16 -6.72 -26.65 4.86
CA GLY B 16 -7.87 -27.38 5.36
C GLY B 16 -9.18 -26.83 4.84
N SER B 17 -10.26 -27.36 5.42
CA SER B 17 -11.61 -26.99 5.03
C SER B 17 -12.44 -26.68 6.29
N LEU B 18 -13.59 -26.09 6.07
CA LEU B 18 -14.46 -25.63 7.15
C LEU B 18 -15.86 -25.44 6.59
N ARG B 19 -16.84 -25.48 7.49
CA ARG B 19 -18.23 -25.24 7.09
C ARG B 19 -18.88 -24.32 8.12
N LEU B 20 -19.49 -23.25 7.64
CA LEU B 20 -20.30 -22.38 8.47
C LEU B 20 -21.76 -22.60 8.14
N SER B 21 -22.64 -22.27 9.08
CA SER B 21 -24.07 -22.38 8.83
C SER B 21 -24.81 -21.24 9.50
N CYS B 22 -25.90 -20.82 8.87
CA CYS B 22 -26.79 -19.77 9.37
C CYS B 22 -28.19 -20.35 9.45
N ALA B 23 -28.72 -20.42 10.68
CA ALA B 23 -30.04 -20.94 10.97
C ALA B 23 -31.02 -19.76 11.01
N ALA B 24 -31.96 -19.76 10.06
CA ALA B 24 -32.94 -18.71 9.91
C ALA B 24 -34.20 -19.06 10.69
N SER B 25 -34.76 -18.06 11.39
CA SER B 25 -35.89 -18.38 12.29
C SER B 25 -36.67 -17.09 12.60
N GLY B 26 -37.64 -16.78 11.75
CA GLY B 26 -38.62 -15.77 12.08
C GLY B 26 -39.12 -14.95 10.90
N PHE B 27 -38.73 -15.30 9.69
CA PHE B 27 -39.13 -14.57 8.50
C PHE B 27 -39.34 -15.55 7.36
N THR B 28 -39.97 -15.05 6.29
CA THR B 28 -40.17 -15.85 5.09
C THR B 28 -38.84 -16.02 4.37
N PHE B 29 -38.14 -17.12 4.66
CA PHE B 29 -36.78 -17.31 4.18
C PHE B 29 -36.73 -17.41 2.66
N SER B 30 -37.61 -18.20 2.07
CA SER B 30 -37.64 -18.38 0.63
C SER B 30 -38.17 -17.12 -0.06
N SER B 31 -37.79 -15.96 0.48
CA SER B 31 -38.27 -14.69 -0.08
C SER B 31 -37.25 -13.57 0.14
N TYR B 32 -36.00 -13.90 0.46
CA TYR B 32 -34.94 -12.91 0.59
C TYR B 32 -33.61 -13.54 0.20
N SER B 33 -32.76 -12.74 -0.44
CA SER B 33 -31.38 -13.13 -0.68
C SER B 33 -30.64 -13.26 0.64
N MET B 34 -29.63 -14.12 0.66
CA MET B 34 -28.78 -14.33 1.83
C MET B 34 -27.34 -14.00 1.48
N ASN B 35 -26.66 -13.25 2.36
CA ASN B 35 -25.34 -12.75 2.06
C ASN B 35 -24.38 -13.02 3.20
N TRP B 36 -23.16 -13.44 2.85
CA TRP B 36 -22.07 -13.69 3.78
C TRP B 36 -21.07 -12.54 3.68
N VAL B 37 -20.71 -11.97 4.84
CA VAL B 37 -19.88 -10.78 4.94
C VAL B 37 -18.93 -10.97 6.12
N ARG B 38 -17.63 -10.83 5.87
CA ARG B 38 -16.64 -11.08 6.91
C ARG B 38 -16.09 -9.77 7.46
N GLN B 39 -15.09 -9.89 8.36
CA GLN B 39 -14.42 -8.74 8.94
C GLN B 39 -13.13 -9.19 9.61
N ALA B 40 -11.99 -8.81 9.04
CA ALA B 40 -10.70 -9.17 9.60
C ALA B 40 -10.51 -8.51 10.96
N PRO B 41 -9.58 -9.01 11.78
CA PRO B 41 -9.26 -8.30 13.03
C PRO B 41 -8.41 -7.09 12.74
N GLY B 42 -8.90 -5.92 13.14
CA GLY B 42 -8.26 -4.64 12.87
C GLY B 42 -8.75 -3.96 11.61
N ARG B 43 -8.95 -4.73 10.54
CA ARG B 43 -9.43 -4.19 9.27
C ARG B 43 -10.94 -3.95 9.36
N GLY B 44 -11.56 -3.64 8.23
CA GLY B 44 -12.96 -3.30 8.16
C GLY B 44 -13.81 -4.37 7.49
N LEU B 45 -15.08 -4.02 7.28
CA LEU B 45 -16.03 -4.94 6.69
C LEU B 45 -15.64 -5.29 5.25
N GLU B 46 -15.95 -6.53 4.87
CA GLU B 46 -15.65 -7.01 3.52
C GLU B 46 -16.74 -7.99 3.10
N TRP B 47 -17.44 -7.66 2.02
CA TRP B 47 -18.43 -8.57 1.46
C TRP B 47 -17.74 -9.82 0.93
N VAL B 48 -18.38 -10.97 1.15
CA VAL B 48 -17.80 -12.27 0.82
C VAL B 48 -18.59 -12.97 -0.28
N SER B 49 -19.91 -13.05 -0.14
CA SER B 49 -20.72 -13.74 -1.14
C SER B 49 -22.18 -13.39 -0.97
N SER B 50 -22.97 -13.68 -2.02
CA SER B 50 -24.40 -13.39 -2.05
C SER B 50 -25.11 -14.48 -2.84
N ILE B 51 -26.31 -14.86 -2.40
CA ILE B 51 -27.09 -15.89 -3.06
C ILE B 51 -28.57 -15.49 -2.99
N SER B 52 -29.32 -15.83 -4.04
CA SER B 52 -30.67 -15.29 -4.20
C SER B 52 -31.72 -16.16 -3.49
N ASN B 53 -32.98 -15.70 -3.56
CA ASN B 53 -34.08 -16.38 -2.88
C ASN B 53 -34.39 -17.75 -3.48
N THR B 54 -34.00 -18.00 -4.73
CA THR B 54 -34.19 -19.30 -5.36
C THR B 54 -32.88 -20.04 -5.54
N SER B 55 -31.83 -19.63 -4.81
CA SER B 55 -30.52 -20.26 -4.82
C SER B 55 -29.86 -20.15 -6.21
N THR B 56 -30.09 -19.02 -6.88
CA THR B 56 -29.49 -18.79 -8.19
C THR B 56 -28.69 -17.49 -8.19
N TYR B 57 -27.82 -17.37 -9.19
CA TYR B 57 -27.00 -16.21 -9.44
C TYR B 57 -26.10 -15.95 -8.25
N ILE B 58 -25.04 -16.73 -8.05
CA ILE B 58 -24.16 -16.52 -6.91
C ILE B 58 -22.99 -15.64 -7.32
N TYR B 59 -22.81 -14.53 -6.62
CA TYR B 59 -21.69 -13.63 -6.84
C TYR B 59 -20.65 -13.87 -5.75
N TYR B 60 -19.46 -14.29 -6.15
CA TYR B 60 -18.34 -14.41 -5.22
C TYR B 60 -17.41 -13.21 -5.39
N ALA B 61 -16.63 -12.95 -4.34
CA ALA B 61 -15.64 -11.88 -4.41
C ALA B 61 -14.45 -12.29 -5.25
N ASP B 62 -13.32 -11.62 -5.08
CA ASP B 62 -12.11 -11.99 -5.79
C ASP B 62 -11.28 -13.01 -5.01
N SER B 63 -11.05 -12.74 -3.72
CA SER B 63 -10.27 -13.59 -2.85
C SER B 63 -11.04 -14.81 -2.36
N VAL B 64 -12.12 -15.18 -3.05
CA VAL B 64 -13.06 -16.17 -2.54
C VAL B 64 -13.49 -17.10 -3.68
N GLU B 65 -13.46 -16.59 -4.91
CA GLU B 65 -13.86 -17.39 -6.06
C GLU B 65 -13.04 -18.67 -6.18
N GLY B 66 -13.71 -19.74 -6.58
CA GLY B 66 -13.06 -21.02 -6.80
C GLY B 66 -12.85 -21.82 -5.53
N ARG B 67 -12.70 -21.12 -4.41
CA ARG B 67 -12.49 -21.78 -3.11
C ARG B 67 -13.83 -22.01 -2.43
N PHE B 68 -14.47 -20.94 -1.98
CA PHE B 68 -15.69 -21.04 -1.20
C PHE B 68 -16.86 -21.49 -2.08
N THR B 69 -17.88 -22.03 -1.44
CA THR B 69 -19.06 -22.55 -2.12
C THR B 69 -20.29 -22.24 -1.28
N LEU B 70 -21.29 -21.61 -1.90
CA LEU B 70 -22.51 -21.23 -1.22
C LEU B 70 -23.65 -22.14 -1.67
N SER B 71 -24.20 -22.90 -0.75
CA SER B 71 -25.31 -23.80 -0.99
C SER B 71 -26.56 -23.27 -0.27
N ARG B 72 -27.66 -24.02 -0.40
CA ARG B 72 -28.93 -23.63 0.20
C ARG B 72 -30.03 -24.68 0.05
N ASP B 73 -30.92 -24.75 1.03
CA ASP B 73 -32.16 -25.52 0.90
C ASP B 73 -33.26 -24.76 1.64
N ASN B 74 -34.18 -24.17 0.88
CA ASN B 74 -35.21 -23.30 1.45
C ASN B 74 -36.27 -24.09 2.20
N ALA B 75 -35.92 -25.28 2.68
CA ALA B 75 -36.81 -26.11 3.48
C ALA B 75 -36.29 -26.31 4.90
N LYS B 76 -35.00 -26.65 5.04
CA LYS B 76 -34.34 -26.68 6.34
C LYS B 76 -34.14 -25.28 6.90
N ASN B 77 -34.30 -24.25 6.07
CA ASN B 77 -34.19 -22.85 6.49
C ASN B 77 -32.80 -22.55 7.05
N SER B 78 -31.77 -23.03 6.37
CA SER B 78 -30.39 -22.82 6.75
C SER B 78 -29.61 -22.34 5.52
N LEU B 79 -28.36 -21.93 5.73
CA LEU B 79 -27.57 -21.28 4.70
C LEU B 79 -26.40 -22.13 4.21
N TYR B 80 -25.46 -22.49 5.09
CA TYR B 80 -24.30 -23.31 4.74
C TYR B 80 -23.31 -22.59 3.83
N LEU B 81 -22.05 -22.51 4.24
CA LEU B 81 -20.99 -21.91 3.44
C LEU B 81 -19.72 -22.72 3.64
N GLN B 82 -19.17 -23.27 2.54
CA GLN B 82 -18.10 -24.26 2.59
C GLN B 82 -16.77 -23.56 2.25
N MET B 83 -15.95 -23.35 3.27
CA MET B 83 -14.69 -22.61 3.13
C MET B 83 -13.55 -23.58 2.92
N ASN B 84 -12.95 -23.57 1.72
CA ASN B 84 -11.83 -24.45 1.39
C ASN B 84 -11.28 -24.14 0.00
N SER B 85 -9.96 -24.11 -0.15
CA SER B 85 -9.01 -24.33 0.94
C SER B 85 -8.59 -22.99 1.56
N LEU B 86 -8.22 -23.02 2.83
CA LEU B 86 -8.10 -21.81 3.63
C LEU B 86 -6.68 -21.27 3.61
N ARG B 87 -6.56 -19.95 3.54
CA ARG B 87 -5.32 -19.22 3.73
C ARG B 87 -5.34 -18.54 5.10
N ALA B 88 -4.18 -18.04 5.51
CA ALA B 88 -4.06 -17.45 6.84
C ALA B 88 -4.72 -16.08 6.94
N GLU B 89 -5.08 -15.46 5.82
CA GLU B 89 -5.72 -14.15 5.83
C GLU B 89 -7.24 -14.23 5.87
N ASP B 90 -7.82 -15.41 5.70
CA ASP B 90 -9.26 -15.56 5.87
C ASP B 90 -9.68 -15.51 7.34
N THR B 91 -8.72 -15.52 8.27
CA THR B 91 -8.97 -15.23 9.67
C THR B 91 -9.88 -14.01 9.81
N ALA B 92 -11.13 -14.23 10.18
CA ALA B 92 -12.09 -13.12 10.20
C ALA B 92 -13.21 -13.45 11.17
N VAL B 93 -14.21 -12.56 11.20
CA VAL B 93 -15.41 -12.73 12.00
C VAL B 93 -16.58 -12.68 11.02
N TYR B 94 -17.08 -13.85 10.63
CA TYR B 94 -18.06 -13.95 9.56
C TYR B 94 -19.47 -13.64 10.06
N TYR B 95 -20.29 -13.17 9.13
CA TYR B 95 -21.64 -12.67 9.37
C TYR B 95 -22.55 -13.11 8.24
N CYS B 96 -23.77 -13.50 8.59
CA CYS B 96 -24.82 -13.74 7.59
C CYS B 96 -25.92 -12.71 7.76
N ALA B 97 -26.50 -12.27 6.65
CA ALA B 97 -27.55 -11.25 6.70
C ALA B 97 -28.44 -11.39 5.48
N ARG B 98 -29.75 -11.24 5.68
CA ARG B 98 -30.67 -11.28 4.57
C ARG B 98 -30.63 -9.97 3.80
N ALA B 99 -31.26 -9.97 2.63
CA ALA B 99 -31.18 -8.83 1.73
C ALA B 99 -32.25 -8.88 0.65
N ASN B 100 -32.91 -7.75 0.42
CA ASN B 100 -33.92 -7.66 -0.63
C ASN B 100 -33.25 -7.78 -2.00
N GLN B 101 -34.07 -7.96 -3.03
CA GLN B 101 -33.58 -8.17 -4.38
C GLN B 101 -34.29 -7.25 -5.36
N HIS B 102 -33.76 -7.27 -6.59
CA HIS B 102 -34.39 -6.67 -7.75
C HIS B 102 -33.68 -7.16 -9.00
N PHE B 103 -34.12 -8.31 -9.48
CA PHE B 103 -33.51 -8.96 -10.62
C PHE B 103 -33.51 -8.05 -11.83
N ASP B 104 -32.46 -8.18 -12.65
CA ASP B 104 -32.31 -7.28 -13.82
C ASP B 104 -31.93 -8.09 -15.06
N TRP B 105 -32.22 -7.51 -16.23
CA TRP B 105 -31.93 -8.08 -17.53
C TRP B 105 -30.73 -7.45 -18.22
N LEU B 106 -30.17 -6.36 -17.67
CA LEU B 106 -29.16 -5.55 -18.35
C LEU B 106 -27.72 -5.97 -18.04
N LEU B 107 -27.53 -7.08 -17.34
CA LEU B 107 -26.18 -7.51 -16.98
C LEU B 107 -25.81 -8.73 -17.80
N SER B 108 -25.94 -8.58 -19.13
CA SER B 108 -25.50 -9.49 -20.18
C SER B 108 -26.55 -10.55 -20.45
N LEU B 109 -26.54 -11.58 -19.61
CA LEU B 109 -27.67 -12.43 -19.34
C LEU B 109 -28.03 -12.26 -17.87
N LEU B 110 -29.32 -11.97 -17.60
CA LEU B 110 -29.87 -11.85 -16.23
C LEU B 110 -28.98 -11.05 -15.30
N GLY B 111 -29.17 -11.23 -14.01
CA GLY B 111 -28.36 -10.59 -13.02
C GLY B 111 -29.19 -9.71 -12.11
N GLY B 112 -29.31 -10.10 -10.84
CA GLY B 112 -29.99 -9.28 -9.86
C GLY B 112 -29.01 -8.58 -8.94
N TYR B 113 -29.53 -7.60 -8.21
CA TYR B 113 -28.71 -6.85 -7.26
C TYR B 113 -28.77 -7.50 -5.88
N HIS B 114 -28.25 -8.72 -5.87
CA HIS B 114 -28.20 -9.61 -4.73
C HIS B 114 -27.73 -8.93 -3.46
N TYR B 115 -28.62 -8.20 -2.81
CA TYR B 115 -28.14 -7.46 -1.66
C TYR B 115 -28.36 -5.98 -1.88
N TYR B 116 -29.29 -5.42 -1.11
CA TYR B 116 -29.51 -3.99 -1.04
C TYR B 116 -30.25 -3.62 0.24
N GLY B 117 -30.43 -4.58 1.13
CA GLY B 117 -30.99 -4.29 2.43
C GLY B 117 -30.66 -5.35 3.46
N MET B 118 -29.70 -5.06 4.33
CA MET B 118 -29.15 -6.03 5.27
C MET B 118 -29.52 -5.63 6.69
N ASP B 119 -30.83 -5.69 7.00
CA ASP B 119 -31.29 -5.21 8.30
C ASP B 119 -30.98 -6.18 9.43
N VAL B 120 -31.16 -7.48 9.19
CA VAL B 120 -31.04 -8.49 10.24
C VAL B 120 -29.73 -9.25 10.02
N TRP B 121 -28.79 -9.06 10.94
CA TRP B 121 -27.46 -9.61 10.83
C TRP B 121 -27.31 -10.79 11.78
N GLY B 122 -26.41 -11.70 11.43
CA GLY B 122 -26.09 -12.81 12.31
C GLY B 122 -25.45 -12.35 13.60
N GLN B 123 -25.13 -13.30 14.46
CA GLN B 123 -24.44 -12.98 15.70
C GLN B 123 -22.94 -12.82 15.51
N GLY B 124 -22.40 -13.26 14.39
CA GLY B 124 -20.97 -13.25 14.17
C GLY B 124 -20.31 -14.50 14.69
N THR B 125 -19.47 -15.14 13.88
CA THR B 125 -18.70 -16.29 14.35
C THR B 125 -17.28 -16.18 13.84
N THR B 126 -16.32 -16.47 14.72
CA THR B 126 -14.92 -16.27 14.42
C THR B 126 -14.31 -17.47 13.72
N VAL B 127 -13.33 -17.20 12.86
CA VAL B 127 -12.61 -18.25 12.14
C VAL B 127 -11.13 -17.86 12.11
N THR B 128 -10.28 -18.67 12.72
CA THR B 128 -8.84 -18.44 12.80
C THR B 128 -8.08 -19.51 12.03
N VAL B 129 -6.93 -19.12 11.47
CA VAL B 129 -6.08 -20.00 10.68
C VAL B 129 -4.63 -19.64 11.00
N SER B 130 -3.89 -20.57 11.61
CA SER B 130 -2.46 -20.37 11.87
C SER B 130 -1.72 -21.70 11.94
N SER B 131 -0.90 -21.88 12.97
CA SER B 131 -0.15 -23.12 13.14
C SER B 131 0.25 -23.26 14.61
N ALA B 132 0.17 -24.49 15.12
CA ALA B 132 0.68 -24.86 16.43
C ALA B 132 0.00 -24.13 17.58
N SER B 133 0.45 -24.38 18.81
CA SER B 133 -0.08 -23.77 20.01
C SER B 133 0.99 -23.80 21.08
N THR B 134 1.19 -22.66 21.75
CA THR B 134 2.28 -22.53 22.72
C THR B 134 1.71 -21.83 23.95
N LYS B 135 2.54 -21.73 25.01
CA LYS B 135 2.20 -21.06 26.26
C LYS B 135 2.02 -19.56 26.06
N GLY B 136 2.56 -18.76 26.98
CA GLY B 136 2.51 -17.32 26.90
C GLY B 136 3.46 -16.67 27.87
N PRO B 137 4.74 -16.60 27.51
CA PRO B 137 5.76 -16.08 28.43
C PRO B 137 5.63 -14.57 28.60
N SER B 138 5.29 -14.16 29.83
CA SER B 138 5.28 -12.74 30.20
C SER B 138 6.68 -12.38 30.65
N VAL B 139 7.50 -11.92 29.70
CA VAL B 139 8.92 -11.73 29.97
C VAL B 139 9.20 -10.32 30.50
N PHE B 140 8.91 -10.11 31.79
CA PHE B 140 9.40 -8.99 32.61
C PHE B 140 8.86 -7.62 32.17
N PRO B 141 8.93 -6.61 33.05
CA PRO B 141 8.26 -5.34 32.78
C PRO B 141 9.17 -4.11 32.68
N LEU B 142 9.85 -3.78 33.79
CA LEU B 142 10.76 -2.64 33.95
C LEU B 142 10.02 -1.33 34.19
N ALA B 143 10.66 -0.43 34.94
CA ALA B 143 10.14 0.91 35.19
C ALA B 143 11.30 1.87 35.38
N PRO B 144 11.98 2.26 34.30
CA PRO B 144 13.16 3.11 34.45
C PRO B 144 12.80 4.50 34.94
N SER B 145 13.62 5.03 35.84
CA SER B 145 13.42 6.37 36.39
C SER B 145 14.74 6.96 36.87
N GLY B 152 8.05 12.59 36.61
CA GLY B 152 7.20 13.30 37.54
C GLY B 152 6.20 12.40 38.25
N THR B 153 5.51 11.58 37.46
CA THR B 153 4.55 10.61 37.99
C THR B 153 4.53 9.45 36.99
N ALA B 154 5.32 8.42 37.27
CA ALA B 154 5.76 7.46 36.25
C ALA B 154 4.67 6.44 35.93
N ALA B 155 5.05 5.43 35.15
CA ALA B 155 4.16 4.35 34.74
C ALA B 155 5.00 3.11 34.44
N LEU B 156 4.34 1.95 34.48
CA LEU B 156 5.01 0.66 34.26
C LEU B 156 3.97 -0.32 33.72
N GLY B 157 4.37 -1.58 33.58
CA GLY B 157 3.43 -2.58 33.14
C GLY B 157 4.12 -3.82 32.60
N CYS B 158 3.34 -4.91 32.55
CA CYS B 158 3.80 -6.22 32.12
C CYS B 158 3.68 -6.39 30.61
N LEU B 159 4.50 -7.29 30.07
CA LEU B 159 4.57 -7.61 28.65
C LEU B 159 4.35 -9.10 28.47
N VAL B 160 3.40 -9.49 27.61
CA VAL B 160 3.03 -10.88 27.44
C VAL B 160 3.16 -11.17 25.95
N LYS B 161 4.22 -11.86 25.55
CA LYS B 161 4.48 -12.12 24.14
C LYS B 161 4.54 -13.61 23.87
N ASP B 162 4.46 -13.95 22.59
CA ASP B 162 4.69 -15.31 22.10
C ASP B 162 3.69 -16.31 22.68
N TYR B 163 2.41 -16.02 22.49
CA TYR B 163 1.35 -16.91 22.95
C TYR B 163 0.44 -17.30 21.80
N PHE B 164 -0.36 -18.34 22.03
CA PHE B 164 -1.33 -18.83 21.07
C PHE B 164 -2.28 -19.81 21.75
N PRO B 165 -3.60 -19.74 21.48
CA PRO B 165 -4.24 -18.71 20.67
C PRO B 165 -4.92 -17.64 21.51
N GLU B 166 -5.73 -16.82 20.86
CA GLU B 166 -6.55 -15.86 21.58
C GLU B 166 -7.53 -16.62 22.48
N PRO B 167 -7.87 -16.07 23.66
CA PRO B 167 -7.32 -14.84 24.21
C PRO B 167 -6.56 -15.02 25.52
N VAL B 168 -5.92 -13.94 25.98
CA VAL B 168 -5.24 -13.90 27.27
C VAL B 168 -5.81 -12.73 28.06
N THR B 169 -5.87 -12.88 29.38
CA THR B 169 -6.38 -11.84 30.27
C THR B 169 -5.37 -11.58 31.39
N VAL B 170 -5.14 -10.30 31.69
CA VAL B 170 -4.24 -9.87 32.75
C VAL B 170 -5.03 -9.08 33.77
N SER B 171 -4.60 -9.19 35.03
CA SER B 171 -5.19 -8.45 36.15
C SER B 171 -4.08 -8.05 37.10
N TRP B 172 -4.14 -6.84 37.64
CA TRP B 172 -3.05 -6.32 38.43
C TRP B 172 -3.31 -6.50 39.92
N ASN B 173 -2.36 -7.15 40.61
CA ASN B 173 -2.46 -7.50 42.03
C ASN B 173 -3.74 -8.31 42.30
N SER B 174 -3.95 -9.34 41.49
CA SER B 174 -5.06 -10.28 41.66
C SER B 174 -6.40 -9.55 41.72
N GLY B 175 -6.56 -8.54 40.87
CA GLY B 175 -7.80 -7.81 40.75
C GLY B 175 -7.91 -6.54 41.59
N ALA B 176 -6.81 -6.08 42.19
CA ALA B 176 -6.89 -4.91 43.07
C ALA B 176 -6.94 -3.62 42.28
N LEU B 177 -6.07 -3.45 41.29
CA LEU B 177 -5.88 -2.18 40.62
C LEU B 177 -6.63 -2.11 39.30
N THR B 178 -7.39 -1.02 39.12
CA THR B 178 -8.03 -0.70 37.86
C THR B 178 -7.91 0.79 37.53
N SER B 179 -7.27 1.57 38.39
CA SER B 179 -7.15 3.02 38.22
C SER B 179 -6.24 3.34 37.06
N GLY B 180 -6.83 3.64 35.91
CA GLY B 180 -6.06 4.03 34.73
C GLY B 180 -5.16 2.95 34.18
N VAL B 181 -5.61 1.70 34.18
CA VAL B 181 -4.86 0.57 33.63
C VAL B 181 -5.33 0.33 32.21
N HIS B 182 -4.40 -0.02 31.33
CA HIS B 182 -4.69 -0.19 29.91
C HIS B 182 -4.13 -1.53 29.46
N THR B 183 -5.00 -2.38 28.91
CA THR B 183 -4.60 -3.64 28.27
C THR B 183 -4.76 -3.48 26.77
N PHE B 184 -3.68 -3.79 26.03
CA PHE B 184 -3.78 -3.39 24.64
C PHE B 184 -4.28 -4.55 23.78
N PRO B 185 -5.08 -4.24 22.76
CA PRO B 185 -5.48 -5.25 21.78
C PRO B 185 -4.28 -5.93 21.16
N ALA B 186 -4.21 -7.25 21.28
CA ALA B 186 -3.04 -8.00 20.84
C ALA B 186 -2.84 -7.85 19.33
N VAL B 187 -1.59 -8.02 18.91
CA VAL B 187 -1.24 -8.03 17.50
C VAL B 187 -0.77 -9.43 17.14
N LEU B 188 -0.46 -9.65 15.87
CA LEU B 188 -0.03 -10.97 15.38
C LEU B 188 1.36 -10.83 14.77
N GLN B 189 2.37 -11.34 15.47
CA GLN B 189 3.75 -11.22 15.03
C GLN B 189 3.97 -11.95 13.71
N SER B 190 5.08 -11.61 13.05
CA SER B 190 5.40 -12.23 11.76
C SER B 190 5.70 -13.72 11.88
N SER B 191 5.87 -14.23 13.10
CA SER B 191 6.12 -15.66 13.29
C SER B 191 4.83 -16.47 13.28
N GLY B 192 3.78 -15.95 13.89
CA GLY B 192 2.51 -16.64 13.94
C GLY B 192 1.78 -16.45 15.26
N LEU B 193 2.54 -16.17 16.32
CA LEU B 193 1.96 -16.04 17.65
C LEU B 193 1.49 -14.61 17.90
N TYR B 194 0.54 -14.47 18.82
CA TYR B 194 0.05 -13.18 19.27
C TYR B 194 0.87 -12.66 20.45
N SER B 195 0.81 -11.35 20.66
CA SER B 195 1.58 -10.72 21.72
C SER B 195 0.93 -9.39 22.08
N LEU B 196 0.78 -9.13 23.38
CA LEU B 196 0.18 -7.89 23.86
C LEU B 196 0.93 -7.43 25.11
N SER B 197 0.43 -6.35 25.70
CA SER B 197 1.05 -5.74 26.87
C SER B 197 -0.05 -5.11 27.72
N SER B 198 0.31 -4.73 28.93
CA SER B 198 -0.63 -4.05 29.82
C SER B 198 0.15 -3.15 30.76
N VAL B 199 -0.38 -1.94 30.98
CA VAL B 199 0.32 -0.92 31.73
C VAL B 199 -0.62 -0.28 32.74
N VAL B 200 -0.03 0.36 33.75
CA VAL B 200 -0.79 1.01 34.80
C VAL B 200 -0.07 2.25 35.33
N THR B 201 -0.71 3.40 35.16
CA THR B 201 -0.15 4.65 35.69
C THR B 201 -0.16 4.60 37.21
N VAL B 202 1.02 4.74 37.80
CA VAL B 202 1.20 4.63 39.24
C VAL B 202 1.78 5.93 39.75
N PRO B 203 1.16 6.57 40.75
CA PRO B 203 1.80 7.71 41.40
C PRO B 203 3.21 7.35 41.85
N SER B 204 4.18 8.17 41.46
CA SER B 204 5.59 7.81 41.59
C SER B 204 5.97 7.54 43.04
N SER B 205 5.37 8.27 43.99
CA SER B 205 5.68 8.07 45.40
C SER B 205 5.25 6.69 45.88
N SER B 206 4.22 6.11 45.25
CA SER B 206 3.73 4.80 45.63
C SER B 206 4.67 3.68 45.23
N LEU B 207 5.80 3.99 44.57
CA LEU B 207 6.78 2.99 44.22
C LEU B 207 7.71 2.70 45.39
N GLY B 208 8.21 1.47 45.44
CA GLY B 208 9.10 1.04 46.50
C GLY B 208 8.44 0.80 47.84
N THR B 209 7.11 0.86 47.91
CA THR B 209 6.39 0.63 49.17
C THR B 209 5.28 -0.38 48.95
N GLN B 210 4.36 -0.10 48.02
CA GLN B 210 3.33 -1.06 47.64
C GLN B 210 3.80 -1.85 46.42
N THR B 211 3.60 -3.17 46.48
CA THR B 211 4.00 -4.05 45.40
C THR B 211 2.96 -4.04 44.29
N TYR B 212 3.44 -4.22 43.06
CA TYR B 212 2.59 -4.28 41.87
C TYR B 212 2.87 -5.59 41.15
N ILE B 213 1.89 -6.48 41.15
CA ILE B 213 2.04 -7.82 40.58
C ILE B 213 1.00 -8.00 39.48
N CYS B 214 1.46 -8.38 38.30
CA CYS B 214 0.58 -8.66 37.18
C CYS B 214 0.29 -10.15 37.11
N ASN B 215 -0.95 -10.50 36.79
CA ASN B 215 -1.45 -11.86 36.85
C ASN B 215 -2.05 -12.20 35.49
N VAL B 216 -1.33 -13.02 34.74
CA VAL B 216 -1.70 -13.37 33.38
C VAL B 216 -2.30 -14.78 33.37
N ASN B 217 -3.27 -15.00 32.46
CA ASN B 217 -4.08 -16.23 32.45
C ASN B 217 -4.24 -16.74 31.01
N HIS B 218 -3.26 -17.49 30.50
CA HIS B 218 -3.45 -18.12 29.19
C HIS B 218 -4.15 -19.45 29.41
N LYS B 219 -5.37 -19.58 28.89
CA LYS B 219 -6.25 -20.68 29.22
C LYS B 219 -6.03 -21.90 28.31
N PRO B 220 -5.91 -21.73 26.97
CA PRO B 220 -5.63 -22.92 26.13
C PRO B 220 -4.22 -23.48 26.33
N SER B 221 -3.73 -23.42 27.56
CA SER B 221 -2.48 -24.02 27.97
C SER B 221 -2.51 -24.20 29.48
N ASN B 222 -3.63 -23.76 30.09
CA ASN B 222 -3.83 -23.74 31.53
C ASN B 222 -2.58 -23.28 32.26
N THR B 223 -2.09 -22.11 31.87
CA THR B 223 -0.92 -21.52 32.51
C THR B 223 -1.27 -20.11 32.98
N LYS B 224 -1.20 -19.90 34.28
CA LYS B 224 -1.29 -18.57 34.86
C LYS B 224 0.04 -18.22 35.49
N VAL B 225 0.43 -16.95 35.37
CA VAL B 225 1.71 -16.48 35.87
C VAL B 225 1.49 -15.20 36.67
N ASP B 226 2.28 -15.03 37.72
CA ASP B 226 2.32 -13.80 38.49
C ASP B 226 3.72 -13.21 38.38
N LYS B 227 3.80 -11.94 38.00
CA LYS B 227 5.07 -11.26 37.79
C LYS B 227 5.15 -10.03 38.69
N ARG B 228 6.36 -9.77 39.17
CA ARG B 228 6.66 -8.67 40.08
C ARG B 228 7.45 -7.60 39.34
N VAL B 229 6.97 -6.36 39.40
CA VAL B 229 7.64 -5.24 38.73
C VAL B 229 8.63 -4.64 39.72
N GLU B 230 9.92 -4.78 39.43
CA GLU B 230 10.90 -4.26 40.37
C GLU B 230 11.47 -2.96 39.84
N PRO B 231 11.45 -1.89 40.63
CA PRO B 231 11.96 -0.60 40.14
C PRO B 231 13.44 -0.70 39.76
N LYS B 232 13.72 -0.41 38.49
CA LYS B 232 15.07 -0.43 37.93
C LYS B 232 15.75 -1.78 38.16
N SER B 233 15.40 -2.77 37.34
CA SER B 233 16.00 -4.09 37.45
C SER B 233 16.92 -4.36 36.26
N ASP C 1 -13.83 -3.43 -11.49
CA ASP C 1 -14.50 -3.33 -10.19
C ASP C 1 -14.94 -1.89 -9.96
N ILE C 2 -15.41 -1.59 -8.76
CA ILE C 2 -15.95 -0.27 -8.42
C ILE C 2 -15.31 0.18 -7.11
N VAL C 3 -14.52 1.25 -7.17
CA VAL C 3 -13.85 1.77 -5.99
C VAL C 3 -14.80 2.68 -5.23
N MET C 4 -14.84 2.53 -3.90
CA MET C 4 -15.67 3.34 -3.03
C MET C 4 -14.79 4.09 -2.06
N THR C 5 -15.13 5.36 -1.79
CA THR C 5 -14.37 6.21 -0.89
C THR C 5 -15.32 6.91 0.09
N GLN C 6 -14.79 7.22 1.27
CA GLN C 6 -15.53 7.92 2.31
C GLN C 6 -14.71 9.06 2.85
N SER C 7 -15.37 10.00 3.53
CA SER C 7 -14.67 11.15 4.10
C SER C 7 -15.58 11.88 5.07
N PRO C 8 -15.06 12.39 6.20
CA PRO C 8 -13.65 12.29 6.61
C PRO C 8 -13.37 10.98 7.35
N LEU C 9 -12.22 10.38 7.09
CA LEU C 9 -11.89 9.06 7.63
C LEU C 9 -11.94 9.02 9.16
N SER C 10 -12.15 10.18 9.79
CA SER C 10 -12.44 10.28 11.20
C SER C 10 -13.11 11.62 11.45
N LEU C 11 -14.16 11.61 12.27
CA LEU C 11 -14.97 12.80 12.50
C LEU C 11 -15.46 12.81 13.94
N PRO C 12 -14.69 13.39 14.86
CA PRO C 12 -15.20 13.59 16.22
C PRO C 12 -16.38 14.55 16.23
N VAL C 13 -17.40 14.19 16.99
CA VAL C 13 -18.63 14.96 17.05
C VAL C 13 -18.91 15.30 18.52
N THR C 14 -20.00 16.05 18.72
CA THR C 14 -20.42 16.52 20.03
C THR C 14 -21.85 16.06 20.31
N PRO C 15 -22.13 15.52 21.50
CA PRO C 15 -23.51 15.12 21.82
C PRO C 15 -24.48 16.29 21.76
N GLY C 16 -24.95 16.59 20.55
CA GLY C 16 -25.87 17.69 20.35
C GLY C 16 -25.87 18.25 18.94
N GLU C 17 -24.79 18.95 18.56
CA GLU C 17 -24.71 19.59 17.26
C GLU C 17 -24.71 18.55 16.14
N PRO C 18 -25.11 18.95 14.92
CA PRO C 18 -25.25 17.97 13.84
C PRO C 18 -23.92 17.46 13.30
N ALA C 19 -23.98 16.64 12.26
CA ALA C 19 -22.79 16.07 11.64
C ALA C 19 -23.15 15.60 10.24
N SER C 20 -22.12 15.25 9.48
CA SER C 20 -22.35 14.73 8.14
C SER C 20 -21.09 14.08 7.62
N ILE C 21 -21.24 12.92 6.98
CA ILE C 21 -20.13 12.24 6.32
C ILE C 21 -20.52 12.03 4.85
N SER C 22 -19.53 11.69 4.03
CA SER C 22 -19.71 11.63 2.59
C SER C 22 -19.11 10.34 2.05
N CYS C 23 -19.71 9.89 0.95
CA CYS C 23 -19.26 8.72 0.21
C CYS C 23 -19.29 9.05 -1.28
N ARG C 24 -18.28 8.61 -1.99
CA ARG C 24 -18.22 8.78 -3.43
C ARG C 24 -17.81 7.48 -4.08
N SER C 25 -18.45 7.13 -5.17
CA SER C 25 -18.13 5.92 -5.91
C SER C 25 -17.06 6.25 -6.95
N SER C 26 -16.84 5.34 -7.89
CA SER C 26 -16.12 5.64 -9.13
C SER C 26 -17.03 5.56 -10.34
N GLN C 27 -18.25 5.04 -10.14
CA GLN C 27 -19.26 4.93 -11.23
C GLN C 27 -20.62 5.35 -10.67
N SER C 28 -21.47 5.93 -11.51
CA SER C 28 -22.77 6.37 -11.02
C SER C 28 -23.71 5.21 -10.80
N LEU C 29 -24.66 5.40 -9.90
CA LEU C 29 -25.58 4.35 -9.43
C LEU C 29 -27.02 4.83 -9.64
N LEU C 30 -27.59 4.46 -10.77
CA LEU C 30 -28.91 4.97 -11.11
C LEU C 30 -29.82 3.90 -11.66
N HIS C 31 -29.36 3.21 -12.70
CA HIS C 31 -30.08 2.12 -13.32
C HIS C 31 -31.31 2.55 -14.11
N SER C 32 -31.50 3.85 -14.37
CA SER C 32 -32.64 4.35 -15.14
C SER C 32 -33.95 3.98 -14.47
N ASN C 33 -33.91 3.70 -13.17
CA ASN C 33 -35.11 3.49 -12.39
C ASN C 33 -35.44 4.65 -11.47
N GLY C 34 -34.56 5.65 -11.33
CA GLY C 34 -34.84 6.82 -10.50
C GLY C 34 -34.23 6.78 -9.10
N TYR C 35 -33.97 5.59 -8.55
CA TYR C 35 -33.42 5.47 -7.21
C TYR C 35 -32.04 4.78 -7.20
N ASN C 36 -31.17 5.28 -6.32
CA ASN C 36 -29.76 4.93 -6.30
C ASN C 36 -29.53 3.61 -5.59
N TYR C 37 -28.51 2.89 -6.04
CA TYR C 37 -28.22 1.58 -5.46
C TYR C 37 -27.06 1.69 -4.47
N LEU C 38 -27.35 2.32 -3.33
CA LEU C 38 -26.33 2.54 -2.34
C LEU C 38 -26.95 2.55 -0.96
N ASP C 39 -26.33 1.83 -0.04
CA ASP C 39 -26.81 1.70 1.33
C ASP C 39 -25.80 2.28 2.30
N TRP C 40 -26.27 2.46 3.54
CA TRP C 40 -25.53 3.11 4.61
C TRP C 40 -25.74 2.28 5.87
N TYR C 41 -24.65 1.72 6.40
CA TYR C 41 -24.70 0.86 7.57
C TYR C 41 -23.88 1.45 8.72
N LEU C 42 -24.14 0.95 9.92
CA LEU C 42 -23.43 1.35 11.12
C LEU C 42 -22.92 0.10 11.84
N GLN C 43 -21.77 0.24 12.49
CA GLN C 43 -21.22 -0.81 13.34
C GLN C 43 -20.89 -0.22 14.70
N LYS C 44 -21.70 -0.57 15.71
CA LYS C 44 -21.40 -0.26 17.10
C LYS C 44 -20.41 -1.29 17.63
N PRO C 45 -19.45 -0.89 18.45
CA PRO C 45 -18.35 -1.80 18.83
C PRO C 45 -18.87 -3.08 19.48
N GLY C 46 -18.17 -4.19 19.19
CA GLY C 46 -18.52 -5.48 19.72
C GLY C 46 -19.75 -6.09 19.08
N GLN C 47 -20.81 -5.29 18.96
CA GLN C 47 -22.06 -5.74 18.39
C GLN C 47 -22.01 -5.73 16.87
N SER C 48 -22.96 -6.43 16.27
CA SER C 48 -23.01 -6.61 14.82
C SER C 48 -23.49 -5.33 14.15
N PRO C 49 -23.31 -5.22 12.83
CA PRO C 49 -23.74 -4.01 12.14
C PRO C 49 -25.26 -3.88 12.09
N GLN C 50 -25.72 -2.63 11.94
CA GLN C 50 -27.10 -2.30 11.65
C GLN C 50 -27.19 -1.79 10.22
N LEU C 51 -28.42 -1.42 9.82
CA LEU C 51 -28.68 -0.78 8.55
C LEU C 51 -29.35 0.55 8.81
N LEU C 52 -28.85 1.61 8.16
CA LEU C 52 -29.40 2.94 8.33
C LEU C 52 -30.19 3.42 7.12
N ILE C 53 -29.59 3.37 5.93
CA ILE C 53 -30.27 3.82 4.72
C ILE C 53 -30.14 2.75 3.65
N TYR C 54 -31.20 2.56 2.85
CA TYR C 54 -31.16 1.64 1.72
C TYR C 54 -31.76 2.30 0.49
N LEU C 55 -31.27 1.93 -0.71
CA LEU C 55 -31.68 2.64 -1.93
C LEU C 55 -31.67 4.15 -1.81
N GLY C 56 -30.47 4.73 -1.90
CA GLY C 56 -30.30 6.16 -1.95
C GLY C 56 -30.65 6.83 -0.65
N SER C 57 -31.92 7.22 -0.50
CA SER C 57 -32.36 8.05 0.62
C SER C 57 -33.30 7.36 1.58
N ASN C 58 -33.93 6.26 1.19
CA ASN C 58 -34.99 5.66 1.98
C ASN C 58 -34.44 5.06 3.27
N ARG C 59 -35.11 5.35 4.38
CA ARG C 59 -34.66 4.97 5.71
C ARG C 59 -35.35 3.68 6.15
N ALA C 60 -34.56 2.77 6.73
CA ALA C 60 -35.11 1.52 7.23
C ALA C 60 -35.90 1.76 8.51
N SER C 61 -36.86 0.87 8.77
CA SER C 61 -37.67 0.98 9.98
C SER C 61 -36.80 0.84 11.23
N GLY C 62 -37.30 1.38 12.34
CA GLY C 62 -36.59 1.36 13.59
C GLY C 62 -35.60 2.51 13.72
N VAL C 63 -35.05 2.95 12.60
CA VAL C 63 -34.08 4.05 12.61
C VAL C 63 -34.82 5.37 12.86
N PRO C 64 -34.32 6.23 13.75
CA PRO C 64 -34.96 7.53 13.94
C PRO C 64 -34.96 8.36 12.67
N ASP C 65 -35.77 9.41 12.68
CA ASP C 65 -35.83 10.33 11.54
C ASP C 65 -34.70 11.35 11.55
N ARG C 66 -33.78 11.25 12.52
CA ARG C 66 -32.61 12.13 12.57
C ARG C 66 -31.53 11.75 11.57
N PHE C 67 -31.71 10.65 10.84
CA PHE C 67 -30.72 10.13 9.91
C PHE C 67 -31.22 10.38 8.50
N ILE C 68 -30.62 11.36 7.83
CA ILE C 68 -31.05 11.80 6.51
C ILE C 68 -29.98 11.42 5.50
N GLY C 69 -30.37 10.67 4.48
CA GLY C 69 -29.50 10.32 3.38
C GLY C 69 -29.72 11.27 2.21
N SER C 70 -28.64 11.61 1.52
CA SER C 70 -28.69 12.60 0.45
C SER C 70 -27.88 12.11 -0.74
N GLY C 71 -27.86 12.91 -1.80
CA GLY C 71 -27.00 12.68 -2.94
C GLY C 71 -27.60 11.74 -3.97
N SER C 72 -27.02 11.79 -5.16
CA SER C 72 -27.41 10.89 -6.25
C SER C 72 -26.31 10.91 -7.31
N GLY C 73 -26.19 9.79 -8.03
CA GLY C 73 -25.15 9.65 -9.03
C GLY C 73 -23.87 9.12 -8.45
N THR C 74 -22.93 10.01 -8.14
CA THR C 74 -21.64 9.64 -7.58
C THR C 74 -21.38 10.20 -6.19
N ASP C 75 -22.04 11.28 -5.80
CA ASP C 75 -21.81 11.95 -4.53
C ASP C 75 -22.96 11.66 -3.59
N PHE C 76 -22.64 11.18 -2.39
CA PHE C 76 -23.65 10.84 -1.39
C PHE C 76 -23.22 11.42 -0.05
N THR C 77 -24.19 11.89 0.72
CA THR C 77 -23.91 12.64 1.95
C THR C 77 -24.90 12.21 3.01
N LEU C 78 -24.43 11.45 4.00
CA LEU C 78 -25.27 11.11 5.14
C LEU C 78 -25.19 12.26 6.14
N LYS C 79 -26.31 12.97 6.30
CA LYS C 79 -26.42 14.07 7.24
C LYS C 79 -27.20 13.60 8.46
N ILE C 80 -26.80 14.10 9.64
CA ILE C 80 -27.44 13.74 10.89
C ILE C 80 -27.69 15.03 11.65
N SER C 81 -28.97 15.36 11.85
CA SER C 81 -29.35 16.50 12.66
C SER C 81 -29.54 16.02 14.10
N ARG C 82 -28.75 16.59 15.02
CA ARG C 82 -28.72 16.20 16.43
C ARG C 82 -28.14 14.81 16.62
N VAL C 83 -27.29 14.63 17.65
CA VAL C 83 -26.71 13.34 17.99
C VAL C 83 -26.64 13.21 19.50
N GLU C 84 -26.36 11.98 19.93
CA GLU C 84 -26.01 11.68 21.33
C GLU C 84 -24.94 10.59 21.30
N ALA C 85 -24.65 10.03 22.47
CA ALA C 85 -23.53 9.11 22.62
C ALA C 85 -23.82 7.69 22.18
N GLU C 86 -24.99 7.43 21.59
CA GLU C 86 -25.31 6.09 21.12
C GLU C 86 -24.70 5.77 19.76
N ASP C 87 -24.13 6.76 19.08
CA ASP C 87 -23.64 6.59 17.72
C ASP C 87 -22.12 6.41 17.64
N VAL C 88 -21.44 6.27 18.78
CA VAL C 88 -20.01 5.99 18.80
C VAL C 88 -19.77 4.67 18.09
N GLY C 89 -19.58 4.71 16.78
CA GLY C 89 -19.43 3.51 15.98
C GLY C 89 -18.55 3.77 14.77
N VAL C 90 -18.78 2.99 13.72
CA VAL C 90 -18.11 3.16 12.43
C VAL C 90 -19.17 3.07 11.34
N PHE C 91 -19.28 4.13 10.53
CA PHE C 91 -20.32 4.22 9.50
C PHE C 91 -19.76 3.73 8.17
N TYR C 92 -20.32 2.64 7.65
CA TYR C 92 -19.88 2.06 6.39
C TYR C 92 -20.83 2.44 5.26
N CYS C 93 -20.26 2.56 4.06
CA CYS C 93 -20.99 2.94 2.85
C CYS C 93 -20.90 1.79 1.85
N MET C 94 -22.06 1.30 1.41
CA MET C 94 -22.12 0.11 0.55
C MET C 94 -22.72 0.45 -0.81
N GLN C 95 -22.18 -0.17 -1.85
CA GLN C 95 -22.69 -0.10 -3.21
C GLN C 95 -23.36 -1.41 -3.57
N ALA C 96 -24.38 -1.34 -4.44
CA ALA C 96 -25.12 -2.54 -4.82
C ALA C 96 -25.49 -2.54 -6.31
N LEU C 97 -24.72 -1.84 -7.14
CA LEU C 97 -25.00 -1.85 -8.58
C LEU C 97 -24.54 -3.18 -9.17
N GLN C 98 -23.23 -3.41 -9.20
CA GLN C 98 -22.65 -4.64 -9.72
C GLN C 98 -21.98 -5.37 -8.57
N ALA C 99 -22.44 -6.58 -8.28
CA ALA C 99 -22.01 -7.37 -7.12
C ALA C 99 -22.34 -6.56 -5.86
N VAL C 100 -21.47 -6.58 -4.84
CA VAL C 100 -21.67 -5.79 -3.63
C VAL C 100 -20.31 -5.25 -3.20
N GLY C 101 -20.25 -3.95 -2.95
CA GLY C 101 -19.03 -3.33 -2.48
C GLY C 101 -19.26 -2.54 -1.21
N PHE C 102 -18.32 -2.65 -0.28
CA PHE C 102 -18.36 -1.88 0.95
C PHE C 102 -17.43 -0.68 0.81
N GLY C 103 -17.23 0.05 1.92
CA GLY C 103 -16.31 1.15 1.95
C GLY C 103 -15.13 0.87 2.84
N PRO C 104 -14.35 1.91 3.17
CA PRO C 104 -13.25 1.74 4.12
C PRO C 104 -13.61 2.07 5.56
N GLY C 105 -14.82 2.54 5.81
CA GLY C 105 -15.19 2.93 7.17
C GLY C 105 -14.89 4.38 7.44
N THR C 106 -15.74 4.98 8.29
CA THR C 106 -15.60 6.36 8.74
C THR C 106 -15.75 6.33 10.26
N LYS C 107 -14.63 6.17 10.98
CA LYS C 107 -14.70 6.04 12.42
C LYS C 107 -15.20 7.33 13.05
N VAL C 108 -16.09 7.19 14.03
CA VAL C 108 -16.73 8.32 14.70
C VAL C 108 -16.45 8.21 16.20
N GLU C 109 -16.13 9.34 16.82
CA GLU C 109 -15.86 9.38 18.25
C GLU C 109 -16.44 10.67 18.81
N ILE C 110 -16.01 11.04 20.01
CA ILE C 110 -16.44 12.26 20.68
C ILE C 110 -15.37 13.32 20.51
N LYS C 111 -15.80 14.58 20.49
CA LYS C 111 -14.86 15.69 20.54
C LYS C 111 -14.42 15.93 21.98
N ARG C 112 -13.13 16.25 22.14
CA ARG C 112 -12.55 16.41 23.47
C ARG C 112 -11.52 17.53 23.41
N THR C 113 -11.55 18.43 24.40
CA THR C 113 -10.54 19.48 24.50
C THR C 113 -9.17 18.83 24.47
N VAL C 114 -8.44 19.06 23.38
CA VAL C 114 -7.21 18.35 23.03
C VAL C 114 -6.24 18.25 24.21
N ALA C 115 -5.88 17.02 24.58
CA ALA C 115 -4.86 16.75 25.58
C ALA C 115 -3.70 16.03 24.93
N ALA C 116 -2.53 16.11 25.57
CA ALA C 116 -1.29 15.66 24.98
C ALA C 116 -0.77 14.40 25.69
N PRO C 117 -0.11 13.50 24.96
CA PRO C 117 0.34 12.25 25.57
C PRO C 117 1.50 12.46 26.52
N SER C 118 1.65 11.51 27.44
CA SER C 118 2.80 11.43 28.33
C SER C 118 3.57 10.18 27.93
N VAL C 119 4.63 10.37 27.15
CA VAL C 119 5.35 9.25 26.57
C VAL C 119 6.18 8.54 27.63
N PHE C 120 6.28 7.21 27.52
CA PHE C 120 7.12 6.42 28.40
C PHE C 120 7.89 5.40 27.58
N ILE C 121 9.06 5.01 28.08
CA ILE C 121 10.02 4.21 27.33
C ILE C 121 10.45 3.01 28.17
N PHE C 122 10.58 1.84 27.52
CA PHE C 122 10.86 0.60 28.24
C PHE C 122 11.92 -0.26 27.54
N PRO C 123 13.07 -0.44 28.18
CA PRO C 123 14.07 -1.42 27.71
C PRO C 123 13.56 -2.85 27.88
N PRO C 124 14.36 -3.89 27.51
CA PRO C 124 13.80 -5.24 27.40
C PRO C 124 14.14 -6.23 28.51
N SER C 125 15.03 -5.86 29.44
CA SER C 125 15.40 -6.71 30.58
C SER C 125 16.25 -7.93 30.22
N ASP C 126 17.13 -8.29 31.16
CA ASP C 126 18.16 -9.30 30.91
C ASP C 126 17.56 -10.67 30.65
N GLU C 127 16.35 -10.96 31.13
CA GLU C 127 15.78 -12.28 30.89
C GLU C 127 15.41 -12.45 29.41
N GLN C 128 14.73 -11.46 28.84
CA GLN C 128 14.46 -11.51 27.41
C GLN C 128 15.76 -11.50 26.62
N LEU C 129 16.77 -10.76 27.10
CA LEU C 129 18.06 -10.85 26.43
C LEU C 129 18.65 -12.26 26.51
N LYS C 130 18.41 -12.99 27.59
CA LYS C 130 18.89 -14.36 27.70
C LYS C 130 18.11 -15.30 26.79
N SER C 131 16.84 -14.98 26.51
CA SER C 131 16.01 -15.84 25.67
C SER C 131 16.55 -15.92 24.24
N GLY C 132 16.33 -14.89 23.43
CA GLY C 132 16.80 -14.92 22.07
C GLY C 132 16.49 -13.69 21.24
N THR C 133 15.65 -12.80 21.74
CA THR C 133 15.34 -11.53 21.06
C THR C 133 15.32 -10.42 22.09
N ALA C 134 14.93 -9.22 21.66
CA ALA C 134 14.77 -8.09 22.57
C ALA C 134 13.69 -7.17 22.03
N SER C 135 12.69 -6.86 22.86
CA SER C 135 11.58 -6.00 22.47
C SER C 135 11.59 -4.75 23.32
N VAL C 136 11.71 -3.59 22.68
CA VAL C 136 11.65 -2.30 23.36
C VAL C 136 10.27 -1.70 23.13
N VAL C 137 9.74 -1.03 24.14
CA VAL C 137 8.34 -0.61 24.13
C VAL C 137 8.22 0.89 24.37
N CYS C 138 7.53 1.58 23.47
CA CYS C 138 7.23 3.00 23.62
C CYS C 138 5.73 3.18 23.81
N LEU C 139 5.35 4.11 24.69
CA LEU C 139 3.97 4.22 25.13
C LEU C 139 3.47 5.66 25.10
N LEU C 140 2.32 5.86 24.47
CA LEU C 140 1.52 7.07 24.59
C LEU C 140 0.34 6.76 25.50
N ASN C 141 0.00 7.72 26.36
CA ASN C 141 -1.05 7.48 27.33
C ASN C 141 -1.95 8.70 27.46
N ASN C 142 -3.26 8.45 27.58
CA ASN C 142 -4.27 9.46 27.87
C ASN C 142 -4.12 10.67 26.93
N PHE C 143 -4.23 10.39 25.63
CA PHE C 143 -4.05 11.41 24.60
C PHE C 143 -5.25 11.44 23.68
N TYR C 144 -5.51 12.63 23.12
CA TYR C 144 -6.61 12.88 22.20
C TYR C 144 -6.22 14.00 21.24
N PRO C 145 -6.53 13.88 19.94
CA PRO C 145 -7.30 12.79 19.31
C PRO C 145 -6.53 11.49 19.07
N ARG C 146 -7.10 10.64 18.23
CA ARG C 146 -6.50 9.33 17.96
C ARG C 146 -5.21 9.47 17.16
N GLU C 147 -5.09 10.53 16.36
CA GLU C 147 -3.96 10.66 15.44
C GLU C 147 -2.67 10.91 16.19
N ALA C 148 -1.69 10.03 15.98
CA ALA C 148 -0.36 10.17 16.54
C ALA C 148 0.57 9.23 15.78
N LYS C 149 1.83 9.63 15.68
CA LYS C 149 2.83 8.85 14.96
C LYS C 149 3.99 8.51 15.88
N VAL C 150 4.48 7.28 15.77
CA VAL C 150 5.63 6.80 16.52
C VAL C 150 6.66 6.30 15.52
N GLN C 151 7.81 6.97 15.46
CA GLN C 151 8.94 6.57 14.63
C GLN C 151 10.07 6.11 15.54
N TRP C 152 10.59 4.92 15.31
CA TRP C 152 11.62 4.37 16.17
C TRP C 152 12.98 4.78 15.65
N LYS C 153 13.85 5.28 16.54
CA LYS C 153 15.18 5.72 16.13
C LYS C 153 16.22 5.15 17.08
N VAL C 154 17.16 4.39 16.51
CA VAL C 154 18.29 3.81 17.24
C VAL C 154 19.57 4.46 16.71
N ASP C 155 20.29 5.13 17.61
CA ASP C 155 21.49 5.89 17.24
C ASP C 155 21.15 6.88 16.13
N ASN C 156 20.03 7.59 16.32
CA ASN C 156 19.52 8.59 15.39
C ASN C 156 19.11 8.03 14.03
N ALA C 157 19.22 6.71 13.84
CA ALA C 157 18.85 6.09 12.58
C ALA C 157 17.38 5.71 12.61
N LEU C 158 16.67 6.04 11.54
CA LEU C 158 15.23 5.77 11.48
C LEU C 158 14.98 4.30 11.15
N GLN C 159 14.09 3.68 11.94
CA GLN C 159 13.73 2.29 11.73
C GLN C 159 12.70 2.17 10.60
N SER C 160 12.28 0.94 10.32
CA SER C 160 11.41 0.69 9.17
C SER C 160 10.33 -0.34 9.47
N GLY C 161 10.33 -1.45 8.73
CA GLY C 161 9.33 -2.48 8.88
C GLY C 161 9.68 -3.49 9.96
N ASN C 162 9.63 -3.04 11.21
CA ASN C 162 9.94 -3.93 12.33
C ASN C 162 9.30 -3.45 13.63
N SER C 163 8.26 -2.63 13.57
CA SER C 163 7.58 -2.11 14.74
C SER C 163 6.09 -2.33 14.57
N GLN C 164 5.44 -2.79 15.63
CA GLN C 164 4.00 -3.03 15.61
C GLN C 164 3.32 -2.18 16.68
N GLU C 165 2.22 -1.55 16.30
CA GLU C 165 1.52 -0.61 17.18
C GLU C 165 0.10 -1.08 17.42
N SER C 166 -0.46 -0.66 18.56
CA SER C 166 -1.82 -1.00 18.92
C SER C 166 -2.41 0.10 19.79
N VAL C 167 -3.66 0.47 19.48
CA VAL C 167 -4.37 1.50 20.21
C VAL C 167 -5.47 0.84 21.04
N THR C 168 -6.04 1.62 21.95
CA THR C 168 -7.19 1.15 22.73
C THR C 168 -8.48 1.65 22.11
N GLU C 169 -9.49 1.91 22.95
CA GLU C 169 -10.72 2.56 22.53
C GLU C 169 -10.93 3.79 23.40
N GLN C 170 -11.80 4.68 22.92
CA GLN C 170 -12.06 5.94 23.62
C GLN C 170 -12.48 5.65 25.05
N ASP C 171 -11.59 5.95 25.99
CA ASP C 171 -11.79 5.58 27.39
C ASP C 171 -13.13 6.13 27.89
N SER C 172 -13.82 5.32 28.72
CA SER C 172 -15.21 5.60 29.05
C SER C 172 -15.35 6.94 29.77
N LYS C 173 -14.58 7.15 30.83
CA LYS C 173 -14.79 8.33 31.67
C LYS C 173 -14.16 9.59 31.08
N ASP C 174 -13.13 9.45 30.25
CA ASP C 174 -12.35 10.61 29.81
C ASP C 174 -12.41 10.86 28.32
N SER C 175 -12.86 9.90 27.50
CA SER C 175 -12.93 10.05 26.04
C SER C 175 -11.54 10.26 25.45
N THR C 176 -10.55 9.55 25.98
CA THR C 176 -9.15 9.63 25.54
C THR C 176 -8.66 8.27 25.05
N TYR C 177 -7.40 8.23 24.64
CA TYR C 177 -6.80 7.06 23.99
C TYR C 177 -5.47 6.70 24.64
N SER C 178 -4.95 5.54 24.26
CA SER C 178 -3.61 5.11 24.65
C SER C 178 -3.05 4.24 23.54
N LEU C 179 -1.74 4.33 23.31
CA LEU C 179 -1.11 3.64 22.20
C LEU C 179 0.19 3.00 22.66
N SER C 180 0.51 1.84 22.09
CA SER C 180 1.75 1.14 22.43
C SER C 180 2.41 0.63 21.17
N SER C 181 3.69 0.95 21.00
CA SER C 181 4.45 0.48 19.85
C SER C 181 5.65 -0.33 20.34
N THR C 182 5.86 -1.49 19.74
CA THR C 182 6.92 -2.41 20.11
C THR C 182 7.89 -2.57 18.94
N LEU C 183 9.18 -2.56 19.25
CA LEU C 183 10.24 -2.79 18.28
C LEU C 183 11.00 -4.05 18.67
N THR C 184 11.11 -4.98 17.73
CA THR C 184 11.71 -6.29 17.96
C THR C 184 13.08 -6.35 17.29
N LEU C 185 14.08 -6.78 18.03
CA LEU C 185 15.45 -6.84 17.56
C LEU C 185 16.06 -8.20 17.89
N SER C 186 17.04 -8.60 17.09
CA SER C 186 17.79 -9.82 17.35
C SER C 186 18.48 -9.72 18.71
N LYS C 187 18.78 -10.91 19.27
CA LYS C 187 19.40 -10.98 20.59
C LYS C 187 20.66 -10.12 20.68
N ALA C 188 21.48 -10.15 19.62
CA ALA C 188 22.75 -9.43 19.62
C ALA C 188 22.64 -8.06 18.97
N ASP C 189 21.85 -7.94 17.89
CA ASP C 189 21.66 -6.67 17.22
C ASP C 189 21.25 -5.57 18.20
N TYR C 190 20.53 -5.95 19.27
CA TYR C 190 20.27 -5.00 20.35
C TYR C 190 21.57 -4.46 20.94
N GLU C 191 22.43 -5.35 21.43
CA GLU C 191 23.67 -4.92 22.07
C GLU C 191 24.69 -4.38 21.08
N LYS C 192 24.39 -4.42 19.78
CA LYS C 192 25.30 -3.84 18.79
C LYS C 192 25.37 -2.32 18.94
N HIS C 193 24.23 -1.67 19.12
CA HIS C 193 24.15 -0.22 19.22
C HIS C 193 24.01 0.20 20.68
N LYS C 194 23.79 1.49 20.93
CA LYS C 194 23.81 1.99 22.29
C LYS C 194 22.58 2.81 22.65
N VAL C 195 22.27 3.84 21.85
CA VAL C 195 21.19 4.78 22.16
C VAL C 195 19.94 4.38 21.40
N TYR C 196 18.85 4.15 22.12
CA TYR C 196 17.54 3.87 21.57
C TYR C 196 16.58 4.98 21.99
N ALA C 197 15.57 5.25 21.15
CA ALA C 197 14.64 6.32 21.44
C ALA C 197 13.42 6.20 20.54
N CYS C 198 12.31 6.80 20.97
CA CYS C 198 11.14 6.86 20.10
C CYS C 198 10.77 8.33 19.84
N GLU C 199 10.13 8.55 18.69
CA GLU C 199 9.83 9.88 18.17
C GLU C 199 8.33 10.00 17.97
N VAL C 200 7.68 10.77 18.84
CA VAL C 200 6.24 10.97 18.80
C VAL C 200 5.95 12.40 18.34
N THR C 201 4.88 12.54 17.52
CA THR C 201 4.42 13.83 17.01
C THR C 201 2.89 13.83 17.08
N HIS C 202 2.36 14.14 18.27
CA HIS C 202 0.92 14.27 18.43
C HIS C 202 0.45 15.64 17.95
N GLN C 203 -0.85 15.73 17.68
CA GLN C 203 -1.43 16.98 17.20
C GLN C 203 -1.41 18.06 18.28
N GLY C 204 -1.47 17.67 19.54
CA GLY C 204 -1.38 18.63 20.64
C GLY C 204 0.05 18.89 21.08
N LEU C 205 0.99 18.58 20.19
CA LEU C 205 2.42 18.73 20.46
C LEU C 205 3.02 19.63 19.37
N SER C 206 3.24 20.90 19.69
CA SER C 206 3.92 21.80 18.77
C SER C 206 5.34 21.31 18.48
N SER C 207 6.01 20.77 19.50
CA SER C 207 7.37 20.29 19.37
C SER C 207 7.38 18.77 19.54
N PRO C 208 7.86 18.02 18.55
CA PRO C 208 7.99 16.56 18.73
C PRO C 208 8.82 16.19 19.95
N VAL C 209 8.24 16.30 21.15
CA VAL C 209 8.93 15.99 22.38
C VAL C 209 8.97 14.48 22.57
N THR C 210 10.14 13.96 22.97
CA THR C 210 10.40 12.53 22.82
C THR C 210 11.32 12.05 23.93
N LYS C 211 11.48 10.72 24.01
CA LYS C 211 12.24 10.09 25.08
C LYS C 211 13.21 9.06 24.51
N SER C 212 14.28 8.84 25.30
CA SER C 212 15.45 8.08 24.88
C SER C 212 16.05 7.37 26.08
N PHE C 213 16.99 6.47 25.80
CA PHE C 213 17.73 5.73 26.82
C PHE C 213 18.92 5.05 26.16
N ASN C 214 19.96 4.80 26.96
CA ASN C 214 21.21 4.25 26.45
C ASN C 214 21.30 2.75 26.78
N ARG C 215 22.53 2.23 26.79
CA ARG C 215 22.80 0.82 27.09
C ARG C 215 22.08 -0.13 26.13
N CYS D 1 -2.74 25.19 16.52
CA CYS D 1 -1.59 25.59 15.71
C CYS D 1 -0.93 24.39 15.05
N ASP D 2 -1.01 23.25 15.74
CA ASP D 2 -0.58 21.91 15.30
C ASP D 2 0.73 21.86 14.51
N ASN D 3 0.96 20.72 13.85
CA ASN D 3 2.11 20.47 12.98
C ASN D 3 3.45 20.49 13.72
N LEU D 4 4.49 20.00 13.06
CA LEU D 4 5.86 20.01 13.57
C LEU D 4 6.81 20.88 12.75
N TRP D 5 6.60 20.98 11.43
CA TRP D 5 7.33 21.84 10.50
C TRP D 5 8.72 21.32 10.14
N VAL D 6 8.95 20.00 10.24
CA VAL D 6 10.17 19.33 9.78
C VAL D 6 11.41 20.05 10.29
N THR D 7 11.89 19.66 11.47
CA THR D 7 12.94 20.41 12.14
C THR D 7 13.81 19.48 12.97
N VAL D 8 15.13 19.55 12.76
CA VAL D 8 16.11 18.77 13.50
C VAL D 8 17.51 19.23 13.07
N TYR D 9 17.55 19.93 11.92
CA TYR D 9 18.73 20.43 11.22
C TYR D 9 20.10 20.27 11.88
N TYR D 10 21.08 19.80 11.11
CA TYR D 10 22.46 19.73 11.55
C TYR D 10 23.39 20.04 10.38
N GLY D 11 24.59 20.51 10.72
CA GLY D 11 25.57 20.93 9.74
C GLY D 11 26.61 21.83 10.40
N VAL D 12 27.40 22.48 9.56
CA VAL D 12 28.35 23.48 10.08
C VAL D 12 27.58 24.53 10.88
N PRO D 13 28.01 24.87 12.12
CA PRO D 13 27.24 25.75 13.01
C PRO D 13 26.86 27.10 12.40
N VAL D 14 25.87 27.78 12.98
CA VAL D 14 25.33 29.00 12.41
C VAL D 14 25.28 30.05 13.52
N TRP D 15 25.37 29.58 14.76
CA TRP D 15 25.17 30.44 15.91
C TRP D 15 26.50 31.04 16.39
N LYS D 16 26.45 32.31 16.77
CA LYS D 16 27.56 33.00 17.41
C LYS D 16 27.10 33.54 18.76
N ASP D 17 27.79 33.16 19.83
CA ASP D 17 27.36 33.54 21.18
C ASP D 17 27.41 35.06 21.33
N ALA D 18 26.25 35.69 21.48
CA ALA D 18 26.17 37.14 21.53
C ALA D 18 25.15 37.53 22.61
N ASP D 19 24.69 38.78 22.55
CA ASP D 19 23.75 39.31 23.52
C ASP D 19 22.84 40.31 22.82
N THR D 20 21.64 40.49 23.36
CA THR D 20 20.66 41.44 22.83
C THR D 20 19.59 41.67 23.88
N THR D 21 18.56 42.42 23.52
CA THR D 21 17.40 42.64 24.37
C THR D 21 16.31 41.64 24.02
N LEU D 22 15.60 41.15 25.03
CA LEU D 22 14.60 40.11 24.87
C LEU D 22 13.32 40.56 25.54
N PHE D 23 12.21 40.51 24.79
CA PHE D 23 10.95 41.04 25.29
C PHE D 23 10.12 39.95 25.95
N CYS D 24 9.46 40.31 27.05
CA CYS D 24 8.70 39.33 27.81
C CYS D 24 7.39 38.99 27.09
N ALA D 25 6.79 37.88 27.52
CA ALA D 25 5.54 37.41 26.95
C ALA D 25 4.71 36.75 28.04
N SER D 26 3.40 36.92 28.01
CA SER D 26 2.59 36.24 29.02
C SER D 26 1.20 35.93 28.47
N ASP D 27 0.22 35.81 29.36
CA ASP D 27 -1.16 35.55 28.96
C ASP D 27 -2.11 36.50 29.67
N HIS D 42 -0.14 45.73 28.93
CA HIS D 42 0.72 46.72 28.31
C HIS D 42 2.03 46.13 27.81
N ALA D 43 2.86 45.68 28.75
CA ALA D 43 4.23 45.26 28.45
C ALA D 43 4.28 43.97 27.63
N CYS D 44 4.28 42.83 28.33
CA CYS D 44 4.48 41.55 27.66
C CYS D 44 3.37 41.25 26.66
N VAL D 45 3.67 40.35 25.73
CA VAL D 45 2.79 40.02 24.61
C VAL D 45 2.19 38.64 24.84
N PRO D 46 1.10 38.28 24.16
CA PRO D 46 0.53 36.94 24.34
C PRO D 46 1.46 35.87 23.79
N THR D 47 1.59 34.79 24.56
CA THR D 47 2.41 33.66 24.15
C THR D 47 1.81 33.00 22.91
N ASP D 48 2.66 32.25 22.20
CA ASP D 48 2.15 31.64 20.97
C ASP D 48 1.85 30.17 21.18
N PRO D 49 0.75 29.67 20.60
CA PRO D 49 0.38 28.26 20.81
C PRO D 49 1.43 27.27 20.34
N CYS D 50 2.28 27.64 19.38
CA CYS D 50 3.30 26.76 18.83
C CYS D 50 4.68 27.35 19.10
N PRO D 51 5.21 27.18 20.32
CA PRO D 51 6.61 27.54 20.56
C PRO D 51 7.53 26.57 19.82
N GLN D 52 8.43 27.13 19.01
CA GLN D 52 9.17 26.33 18.04
C GLN D 52 10.21 25.46 18.73
N GLU D 53 10.99 24.74 17.92
CA GLU D 53 11.90 23.72 18.39
C GLU D 53 12.81 23.28 17.23
N ILE D 54 14.09 23.06 17.54
CA ILE D 54 15.05 22.50 16.59
C ILE D 54 16.19 21.86 17.38
N HIS D 55 16.45 20.58 17.12
CA HIS D 55 17.61 19.92 17.70
C HIS D 55 18.87 20.25 16.92
N LEU D 56 20.01 19.90 17.50
CA LEU D 56 21.32 20.19 16.90
C LEU D 56 22.19 18.95 17.08
N GLU D 57 22.33 18.16 16.03
CA GLU D 57 23.02 16.88 16.13
C GLU D 57 24.50 17.09 16.45
N ASN D 58 25.10 16.06 17.06
CA ASN D 58 26.39 16.07 17.75
C ASN D 58 27.06 17.43 17.86
N VAL D 59 26.38 18.40 18.44
CA VAL D 59 26.98 19.69 18.74
C VAL D 59 27.21 19.75 20.25
N THR D 60 28.22 20.51 20.65
CA THR D 60 28.65 20.58 22.04
C THR D 60 29.02 22.02 22.35
N GLU D 61 28.25 22.67 23.21
CA GLU D 61 28.45 24.09 23.49
C GLU D 61 28.57 24.33 24.98
N ASN D 62 29.28 25.39 25.35
CA ASN D 62 29.53 25.70 26.75
C ASN D 62 28.40 26.54 27.34
N PHE D 63 28.19 26.41 28.64
CA PHE D 63 27.17 27.16 29.35
C PHE D 63 27.71 27.55 30.72
N ASN D 64 27.79 28.86 30.96
CA ASN D 64 28.08 29.42 32.28
C ASN D 64 26.81 30.13 32.74
N MET D 65 26.13 29.53 33.73
CA MET D 65 24.90 30.13 34.25
C MET D 65 25.17 31.37 35.09
N TRP D 66 26.38 31.53 35.61
CA TRP D 66 26.67 32.61 36.54
C TRP D 66 27.07 33.91 35.83
N LYS D 67 27.89 33.82 34.79
CA LYS D 67 28.27 34.99 33.99
C LYS D 67 27.50 34.90 32.68
N ASN D 68 26.28 35.45 32.69
CA ASN D 68 25.42 35.45 31.51
C ASN D 68 24.51 36.66 31.60
N ASN D 69 24.30 37.33 30.47
CA ASN D 69 23.60 38.61 30.47
C ASN D 69 22.16 38.48 30.93
N MET D 70 21.45 37.46 30.45
CA MET D 70 20.00 37.32 30.60
C MET D 70 19.48 37.66 32.00
N VAL D 71 20.19 37.19 33.03
CA VAL D 71 19.76 37.42 34.41
C VAL D 71 19.48 38.90 34.64
N GLU D 72 20.48 39.75 34.36
CA GLU D 72 20.31 41.18 34.59
C GLU D 72 19.06 41.72 33.89
N GLN D 73 18.77 41.21 32.69
CA GLN D 73 17.52 41.57 32.02
C GLN D 73 16.34 41.45 32.96
N MET D 74 16.10 40.22 33.44
CA MET D 74 15.00 40.02 34.38
C MET D 74 15.15 40.92 35.60
N GLN D 75 16.39 41.10 36.07
CA GLN D 75 16.63 41.89 37.26
C GLN D 75 16.12 43.32 37.09
N GLU D 76 16.13 43.82 35.85
CA GLU D 76 15.51 45.11 35.59
C GLU D 76 14.01 44.97 35.31
N ASP D 77 13.62 43.93 34.57
CA ASP D 77 12.22 43.77 34.22
C ASP D 77 11.34 43.63 35.45
N VAL D 78 11.75 42.78 36.39
CA VAL D 78 11.06 42.71 37.68
C VAL D 78 10.99 44.09 38.31
N ILE D 79 12.11 44.81 38.33
CA ILE D 79 12.11 46.20 38.78
C ILE D 79 11.16 47.02 37.90
N SER D 80 11.29 46.86 36.58
CA SER D 80 10.45 47.57 35.62
C SER D 80 9.01 47.07 35.72
N LEU D 81 8.72 46.29 36.76
CA LEU D 81 7.38 45.84 37.10
C LEU D 81 6.88 46.42 38.41
N TRP D 82 7.76 46.55 39.41
CA TRP D 82 7.31 47.00 40.72
C TRP D 82 7.12 48.50 40.78
N ASP D 83 7.93 49.28 40.04
CA ASP D 83 7.73 50.72 39.99
C ASP D 83 6.41 51.12 39.32
N GLN D 84 5.61 50.14 38.90
CA GLN D 84 4.18 50.34 38.63
C GLN D 84 3.34 50.01 39.86
N SER D 85 3.42 48.78 40.34
CA SER D 85 2.69 48.36 41.53
C SER D 85 3.28 48.98 42.80
N SER D 106 -4.46 43.37 43.15
CA SER D 106 -4.11 42.23 43.99
C SER D 106 -2.65 41.81 43.79
N PHE D 107 -2.39 40.51 43.86
CA PHE D 107 -1.03 40.01 43.88
C PHE D 107 -0.99 38.51 43.60
N ASP D 108 -0.41 38.12 42.47
CA ASP D 108 -0.28 36.72 42.10
C ASP D 108 0.90 36.53 41.16
N PRO D 109 2.07 36.09 41.67
CA PRO D 109 3.26 35.96 40.81
C PRO D 109 3.03 35.09 39.58
N ILE D 110 2.75 35.74 38.45
CA ILE D 110 2.48 35.06 37.19
C ILE D 110 3.82 34.69 36.54
N PRO D 111 3.93 33.51 35.91
CA PRO D 111 5.13 33.21 35.13
C PRO D 111 5.10 33.90 33.77
N ILE D 112 6.19 34.56 33.42
CA ILE D 112 6.32 35.22 32.13
C ILE D 112 7.49 34.60 31.37
N HIS D 113 7.38 34.68 30.05
CA HIS D 113 8.31 34.14 29.07
C HIS D 113 9.24 35.25 28.58
N TYR D 114 10.31 34.85 27.88
CA TYR D 114 11.29 35.79 27.36
C TYR D 114 11.63 35.41 25.93
N CYS D 115 11.15 36.18 24.96
CA CYS D 115 11.37 35.92 23.55
C CYS D 115 12.42 36.87 22.98
N THR D 116 13.04 36.45 21.88
CA THR D 116 14.09 37.20 21.20
C THR D 116 13.61 37.75 19.86
N PRO D 117 14.17 38.86 19.40
CA PRO D 117 13.75 39.41 18.10
C PRO D 117 14.28 38.57 16.94
N ALA D 118 13.69 38.82 15.78
CA ALA D 118 14.05 38.09 14.56
C ALA D 118 15.54 38.27 14.27
N GLY D 119 16.27 37.16 14.30
CA GLY D 119 17.70 37.17 14.08
C GLY D 119 18.53 36.69 15.25
N TYR D 120 17.94 36.58 16.45
CA TYR D 120 18.63 36.04 17.60
C TYR D 120 17.80 34.89 18.16
N VAL D 121 18.48 33.82 18.57
CA VAL D 121 17.84 32.59 19.03
C VAL D 121 18.36 32.27 20.43
N ILE D 122 17.59 31.50 21.19
CA ILE D 122 18.04 31.01 22.48
C ILE D 122 18.45 29.55 22.32
N LEU D 123 19.55 29.17 22.95
CA LEU D 123 19.97 27.78 23.00
C LEU D 123 19.74 27.23 24.40
N LYS D 124 19.43 25.94 24.47
CA LYS D 124 18.96 25.29 25.68
C LYS D 124 19.67 23.95 25.83
N CYS D 125 20.22 23.69 27.01
CA CYS D 125 20.93 22.45 27.30
C CYS D 125 19.94 21.47 27.94
N ASN D 126 19.66 20.38 27.23
CA ASN D 126 18.69 19.38 27.67
C ASN D 126 19.32 18.27 28.50
N ASP D 127 20.62 18.35 28.78
CA ASP D 127 21.28 17.33 29.58
C ASP D 127 20.71 17.32 30.98
N LYS D 128 20.60 16.12 31.57
CA LYS D 128 19.92 15.94 32.84
C LYS D 128 20.81 16.16 34.05
N ASN D 129 22.10 15.85 33.95
CA ASN D 129 23.04 15.98 35.06
C ASN D 129 24.05 17.07 34.71
N PHE D 130 23.61 18.32 34.85
CA PHE D 130 24.43 19.48 34.49
C PHE D 130 24.90 20.17 35.75
N ASN D 131 26.22 20.38 35.86
CA ASN D 131 26.81 21.05 37.02
C ASN D 131 26.56 22.55 36.97
N GLY D 132 25.61 22.97 36.14
CA GLY D 132 25.34 24.39 35.96
C GLY D 132 26.39 25.07 35.10
N THR D 133 27.64 24.64 35.26
CA THR D 133 28.77 25.21 34.53
C THR D 133 29.44 24.11 33.74
N GLY D 134 29.55 24.30 32.43
CA GLY D 134 30.28 23.36 31.61
C GLY D 134 29.70 23.15 30.23
N PRO D 135 30.25 22.21 29.49
CA PRO D 135 29.73 21.92 28.15
C PRO D 135 28.53 20.98 28.18
N CYS D 136 27.69 21.14 27.18
CA CYS D 136 26.51 20.31 26.95
C CYS D 136 26.62 19.68 25.59
N LYS D 137 26.17 18.42 25.49
CA LYS D 137 26.26 17.62 24.28
C LYS D 137 24.88 17.18 23.78
N ASN D 138 23.83 17.89 24.19
CA ASN D 138 22.46 17.63 23.75
C ASN D 138 21.66 18.92 23.86
N VAL D 139 21.92 19.89 22.99
CA VAL D 139 21.28 21.19 23.06
C VAL D 139 20.28 21.33 21.93
N SER D 140 19.26 22.15 22.19
CA SER D 140 18.22 22.45 21.22
C SER D 140 17.98 23.95 21.19
N SER D 141 17.46 24.43 20.07
CA SER D 141 17.19 25.85 19.90
C SER D 141 15.73 26.15 20.20
N VAL D 142 15.49 27.38 20.68
CA VAL D 142 14.15 27.86 21.02
C VAL D 142 14.10 29.35 20.75
N GLN D 143 12.88 29.88 20.72
CA GLN D 143 12.65 31.32 20.61
C GLN D 143 12.33 31.98 21.95
N CYS D 144 11.57 31.29 22.80
CA CYS D 144 11.18 31.81 24.09
C CYS D 144 11.42 30.76 25.16
N THR D 145 11.83 31.21 26.34
CA THR D 145 12.09 30.30 27.44
C THR D 145 10.76 29.79 28.04
N HIS D 146 10.89 28.84 28.96
CA HIS D 146 9.71 28.38 29.69
C HIS D 146 9.24 29.47 30.64
N GLY D 147 8.00 29.31 31.12
CA GLY D 147 7.43 30.26 32.05
C GLY D 147 8.14 30.28 33.39
N ILE D 148 8.90 31.33 33.64
CA ILE D 148 9.64 31.48 34.90
C ILE D 148 8.80 32.32 35.85
N LYS D 149 8.56 31.79 37.06
CA LYS D 149 7.79 32.50 38.06
C LYS D 149 8.74 33.37 38.87
N PRO D 150 8.64 34.71 38.79
CA PRO D 150 9.59 35.56 39.50
C PRO D 150 9.25 35.72 40.98
N VAL D 151 9.94 34.98 41.83
CA VAL D 151 9.72 34.99 43.27
C VAL D 151 10.96 35.59 43.95
N VAL D 152 10.80 36.79 44.49
CA VAL D 152 11.82 37.33 45.40
C VAL D 152 11.76 36.52 46.69
N SER D 153 12.90 35.94 47.08
CA SER D 153 12.93 35.07 48.23
C SER D 153 14.34 35.03 48.79
N THR D 154 14.44 34.80 50.10
CA THR D 154 15.70 34.56 50.77
C THR D 154 15.73 33.13 51.29
N GLN D 155 16.92 32.70 51.70
CA GLN D 155 17.14 31.34 52.22
C GLN D 155 16.81 30.25 51.20
N LEU D 156 15.57 30.20 50.72
CA LEU D 156 15.14 29.12 49.82
C LEU D 156 14.36 29.72 48.66
N LEU D 157 13.81 28.83 47.83
CA LEU D 157 13.08 29.19 46.63
C LEU D 157 11.70 28.52 46.64
N LEU D 158 10.72 29.21 46.07
CA LEU D 158 9.34 28.74 46.04
C LEU D 158 8.79 28.78 44.63
N ASN D 159 7.84 27.88 44.36
CA ASN D 159 7.12 27.82 43.08
C ASN D 159 8.06 27.73 41.88
N GLY D 160 9.28 27.26 42.10
CA GLY D 160 10.28 27.18 41.06
C GLY D 160 10.43 25.77 40.51
N SER D 161 11.20 25.67 39.43
CA SER D 161 11.36 24.41 38.71
C SER D 161 12.11 23.39 39.56
N LEU D 162 11.97 22.13 39.16
CA LEU D 162 12.64 21.01 39.79
C LEU D 162 13.68 20.41 38.85
N ALA D 163 14.68 19.75 39.43
CA ALA D 163 15.55 18.90 38.65
C ALA D 163 14.79 17.65 38.22
N GLU D 164 15.44 16.79 37.46
CA GLU D 164 14.78 15.57 36.98
C GLU D 164 15.54 14.29 37.31
N GLU D 165 16.82 14.37 37.67
CA GLU D 165 17.53 13.21 38.18
C GLU D 165 18.07 13.51 39.58
N GLU D 166 19.38 13.35 39.76
CA GLU D 166 19.97 13.53 41.08
C GLU D 166 19.89 14.99 41.52
N ILE D 167 19.71 15.18 42.83
CA ILE D 167 19.67 16.53 43.40
C ILE D 167 20.98 17.23 43.11
N ILE D 168 20.90 18.47 42.64
CA ILE D 168 22.06 19.17 42.08
C ILE D 168 22.45 20.34 42.97
N ILE D 169 23.75 20.45 43.26
CA ILE D 169 24.31 21.58 43.98
C ILE D 169 25.17 22.37 43.02
N ARG D 170 25.10 23.70 43.09
CA ARG D 170 25.86 24.54 42.17
C ARG D 170 26.46 25.73 42.90
N SER D 171 27.73 26.02 42.58
CA SER D 171 28.39 27.15 43.24
C SER D 171 29.60 27.68 42.45
N GLU D 172 29.69 27.42 41.15
CA GLU D 172 30.84 27.81 40.33
C GLU D 172 32.15 27.38 40.98
N ASN D 173 32.85 28.33 41.59
CA ASN D 173 34.08 28.05 42.32
C ASN D 173 33.69 27.59 43.73
N LEU D 174 33.24 26.34 43.82
CA LEU D 174 33.01 25.75 45.13
C LEU D 174 34.31 25.64 45.91
N THR D 175 35.43 25.54 45.18
CA THR D 175 36.74 25.62 45.83
C THR D 175 36.98 27.00 46.44
N ASN D 176 36.29 28.03 45.95
CA ASN D 176 36.34 29.34 46.61
C ASN D 176 35.51 29.30 47.89
N ASN D 177 35.95 30.11 48.85
CA ASN D 177 35.31 30.16 50.17
C ASN D 177 34.28 31.27 50.28
N ALA D 178 33.70 31.71 49.17
CA ALA D 178 32.82 32.88 49.23
C ALA D 178 31.81 32.98 48.09
N LYS D 179 31.65 31.91 47.30
CA LYS D 179 30.68 31.91 46.22
C LYS D 179 29.38 31.26 46.66
N THR D 180 28.26 31.87 46.27
CA THR D 180 26.95 31.41 46.73
C THR D 180 26.64 30.02 46.21
N ILE D 181 25.86 29.28 46.98
CA ILE D 181 25.53 27.89 46.68
C ILE D 181 24.02 27.77 46.50
N ILE D 182 23.60 27.13 45.42
CA ILE D 182 22.20 26.89 45.11
C ILE D 182 21.95 25.39 45.14
N VAL D 183 20.89 24.98 45.82
CA VAL D 183 20.51 23.58 45.97
C VAL D 183 19.21 23.37 45.21
N HIS D 184 19.29 22.62 44.11
CA HIS D 184 18.14 22.33 43.25
C HIS D 184 17.65 20.92 43.55
N LEU D 185 16.40 20.82 43.96
CA LEU D 185 15.82 19.61 44.52
C LEU D 185 15.39 18.63 43.42
N ASN D 186 15.16 17.39 43.85
CA ASN D 186 14.54 16.35 43.03
C ASN D 186 13.03 16.33 43.18
N LYS D 187 12.48 17.09 44.14
CA LYS D 187 11.08 16.98 44.53
C LYS D 187 10.67 18.24 45.27
N SER D 188 9.47 18.74 44.96
CA SER D 188 8.92 19.87 45.68
C SER D 188 8.45 19.44 47.06
N VAL D 189 8.46 20.39 47.99
CA VAL D 189 7.93 20.15 49.34
C VAL D 189 6.95 21.26 49.67
N GLU D 190 5.68 20.89 49.87
CA GLU D 190 4.65 21.89 50.13
C GLU D 190 4.89 22.57 51.48
N ILE D 191 5.06 23.89 51.45
CA ILE D 191 5.07 24.72 52.65
C ILE D 191 3.77 25.53 52.66
N ASN D 192 3.19 25.69 53.84
CA ASN D 192 1.87 26.29 53.98
C ASN D 192 1.93 27.39 55.05
N CYS D 193 2.06 28.66 54.64
CA CYS D 193 2.25 29.75 55.57
C CYS D 193 0.90 30.42 55.88
N THR D 194 0.65 30.67 57.17
CA THR D 194 -0.64 31.09 57.67
C THR D 194 -0.48 32.27 58.62
N ARG D 195 -1.34 33.28 58.43
CA ARG D 195 -1.48 34.42 59.31
C ARG D 195 -2.85 34.36 59.96
N PRO D 196 -2.93 34.23 61.29
CA PRO D 196 -4.23 34.19 61.97
C PRO D 196 -4.72 35.59 62.33
N SER D 197 -6.05 35.74 62.28
CA SER D 197 -6.67 37.03 62.54
C SER D 197 -7.65 36.96 63.71
N LYS D 209 3.21 37.96 63.77
CA LYS D 209 3.15 36.69 64.50
C LYS D 209 2.35 35.63 63.73
N ALA D 210 2.79 35.34 62.51
CA ALA D 210 2.25 34.27 61.68
C ALA D 210 3.13 33.04 61.83
N TYR D 211 2.90 32.03 60.99
CA TYR D 211 3.78 30.86 60.99
C TYR D 211 3.46 29.97 59.80
N CYS D 212 4.48 29.29 59.30
CA CYS D 212 4.32 28.30 58.24
C CYS D 212 4.28 26.89 58.84
N GLU D 213 3.71 25.98 58.06
CA GLU D 213 3.59 24.57 58.43
C GLU D 213 4.24 23.74 57.34
N ILE D 214 5.10 22.80 57.75
CA ILE D 214 5.82 21.93 56.82
C ILE D 214 5.80 20.52 57.41
N ASN D 215 6.05 19.54 56.54
CA ASN D 215 6.15 18.14 56.96
C ASN D 215 7.60 17.86 57.33
N GLY D 216 7.85 17.65 58.62
CA GLY D 216 9.23 17.43 59.07
C GLY D 216 9.82 16.12 58.60
N THR D 217 8.98 15.11 58.36
CA THR D 217 9.47 13.82 57.88
C THR D 217 10.22 13.98 56.56
N LYS D 218 9.50 14.42 55.52
CA LYS D 218 10.13 14.65 54.23
C LYS D 218 11.23 15.68 54.34
N TRP D 219 11.03 16.71 55.17
CA TRP D 219 12.06 17.71 55.41
C TRP D 219 13.40 17.07 55.75
N ASN D 220 13.45 16.35 56.88
CA ASN D 220 14.71 15.79 57.34
C ASN D 220 15.22 14.68 56.41
N LYS D 221 14.32 13.90 55.82
CA LYS D 221 14.78 12.79 54.96
C LYS D 221 15.41 13.32 53.68
N VAL D 222 14.75 14.27 53.00
CA VAL D 222 15.30 14.85 51.79
C VAL D 222 16.53 15.70 52.12
N LEU D 223 16.58 16.29 53.31
CA LEU D 223 17.79 16.98 53.72
C LEU D 223 18.95 16.02 53.87
N LYS D 224 18.69 14.81 54.39
CA LYS D 224 19.75 13.80 54.46
C LYS D 224 20.15 13.31 53.08
N GLN D 225 19.21 13.26 52.14
CA GLN D 225 19.57 12.95 50.76
C GLN D 225 20.52 14.00 50.19
N VAL D 226 20.19 15.27 50.37
CA VAL D 226 21.08 16.34 49.93
C VAL D 226 22.41 16.27 50.66
N THR D 227 22.39 15.78 51.91
CA THR D 227 23.65 15.61 52.66
C THR D 227 24.51 14.51 52.06
N GLU D 228 23.89 13.42 51.61
CA GLU D 228 24.64 12.40 50.87
C GLU D 228 25.21 12.98 49.59
N LYS D 229 24.46 13.86 48.93
CA LYS D 229 25.00 14.56 47.76
C LYS D 229 26.25 15.37 48.14
N LEU D 230 26.17 16.12 49.25
CA LEU D 230 27.32 16.87 49.71
C LEU D 230 28.50 15.96 50.02
N LYS D 231 28.24 14.81 50.64
CA LYS D 231 29.30 13.86 50.95
C LYS D 231 29.98 13.36 49.68
N GLU D 232 29.19 12.98 48.68
CA GLU D 232 29.77 12.57 47.40
C GLU D 232 30.41 13.74 46.66
N HIS D 233 30.15 14.98 47.10
CA HIS D 233 30.90 16.13 46.61
C HIS D 233 32.01 16.57 47.58
N PHE D 234 31.97 16.12 48.84
CA PHE D 234 33.00 16.44 49.84
C PHE D 234 33.51 15.13 50.45
N ASN D 235 34.27 14.38 49.63
CA ASN D 235 34.92 13.11 49.94
C ASN D 235 34.69 12.55 51.35
N ASN D 236 33.51 11.99 51.59
CA ASN D 236 33.23 11.21 52.81
C ASN D 236 33.39 12.04 54.07
N LYS D 237 33.13 13.34 53.98
CA LYS D 237 33.23 14.24 55.12
C LYS D 237 31.86 14.55 55.70
N THR D 238 31.80 14.74 57.01
CA THR D 238 30.55 15.02 57.70
C THR D 238 30.21 16.51 57.59
N ILE D 239 28.92 16.80 57.39
CA ILE D 239 28.43 18.14 57.13
C ILE D 239 27.51 18.56 58.28
N ILE D 240 27.56 19.85 58.64
CA ILE D 240 26.75 20.40 59.71
C ILE D 240 26.00 21.62 59.19
N PHE D 241 24.83 21.88 59.79
CA PHE D 241 24.07 23.10 59.59
C PHE D 241 24.19 23.98 60.83
N GLN D 242 24.15 25.29 60.62
CA GLN D 242 24.24 26.24 61.71
C GLN D 242 23.36 27.44 61.43
N PRO D 243 22.81 28.06 62.47
CA PRO D 243 22.11 29.33 62.31
C PRO D 243 23.08 30.47 62.08
N PRO D 244 22.65 31.55 61.42
CA PRO D 244 23.60 32.62 61.05
C PRO D 244 24.07 33.44 62.25
N SER D 245 24.77 34.53 61.96
CA SER D 245 25.28 35.42 63.00
C SER D 245 24.32 36.55 63.33
N GLY D 246 23.38 36.86 62.46
CA GLY D 246 22.44 37.94 62.66
C GLY D 246 22.71 39.11 61.74
N GLY D 247 22.07 40.23 62.07
CA GLY D 247 22.25 41.45 61.30
C GLY D 247 20.97 41.97 60.69
N ASP D 248 20.79 41.73 59.39
CA ASP D 248 19.62 42.18 58.66
C ASP D 248 18.60 41.05 58.62
N LEU D 249 17.40 41.30 59.15
CA LEU D 249 16.36 40.27 59.18
C LEU D 249 15.89 39.86 57.80
N GLU D 250 16.32 40.56 56.74
CA GLU D 250 16.09 40.07 55.39
C GLU D 250 17.08 38.97 55.04
N ILE D 251 18.31 39.04 55.55
CA ILE D 251 19.33 38.06 55.20
C ILE D 251 19.43 36.92 56.22
N THR D 252 18.97 37.12 57.46
CA THR D 252 19.00 36.10 58.48
C THR D 252 17.61 35.56 58.84
N MET D 253 16.58 35.99 58.12
CA MET D 253 15.24 35.44 58.25
C MET D 253 14.63 35.29 56.86
N HIS D 254 13.65 34.39 56.76
CA HIS D 254 13.03 34.07 55.48
C HIS D 254 12.14 35.22 55.04
N SER D 255 12.53 35.92 53.99
CA SER D 255 11.83 37.10 53.50
C SER D 255 11.15 36.78 52.18
N PHE D 256 9.83 36.94 52.11
CA PHE D 256 9.16 36.89 50.83
C PHE D 256 7.78 37.52 50.91
N ASN D 257 7.25 37.92 49.76
CA ASN D 257 5.98 38.63 49.70
C ASN D 257 4.83 37.66 49.53
N CYS D 258 3.70 38.01 50.14
CA CYS D 258 2.45 37.25 50.02
C CYS D 258 1.30 38.22 50.31
N ARG D 259 0.33 38.27 49.38
CA ARG D 259 -0.90 39.05 49.53
C ARG D 259 -0.61 40.46 50.03
N GLY D 260 0.32 41.14 49.37
CA GLY D 260 0.73 42.50 49.68
C GLY D 260 1.77 42.69 50.77
N GLU D 261 1.78 41.80 51.77
CA GLU D 261 2.67 41.98 52.91
C GLU D 261 3.89 41.07 52.77
N PHE D 262 4.79 41.14 53.75
CA PHE D 262 6.06 40.43 53.69
C PHE D 262 6.25 39.54 54.91
N PHE D 263 6.38 38.24 54.66
CA PHE D 263 6.69 37.25 55.68
C PHE D 263 8.19 37.22 55.95
N TYR D 264 8.55 37.07 57.22
CA TYR D 264 9.94 36.94 57.67
C TYR D 264 10.00 35.84 58.72
N CYS D 265 10.52 34.68 58.34
CA CYS D 265 10.38 33.46 59.12
C CYS D 265 11.72 32.91 59.58
N ASN D 266 11.89 32.79 60.89
CA ASN D 266 13.00 32.07 61.48
C ASN D 266 12.94 30.60 61.08
N THR D 267 14.10 29.94 61.00
CA THR D 267 14.17 28.54 60.57
C THR D 267 14.91 27.68 61.58
N THR D 268 14.77 27.98 62.88
CA THR D 268 15.49 27.21 63.89
C THR D 268 15.03 25.77 63.93
N GLN D 269 13.73 25.53 63.77
CA GLN D 269 13.16 24.19 63.80
C GLN D 269 13.40 23.40 62.52
N LEU D 270 14.27 23.89 61.63
CA LEU D 270 14.53 23.21 60.36
C LEU D 270 15.83 22.43 60.38
N PHE D 271 16.94 23.11 60.65
CA PHE D 271 18.28 22.53 60.51
C PHE D 271 18.75 21.94 61.84
N ASN D 272 18.01 20.93 62.29
CA ASN D 272 18.23 20.27 63.58
C ASN D 272 18.94 18.95 63.30
N ASN D 273 20.24 18.91 63.60
CA ASN D 273 21.04 17.72 63.31
C ASN D 273 20.53 16.49 64.03
N THR D 274 19.84 16.68 65.17
CA THR D 274 19.30 15.54 65.92
C THR D 274 18.30 14.75 65.10
N CYS D 275 17.79 15.31 64.00
CA CYS D 275 16.97 14.55 63.07
C CYS D 275 17.80 13.56 62.25
N ILE D 276 19.13 13.63 62.34
CA ILE D 276 20.01 12.79 61.54
C ILE D 276 21.06 12.14 62.43
N MET D 281 17.38 10.52 67.83
CA MET D 281 16.31 11.19 67.10
C MET D 281 15.02 11.22 67.92
N LYS D 282 14.75 12.36 68.54
CA LYS D 282 13.53 12.55 69.33
C LYS D 282 12.55 13.36 68.50
N GLY D 283 11.62 12.65 67.85
CA GLY D 283 10.61 13.30 67.03
C GLY D 283 11.11 13.61 65.63
N CYS D 284 11.20 14.91 65.32
CA CYS D 284 11.71 15.41 64.04
C CYS D 284 10.80 15.06 62.86
N ASN D 285 10.26 13.85 62.83
CA ASN D 285 9.46 13.38 61.70
C ASN D 285 8.04 13.91 61.70
N GLY D 286 7.65 14.70 62.71
CA GLY D 286 6.30 15.24 62.76
C GLY D 286 6.14 16.53 61.99
N THR D 287 4.89 17.00 61.93
CA THR D 287 4.60 18.28 61.28
C THR D 287 5.23 19.40 62.08
N ILE D 288 6.10 20.17 61.43
CA ILE D 288 6.91 21.19 62.09
C ILE D 288 6.38 22.57 61.73
N THR D 289 6.28 23.42 62.75
CA THR D 289 5.85 24.80 62.60
C THR D 289 7.08 25.72 62.57
N LEU D 290 7.02 26.73 61.73
CA LEU D 290 8.10 27.71 61.61
C LEU D 290 7.53 29.10 61.83
N PRO D 291 7.84 29.76 62.94
CA PRO D 291 7.23 31.08 63.21
C PRO D 291 7.64 32.11 62.17
N CYS D 292 6.82 33.16 62.07
CA CYS D 292 6.99 34.19 61.07
C CYS D 292 6.54 35.52 61.66
N LYS D 293 7.10 36.60 61.12
CA LYS D 293 6.80 37.96 61.52
C LYS D 293 6.48 38.74 60.25
N ILE D 294 5.34 39.41 60.24
CA ILE D 294 4.94 40.23 59.10
C ILE D 294 5.54 41.61 59.27
N LYS D 295 6.14 42.14 58.21
CA LYS D 295 6.88 43.39 58.30
C LYS D 295 6.31 44.44 57.36
N GLN D 296 6.14 45.66 57.89
CA GLN D 296 5.82 46.84 57.11
C GLN D 296 7.07 47.54 56.60
N ILE D 297 8.12 47.57 57.43
CA ILE D 297 9.36 48.27 57.14
C ILE D 297 10.39 47.25 56.66
N ILE D 298 10.31 46.89 55.37
CA ILE D 298 11.17 45.85 54.80
C ILE D 298 12.28 46.53 54.01
N ASN D 299 13.53 46.15 54.30
CA ASN D 299 14.70 46.76 53.68
C ASN D 299 14.68 46.58 52.16
N MET D 300 13.92 47.44 51.48
CA MET D 300 13.71 47.29 50.05
C MET D 300 15.02 47.46 49.30
N TRP D 301 15.44 46.42 48.57
CA TRP D 301 16.58 46.53 47.69
C TRP D 301 16.20 47.10 46.33
N GLN D 302 14.91 47.12 45.98
CA GLN D 302 14.47 47.59 44.66
C GLN D 302 15.05 48.95 44.31
N GLY D 303 15.23 49.83 45.29
CA GLY D 303 15.75 51.15 45.04
C GLY D 303 16.58 51.62 46.21
N THR D 304 17.20 52.78 46.05
CA THR D 304 18.01 53.37 47.12
C THR D 304 17.17 53.88 48.28
N GLY D 305 15.86 54.00 48.10
CA GLY D 305 14.95 54.26 49.19
C GLY D 305 14.24 52.99 49.61
N GLN D 306 13.60 53.06 50.78
CA GLN D 306 12.89 51.92 51.32
C GLN D 306 11.39 52.21 51.25
N ALA D 307 10.58 51.42 51.94
CA ALA D 307 9.13 51.62 51.91
C ALA D 307 8.51 51.00 53.15
N MET D 308 7.77 51.81 53.90
CA MET D 308 6.79 51.28 54.83
C MET D 308 5.54 50.89 54.07
N TYR D 309 5.00 49.73 54.38
CA TYR D 309 3.76 49.26 53.77
C TYR D 309 2.60 49.56 54.70
N ALA D 310 1.40 49.58 54.14
CA ALA D 310 0.21 49.66 54.95
C ALA D 310 0.13 48.42 55.84
N PRO D 311 -0.28 48.56 57.10
CA PRO D 311 -0.37 47.40 58.00
C PRO D 311 -1.22 46.30 57.40
N PRO D 312 -1.00 45.05 57.82
CA PRO D 312 -1.70 43.93 57.17
C PRO D 312 -3.21 44.01 57.38
N ILE D 313 -3.95 43.57 56.37
CA ILE D 313 -5.40 43.53 56.44
C ILE D 313 -5.83 42.35 57.31
N ASP D 314 -7.00 42.48 57.93
CA ASP D 314 -7.49 41.44 58.81
C ASP D 314 -8.12 40.31 58.00
N GLY D 315 -8.35 39.19 58.68
CA GLY D 315 -8.81 37.98 58.02
C GLY D 315 -7.68 36.98 57.85
N LYS D 316 -7.96 35.70 58.10
CA LYS D 316 -6.93 34.68 57.98
C LYS D 316 -6.34 34.66 56.58
N ILE D 317 -5.01 34.69 56.50
CA ILE D 317 -4.32 34.70 55.22
C ILE D 317 -3.47 33.44 55.12
N ASN D 318 -3.36 32.91 53.91
CA ASN D 318 -2.61 31.66 53.72
C ASN D 318 -2.00 31.61 52.33
N CYS D 319 -0.68 31.46 52.29
CA CYS D 319 0.07 31.27 51.06
C CYS D 319 0.59 29.84 51.02
N VAL D 320 0.20 29.09 49.99
CA VAL D 320 0.66 27.72 49.79
C VAL D 320 1.70 27.73 48.69
N SER D 321 2.92 27.33 49.01
CA SER D 321 4.00 27.35 48.03
C SER D 321 4.75 26.03 48.06
N ASN D 322 5.68 25.86 47.10
CA ASN D 322 6.46 24.65 46.97
C ASN D 322 7.94 24.99 47.14
N ILE D 323 8.52 24.52 48.24
CA ILE D 323 9.96 24.57 48.46
C ILE D 323 10.64 23.72 47.41
N THR D 324 11.38 24.37 46.49
CA THR D 324 12.18 23.71 45.45
C THR D 324 13.53 24.43 45.42
N GLY D 325 14.46 23.97 46.24
CA GLY D 325 15.79 24.54 46.25
C GLY D 325 16.02 25.47 47.44
N ILE D 326 17.28 25.55 47.86
CA ILE D 326 17.68 26.39 48.99
C ILE D 326 18.96 27.14 48.58
N LEU D 327 19.33 28.13 49.40
CA LEU D 327 20.53 28.92 49.19
C LEU D 327 21.44 28.79 50.40
N LEU D 328 22.66 28.32 50.17
CA LEU D 328 23.58 27.97 51.24
C LEU D 328 24.97 28.53 50.96
N THR D 329 25.74 28.72 52.02
CA THR D 329 27.07 29.32 51.94
C THR D 329 28.08 28.48 52.73
N ARG D 330 29.36 28.73 52.46
CA ARG D 330 30.46 28.03 53.09
C ARG D 330 31.32 28.99 53.92
N ASP D 331 31.98 28.45 54.94
CA ASP D 331 32.83 29.25 55.81
C ASP D 331 34.10 29.68 55.09
N GLY D 332 35.18 28.92 55.29
CA GLY D 332 36.46 29.20 54.65
C GLY D 332 37.55 29.45 55.66
N GLY D 333 38.72 29.85 55.16
CA GLY D 333 39.85 30.17 56.00
C GLY D 333 40.32 29.02 56.86
N ALA D 334 39.45 28.55 57.75
CA ALA D 334 39.74 27.42 58.62
C ALA D 334 39.47 26.13 57.86
N ASN D 335 40.45 25.72 57.05
CA ASN D 335 40.40 24.42 56.38
C ASN D 335 41.80 23.91 56.04
N ASN D 336 42.57 23.34 56.99
CA ASN D 336 42.30 23.04 58.41
C ASN D 336 41.16 22.04 58.65
N THR D 337 41.25 21.34 59.80
CA THR D 337 40.16 20.56 60.35
C THR D 337 39.82 19.36 59.44
N SER D 338 38.98 18.46 59.90
CA SER D 338 38.41 17.39 59.09
C SER D 338 36.91 17.33 59.29
N ASN D 339 36.27 18.51 59.22
CA ASN D 339 34.82 18.64 59.33
C ASN D 339 34.34 19.60 58.25
N GLU D 340 33.02 19.76 58.15
CA GLU D 340 32.42 20.69 57.21
C GLU D 340 31.18 21.32 57.82
N THR D 341 30.97 22.61 57.52
CA THR D 341 29.88 23.38 58.09
C THR D 341 29.28 24.29 57.03
N PHE D 342 27.95 24.48 57.10
CA PHE D 342 27.24 25.36 56.19
C PHE D 342 26.24 26.21 56.97
N ARG D 343 26.00 27.41 56.46
CA ARG D 343 25.06 28.36 57.04
C ARG D 343 24.24 29.00 55.93
N PRO D 344 22.98 29.36 56.21
CA PRO D 344 22.15 30.01 55.18
C PRO D 344 22.52 31.49 55.04
N GLY D 345 22.96 31.87 53.85
CA GLY D 345 23.36 33.25 53.62
C GLY D 345 23.35 33.66 52.17
N GLY D 346 24.30 34.48 51.76
CA GLY D 346 24.32 35.04 50.42
C GLY D 346 23.37 36.21 50.28
N GLY D 347 22.09 35.90 50.10
CA GLY D 347 21.07 36.93 50.07
C GLY D 347 20.91 37.68 48.76
N ASN D 348 21.87 37.54 47.83
CA ASN D 348 21.79 38.26 46.57
C ASN D 348 20.63 37.72 45.74
N ILE D 349 19.60 38.54 45.54
CA ILE D 349 18.41 38.14 44.80
C ILE D 349 18.77 37.68 43.39
N LYS D 350 19.91 38.11 42.86
CA LYS D 350 20.46 37.58 41.61
C LYS D 350 20.32 36.07 41.55
N ASP D 351 20.58 35.41 42.68
CA ASP D 351 20.62 33.95 42.70
C ASP D 351 19.27 33.33 42.33
N ASN D 352 18.16 33.93 42.78
CA ASN D 352 16.86 33.34 42.49
C ASN D 352 16.63 33.24 40.98
N TRP D 353 16.64 34.37 40.28
CA TRP D 353 16.59 34.33 38.82
C TRP D 353 17.76 33.56 38.24
N ARG D 354 18.86 33.45 38.98
CA ARG D 354 20.01 32.71 38.47
C ARG D 354 19.76 31.22 38.47
N SER D 355 18.78 30.75 39.24
CA SER D 355 18.47 29.32 39.24
C SER D 355 17.73 28.95 37.96
N GLU D 356 16.41 29.18 37.92
CA GLU D 356 15.61 28.82 36.77
C GLU D 356 16.03 29.54 35.49
N LEU D 357 17.28 29.32 35.05
CA LEU D 357 17.80 29.93 33.84
C LEU D 357 19.15 29.33 33.46
N TYR D 358 19.57 28.28 34.17
CA TYR D 358 20.89 27.70 33.97
C TYR D 358 21.04 27.01 32.61
N LYS D 359 19.96 26.85 31.85
CA LYS D 359 19.99 26.12 30.59
C LYS D 359 19.53 26.98 29.42
N TYR D 360 19.68 28.31 29.53
CA TYR D 360 19.33 29.21 28.44
C TYR D 360 20.51 30.11 28.13
N LYS D 361 20.70 30.39 26.84
CA LYS D 361 21.82 31.23 26.42
C LYS D 361 21.54 31.87 25.07
N VAL D 362 21.67 33.18 25.00
CA VAL D 362 21.34 33.92 23.78
C VAL D 362 22.46 33.79 22.76
N VAL D 363 22.10 33.49 21.52
CA VAL D 363 23.04 33.45 20.39
C VAL D 363 22.48 34.28 19.26
N GLN D 364 23.38 34.78 18.42
CA GLN D 364 23.09 35.55 17.22
C GLN D 364 23.15 34.63 16.02
N ILE D 365 22.27 34.87 15.05
CA ILE D 365 22.17 34.03 13.87
C ILE D 365 23.00 34.65 12.75
N GLU D 366 23.91 33.85 12.22
CA GLU D 366 24.71 34.22 11.05
C GLU D 366 25.00 32.93 10.32
N PRO D 367 24.29 32.65 9.20
CA PRO D 367 24.62 31.46 8.41
C PRO D 367 26.07 31.51 7.96
N LEU D 368 26.57 30.42 7.38
CA LEU D 368 27.96 30.37 6.88
C LEU D 368 28.95 30.91 7.91
N GLY D 369 28.72 30.59 9.18
CA GLY D 369 29.55 31.05 10.27
C GLY D 369 30.34 29.94 10.94
N ILE D 370 31.10 30.35 11.97
CA ILE D 370 31.92 29.48 12.81
C ILE D 370 32.73 28.54 11.90
N ALA D 371 32.60 27.23 12.11
CA ALA D 371 33.47 26.24 11.48
C ALA D 371 34.93 26.56 11.73
CA GLU E 1 32.68 22.69 -20.60
C GLU E 1 32.25 22.20 -19.21
N VAL E 2 30.95 22.21 -18.96
CA VAL E 2 30.38 21.88 -17.66
C VAL E 2 29.97 20.42 -17.65
N GLN E 3 30.30 19.72 -16.56
CA GLN E 3 29.91 18.33 -16.41
C GLN E 3 29.89 17.98 -14.93
N LEU E 4 29.65 16.71 -14.64
CA LEU E 4 29.74 16.17 -13.30
C LEU E 4 30.00 14.67 -13.40
N VAL E 5 30.99 14.18 -12.65
CA VAL E 5 31.43 12.80 -12.72
C VAL E 5 31.35 12.20 -11.33
N GLU E 6 30.89 10.96 -11.24
CA GLU E 6 30.54 10.33 -9.97
C GLU E 6 31.53 9.22 -9.63
N SER E 7 32.12 9.32 -8.44
CA SER E 7 33.03 8.28 -7.94
C SER E 7 32.23 7.16 -7.30
N GLY E 8 32.82 6.50 -6.29
CA GLY E 8 32.17 5.49 -5.47
C GLY E 8 31.26 4.52 -6.17
N GLY E 9 30.24 4.05 -5.46
CA GLY E 9 29.23 3.17 -6.03
C GLY E 9 29.71 1.77 -6.33
N GLY E 10 29.11 0.77 -5.69
CA GLY E 10 29.54 -0.59 -5.92
C GLY E 10 28.54 -1.66 -5.50
N LEU E 11 28.91 -2.44 -4.50
CA LEU E 11 28.10 -3.57 -4.06
C LEU E 11 28.51 -3.89 -2.62
N VAL E 12 27.59 -3.74 -1.68
CA VAL E 12 27.92 -3.80 -0.26
C VAL E 12 26.87 -4.63 0.48
N LYS E 13 27.35 -5.46 1.41
CA LYS E 13 26.48 -6.33 2.18
C LYS E 13 25.57 -5.52 3.10
N PRO E 14 24.47 -6.12 3.58
CA PRO E 14 23.63 -5.43 4.57
C PRO E 14 24.45 -5.06 5.80
N GLY E 15 24.01 -3.98 6.46
CA GLY E 15 24.72 -3.48 7.63
C GLY E 15 26.11 -2.97 7.33
N GLY E 16 26.39 -2.75 6.05
CA GLY E 16 27.69 -2.27 5.60
C GLY E 16 27.69 -0.77 5.33
N SER E 17 28.76 -0.33 4.69
CA SER E 17 28.96 1.09 4.45
C SER E 17 29.55 1.31 3.06
N LEU E 18 29.67 2.58 2.69
CA LEU E 18 30.13 2.98 1.36
C LEU E 18 30.39 4.48 1.39
N ARG E 19 31.08 4.98 0.37
CA ARG E 19 31.26 6.42 0.23
C ARG E 19 31.19 6.78 -1.25
N LEU E 20 30.33 7.73 -1.59
CA LEU E 20 30.21 8.28 -2.92
C LEU E 20 30.76 9.70 -2.93
N SER E 21 30.98 10.22 -4.14
CA SER E 21 31.31 11.63 -4.31
C SER E 21 31.28 11.95 -5.80
N CYS E 22 31.09 13.23 -6.08
CA CYS E 22 31.15 13.77 -7.43
C CYS E 22 32.28 14.79 -7.52
N ALA E 23 32.87 14.89 -8.70
CA ALA E 23 33.94 15.84 -8.98
C ALA E 23 33.38 16.94 -9.88
N ALA E 24 33.37 18.16 -9.37
CA ALA E 24 32.89 19.29 -10.16
C ALA E 24 33.91 19.66 -11.23
N SER E 25 33.42 20.25 -12.32
CA SER E 25 34.25 20.60 -13.45
C SER E 25 33.46 21.43 -14.46
N GLY E 26 33.72 22.72 -14.51
CA GLY E 26 33.11 23.61 -15.46
C GLY E 26 32.20 24.70 -14.90
N PHE E 27 32.24 24.97 -13.60
CA PHE E 27 31.45 26.05 -13.03
C PHE E 27 31.98 26.38 -11.65
N THR E 28 31.51 27.52 -11.12
CA THR E 28 31.82 27.92 -9.75
C THR E 28 31.12 27.00 -8.76
N PHE E 29 31.80 25.92 -8.37
CA PHE E 29 31.23 24.98 -7.40
C PHE E 29 30.93 25.66 -6.07
N SER E 30 31.81 26.54 -5.61
CA SER E 30 31.60 27.23 -4.33
C SER E 30 30.36 28.13 -4.34
N SER E 31 29.69 28.30 -5.48
CA SER E 31 28.52 29.17 -5.55
C SER E 31 27.21 28.41 -5.36
N TYR E 32 27.08 27.23 -5.96
CA TYR E 32 25.82 26.51 -5.96
C TYR E 32 25.75 25.48 -4.83
N SER E 33 24.52 25.23 -4.40
CA SER E 33 24.23 24.10 -3.53
C SER E 33 24.26 22.80 -4.34
N MET E 34 24.40 21.68 -3.63
CA MET E 34 24.49 20.38 -4.27
C MET E 34 23.41 19.45 -3.75
N ASN E 35 23.01 18.49 -4.59
CA ASN E 35 21.85 17.64 -4.35
C ASN E 35 22.19 16.20 -4.67
N TRP E 36 21.72 15.29 -3.83
CA TRP E 36 21.81 13.85 -4.08
C TRP E 36 20.40 13.29 -4.25
N VAL E 37 20.21 12.52 -5.33
CA VAL E 37 18.93 11.94 -5.70
C VAL E 37 19.14 10.46 -6.02
N ARG E 38 18.19 9.61 -5.64
CA ARG E 38 18.27 8.20 -5.99
C ARG E 38 17.02 7.77 -6.76
N GLN E 39 17.25 6.97 -7.80
CA GLN E 39 16.20 6.32 -8.56
C GLN E 39 16.33 4.82 -8.34
N ALA E 40 15.36 4.24 -7.64
CA ALA E 40 15.34 2.81 -7.40
C ALA E 40 15.05 2.08 -8.71
N PRO E 41 15.10 0.74 -8.75
CA PRO E 41 14.63 0.04 -9.96
C PRO E 41 13.12 0.17 -10.11
N GLY E 42 12.69 0.68 -11.26
CA GLY E 42 11.28 0.88 -11.52
C GLY E 42 10.69 2.05 -10.76
N ARG E 43 10.89 2.06 -9.44
CA ARG E 43 10.41 3.13 -8.58
C ARG E 43 10.89 4.50 -9.09
N GLY E 44 10.05 5.51 -8.90
CA GLY E 44 10.35 6.85 -9.34
C GLY E 44 11.47 7.49 -8.53
N LEU E 45 11.81 8.71 -8.94
CA LEU E 45 12.94 9.43 -8.35
C LEU E 45 12.66 9.80 -6.90
N GLU E 46 13.68 9.61 -6.05
CA GLU E 46 13.61 9.97 -4.64
C GLU E 46 14.73 10.94 -4.29
N TRP E 47 14.44 11.88 -3.40
CA TRP E 47 15.39 12.91 -3.00
C TRP E 47 16.17 12.43 -1.78
N VAL E 48 17.48 12.32 -1.92
CA VAL E 48 18.31 11.80 -0.84
C VAL E 48 18.80 12.91 0.08
N SER E 49 19.37 13.99 -0.46
CA SER E 49 19.88 15.04 0.42
C SER E 49 20.18 16.30 -0.37
N SER E 50 20.45 17.38 0.37
CA SER E 50 20.84 18.66 -0.21
C SER E 50 21.72 19.40 0.78
N ILE E 51 22.74 20.09 0.25
CA ILE E 51 23.68 20.87 1.04
C ILE E 51 23.88 22.21 0.35
N SER E 52 24.18 23.25 1.14
CA SER E 52 24.21 24.62 0.63
C SER E 52 25.49 24.96 -0.12
N ASN E 53 25.83 26.25 -0.17
CA ASN E 53 27.11 26.72 -0.68
C ASN E 53 28.12 26.97 0.44
N THR E 54 27.93 26.36 1.61
CA THR E 54 28.85 26.58 2.72
C THR E 54 28.95 25.37 3.64
N SER E 55 28.42 24.21 3.23
CA SER E 55 28.29 23.05 4.12
C SER E 55 27.43 23.39 5.33
N THR E 56 26.44 24.25 5.13
CA THR E 56 25.43 24.57 6.13
C THR E 56 24.05 24.26 5.56
N TYR E 57 23.08 24.12 6.46
CA TYR E 57 21.70 23.82 6.11
C TYR E 57 21.61 22.55 5.25
N ILE E 58 21.98 21.45 5.91
CA ILE E 58 21.90 20.12 5.31
C ILE E 58 20.56 19.50 5.66
N TYR E 59 19.89 18.96 4.66
CA TYR E 59 18.56 18.37 4.82
C TYR E 59 18.59 16.95 4.28
N TYR E 60 18.17 16.00 5.11
CA TYR E 60 18.14 14.59 4.75
C TYR E 60 16.69 14.10 4.70
N ALA E 61 16.45 13.12 3.84
CA ALA E 61 15.15 12.48 3.80
C ALA E 61 14.90 11.72 5.10
N ASP E 62 13.63 11.66 5.50
CA ASP E 62 13.26 10.95 6.72
C ASP E 62 13.70 9.49 6.68
N SER E 63 13.70 8.90 5.48
CA SER E 63 14.07 7.51 5.29
C SER E 63 15.57 7.28 5.29
N VAL E 64 16.36 8.28 5.70
CA VAL E 64 17.81 8.23 5.57
C VAL E 64 18.47 8.87 6.79
N GLU E 65 17.83 9.90 7.33
CA GLU E 65 18.30 10.64 8.51
C GLU E 65 18.94 9.76 9.57
N GLY E 66 20.27 9.81 9.68
CA GLY E 66 21.01 9.06 10.68
C GLY E 66 21.96 8.02 10.13
N ARG E 67 21.81 7.64 8.85
CA ARG E 67 22.66 6.64 8.25
C ARG E 67 23.52 7.17 7.10
N PHE E 68 23.12 8.26 6.46
CA PHE E 68 23.96 8.94 5.49
C PHE E 68 24.48 10.23 6.09
N THR E 69 25.56 10.74 5.49
CA THR E 69 26.16 12.00 5.91
C THR E 69 26.68 12.74 4.68
N LEU E 70 26.28 13.99 4.52
CA LEU E 70 26.74 14.82 3.41
C LEU E 70 27.88 15.71 3.90
N SER E 71 29.08 15.47 3.40
CA SER E 71 30.21 16.36 3.58
C SER E 71 30.41 17.16 2.31
N ARG E 72 31.39 18.07 2.35
CA ARG E 72 31.68 18.90 1.19
C ARG E 72 33.04 19.57 1.35
N ASP E 73 33.77 19.66 0.24
CA ASP E 73 35.10 20.26 0.21
C ASP E 73 35.16 21.25 -0.96
N ASN E 74 34.79 22.51 -0.70
CA ASN E 74 34.84 23.53 -1.75
C ASN E 74 36.26 23.72 -2.28
N ALA E 75 37.26 23.47 -1.46
CA ALA E 75 38.65 23.63 -1.89
C ALA E 75 39.06 22.56 -2.90
N LYS E 76 38.39 21.41 -2.90
CA LYS E 76 38.72 20.31 -3.80
C LYS E 76 37.70 20.12 -4.91
N ASN E 77 36.53 20.76 -4.81
CA ASN E 77 35.46 20.65 -5.79
C ASN E 77 34.93 19.22 -5.89
N SER E 78 34.88 18.53 -4.75
CA SER E 78 34.29 17.21 -4.64
C SER E 78 33.05 17.29 -3.75
N LEU E 79 32.12 16.36 -3.96
CA LEU E 79 30.88 16.38 -3.18
C LEU E 79 31.06 15.69 -1.83
N TYR E 80 31.14 14.36 -1.83
CA TYR E 80 31.32 13.50 -0.64
C TYR E 80 30.01 13.20 0.08
N LEU E 81 29.52 11.97 -0.04
CA LEU E 81 28.36 11.50 0.71
C LEU E 81 28.65 10.10 1.23
N GLN E 82 28.66 9.94 2.54
CA GLN E 82 28.96 8.66 3.17
C GLN E 82 27.68 7.93 3.52
N MET E 83 27.68 6.61 3.31
CA MET E 83 26.54 5.73 3.58
C MET E 83 26.96 4.76 4.67
N ASN E 84 26.56 5.01 5.91
CA ASN E 84 26.89 4.13 7.01
C ASN E 84 25.71 3.22 7.34
N SER E 85 26.03 2.00 7.79
CA SER E 85 25.07 0.93 8.06
C SER E 85 23.94 0.88 7.03
N LEU E 86 24.25 0.37 5.83
CA LEU E 86 23.25 0.29 4.78
C LEU E 86 22.32 -0.89 5.00
N ARG E 87 21.17 -0.83 4.33
CA ARG E 87 20.20 -1.92 4.35
C ARG E 87 19.76 -2.22 2.92
N ALA E 88 19.12 -3.39 2.75
CA ALA E 88 18.96 -3.99 1.43
C ALA E 88 18.10 -3.17 0.49
N GLU E 89 17.19 -2.34 1.01
CA GLU E 89 16.30 -1.59 0.13
C GLU E 89 16.92 -0.30 -0.40
N ASP E 90 18.10 0.08 0.08
CA ASP E 90 18.78 1.26 -0.43
C ASP E 90 19.47 1.01 -1.77
N THR E 91 19.35 -0.19 -2.32
CA THR E 91 19.80 -0.46 -3.69
C THR E 91 19.10 0.47 -4.66
N ALA E 92 19.88 1.17 -5.48
CA ALA E 92 19.30 2.14 -6.42
C ALA E 92 20.39 2.62 -7.37
N VAL E 93 20.04 3.61 -8.18
CA VAL E 93 20.96 4.44 -8.94
C VAL E 93 21.04 5.79 -8.24
N TYR E 94 22.22 6.38 -8.19
CA TYR E 94 22.46 7.61 -7.47
C TYR E 94 22.98 8.67 -8.43
N TYR E 95 22.34 9.83 -8.42
CA TYR E 95 22.71 11.00 -9.20
C TYR E 95 23.08 12.13 -8.25
N CYS E 96 24.08 12.90 -8.62
CA CYS E 96 24.39 14.18 -7.99
C CYS E 96 24.06 15.29 -8.97
N ALA E 97 23.46 16.37 -8.46
CA ALA E 97 23.00 17.43 -9.35
C ALA E 97 23.13 18.77 -8.65
N ARG E 98 23.51 19.79 -9.44
CA ARG E 98 23.63 21.16 -8.94
C ARG E 98 22.27 21.68 -8.50
N ALA E 99 22.29 22.79 -7.75
CA ALA E 99 21.06 23.42 -7.31
C ALA E 99 21.35 24.85 -6.90
N ASN E 100 20.42 25.77 -7.18
CA ASN E 100 20.51 27.14 -6.71
C ASN E 100 20.05 27.18 -5.24
N GLN E 101 19.80 28.37 -4.69
CA GLN E 101 19.57 28.44 -3.25
C GLN E 101 18.37 29.28 -2.83
N HIS E 102 18.60 30.57 -2.52
CA HIS E 102 17.58 31.45 -1.94
C HIS E 102 17.32 31.06 -0.49
N PHE E 103 17.57 31.98 0.44
CA PHE E 103 17.60 31.68 1.88
C PHE E 103 16.53 32.50 2.59
N ASP E 104 15.38 31.86 2.87
CA ASP E 104 14.24 32.54 3.54
C ASP E 104 14.40 32.43 5.06
N TRP E 105 14.19 33.55 5.76
CA TRP E 105 14.28 33.57 7.22
C TRP E 105 13.12 32.90 7.93
N LEU E 106 12.03 32.59 7.22
CA LEU E 106 10.80 32.12 7.85
C LEU E 106 10.65 30.60 7.76
N LEU E 107 11.76 29.88 7.58
CA LEU E 107 11.79 28.43 7.71
C LEU E 107 12.12 28.02 9.14
N SER E 108 11.19 28.40 10.02
CA SER E 108 11.41 28.36 11.47
C SER E 108 12.52 29.36 11.74
N LEU E 109 13.26 29.14 12.82
CA LEU E 109 14.61 29.67 12.90
C LEU E 109 15.42 29.18 11.70
N LEU E 110 16.16 30.09 11.06
CA LEU E 110 17.08 29.74 9.98
C LEU E 110 16.36 29.27 8.72
N GLY E 111 16.99 28.41 7.92
CA GLY E 111 16.33 27.71 6.82
C GLY E 111 16.48 28.26 5.42
N GLY E 112 16.62 27.37 4.44
CA GLY E 112 16.73 27.79 3.05
C GLY E 112 16.04 26.82 2.10
N TYR E 113 15.73 27.32 0.91
CA TYR E 113 14.97 26.56 -0.08
C TYR E 113 15.90 26.01 -1.16
N HIS E 114 16.64 24.97 -0.80
CA HIS E 114 17.47 24.33 -1.81
C HIS E 114 16.62 23.76 -2.93
N TYR E 115 17.26 23.57 -4.08
CA TYR E 115 16.66 22.85 -5.21
C TYR E 115 15.54 23.64 -5.88
N TYR E 116 15.71 24.96 -5.99
CA TYR E 116 14.85 25.75 -6.86
C TYR E 116 15.44 25.84 -8.27
N GLY E 117 16.32 24.91 -8.62
CA GLY E 117 16.84 24.67 -9.95
C GLY E 117 17.73 23.44 -9.92
N MET E 118 17.70 22.59 -10.96
CA MET E 118 18.54 21.39 -10.98
C MET E 118 18.88 21.08 -12.45
N ASP E 119 19.84 21.84 -12.98
CA ASP E 119 20.15 21.84 -14.41
C ASP E 119 21.15 20.75 -14.79
N VAL E 120 22.36 20.78 -14.21
CA VAL E 120 23.39 19.82 -14.55
C VAL E 120 23.29 18.63 -13.62
N TRP E 121 23.34 17.43 -14.19
CA TRP E 121 23.02 16.20 -13.51
C TRP E 121 24.15 15.20 -13.69
N GLY E 122 24.48 14.49 -12.63
CA GLY E 122 25.51 13.48 -12.68
C GLY E 122 25.17 12.35 -13.63
N GLN E 123 26.19 11.55 -13.93
CA GLN E 123 26.03 10.45 -14.87
C GLN E 123 25.33 9.24 -14.25
N GLY E 124 25.26 9.18 -12.92
CA GLY E 124 24.57 8.09 -12.25
C GLY E 124 25.44 6.88 -11.98
N THR E 125 25.60 6.55 -10.71
CA THR E 125 26.26 5.32 -10.29
C THR E 125 25.20 4.34 -9.79
N THR E 126 25.57 3.07 -9.67
CA THR E 126 24.66 2.06 -9.18
C THR E 126 25.18 1.46 -7.88
N VAL E 127 24.29 1.31 -6.91
CA VAL E 127 24.63 0.73 -5.61
C VAL E 127 23.63 -0.38 -5.31
N THR E 128 24.09 -1.62 -5.39
CA THR E 128 23.29 -2.79 -5.03
C THR E 128 23.74 -3.33 -3.69
N VAL E 129 22.80 -3.88 -2.93
CA VAL E 129 23.02 -4.30 -1.55
C VAL E 129 22.29 -5.62 -1.33
N SER E 130 23.05 -6.71 -1.16
CA SER E 130 22.44 -8.02 -1.00
C SER E 130 23.42 -9.06 -0.44
N SER E 131 23.30 -10.31 -0.87
CA SER E 131 24.11 -11.39 -0.34
C SER E 131 24.26 -12.49 -1.40
N ALA E 132 25.35 -13.25 -1.29
CA ALA E 132 25.65 -14.42 -2.11
C ALA E 132 25.90 -14.08 -3.57
N SER E 133 26.72 -14.89 -4.25
CA SER E 133 27.12 -14.64 -5.64
C SER E 133 27.27 -15.99 -6.34
N THR E 134 26.22 -16.43 -7.04
CA THR E 134 26.19 -17.75 -7.65
C THR E 134 25.89 -17.63 -9.15
N LYS E 135 25.86 -18.79 -9.81
CA LYS E 135 25.55 -18.94 -11.23
C LYS E 135 24.08 -18.70 -11.50
N GLY E 136 23.60 -19.14 -12.67
CA GLY E 136 22.21 -18.99 -13.03
C GLY E 136 21.72 -20.11 -13.96
N PRO E 137 20.83 -20.96 -13.44
CA PRO E 137 20.25 -22.02 -14.27
C PRO E 137 19.44 -21.44 -15.44
N SER E 138 18.95 -22.35 -16.30
CA SER E 138 18.38 -21.94 -17.58
C SER E 138 17.08 -22.62 -17.98
N VAL E 139 16.58 -23.58 -17.19
CA VAL E 139 15.26 -24.24 -17.34
C VAL E 139 14.47 -23.83 -18.57
N PHE E 140 14.37 -24.75 -19.57
CA PHE E 140 13.69 -24.39 -20.80
C PHE E 140 12.17 -24.41 -20.64
N PRO E 141 11.45 -23.46 -21.25
CA PRO E 141 10.00 -23.57 -21.32
C PRO E 141 9.55 -24.15 -22.66
N LEU E 142 9.53 -25.48 -22.74
CA LEU E 142 9.12 -26.17 -23.96
C LEU E 142 7.76 -25.68 -24.42
N ALA E 143 7.66 -25.31 -25.69
CA ALA E 143 6.47 -24.66 -26.22
C ALA E 143 5.95 -25.40 -27.45
N PRO E 144 4.87 -26.17 -27.31
CA PRO E 144 4.24 -26.78 -28.47
C PRO E 144 2.93 -26.11 -28.84
N SER E 145 1.95 -26.89 -29.29
CA SER E 145 0.63 -26.36 -29.60
C SER E 145 -0.16 -26.11 -28.33
N GLY E 152 -1.83 -20.88 -35.94
CA GLY E 152 -1.12 -20.17 -36.99
C GLY E 152 0.31 -19.84 -36.64
N THR E 153 0.49 -18.99 -35.63
CA THR E 153 1.80 -18.57 -35.15
C THR E 153 1.98 -19.07 -33.73
N ALA E 154 3.22 -19.46 -33.38
CA ALA E 154 3.49 -20.01 -32.06
C ALA E 154 4.60 -19.20 -31.41
N ALA E 155 4.87 -19.51 -30.14
CA ALA E 155 5.87 -18.78 -29.37
C ALA E 155 6.54 -19.70 -28.37
N LEU E 156 7.88 -19.68 -28.37
CA LEU E 156 8.67 -20.43 -27.40
C LEU E 156 9.51 -19.45 -26.60
N GLY E 157 10.36 -19.97 -25.72
CA GLY E 157 11.12 -19.09 -24.86
C GLY E 157 12.29 -19.73 -24.15
N CYS E 158 12.70 -19.07 -23.08
CA CYS E 158 13.91 -19.41 -22.31
C CYS E 158 13.80 -18.69 -20.97
N LEU E 159 13.82 -19.45 -19.88
CA LEU E 159 13.62 -18.89 -18.55
C LEU E 159 14.91 -19.02 -17.74
N VAL E 160 15.51 -17.87 -17.41
CA VAL E 160 16.73 -17.82 -16.60
C VAL E 160 16.33 -17.48 -15.17
N LYS E 161 16.73 -18.32 -14.23
CA LYS E 161 16.31 -18.20 -12.84
C LYS E 161 17.53 -18.33 -11.93
N ASP E 162 17.48 -17.66 -10.78
CA ASP E 162 18.41 -17.87 -9.67
C ASP E 162 19.85 -17.54 -10.09
N TYR E 163 20.09 -16.24 -10.26
CA TYR E 163 21.45 -15.77 -10.49
C TYR E 163 21.67 -14.50 -9.67
N PHE E 164 22.95 -14.19 -9.46
CA PHE E 164 23.34 -12.94 -8.80
C PHE E 164 24.78 -12.59 -9.16
N PRO E 165 25.06 -11.35 -9.55
CA PRO E 165 24.05 -10.32 -9.76
C PRO E 165 23.84 -9.98 -11.22
N GLU E 166 23.13 -8.88 -11.49
CA GLU E 166 23.02 -8.38 -12.85
C GLU E 166 24.41 -8.07 -13.40
N PRO E 167 24.60 -8.16 -14.72
CA PRO E 167 23.60 -8.49 -15.74
C PRO E 167 23.68 -9.93 -16.26
N VAL E 168 22.68 -10.31 -17.05
CA VAL E 168 22.70 -11.55 -17.83
C VAL E 168 22.23 -11.21 -19.23
N THR E 169 22.93 -11.73 -20.24
CA THR E 169 22.60 -11.46 -21.62
C THR E 169 22.06 -12.71 -22.30
N VAL E 170 21.12 -12.53 -23.22
CA VAL E 170 20.53 -13.63 -23.97
C VAL E 170 20.56 -13.30 -25.46
N SER E 171 20.81 -14.32 -26.27
CA SER E 171 20.78 -14.19 -27.73
C SER E 171 20.30 -15.50 -28.32
N TRP E 172 19.49 -15.41 -29.39
CA TRP E 172 18.92 -16.59 -30.01
C TRP E 172 19.69 -16.93 -31.29
N ASN E 173 20.07 -18.20 -31.42
CA ASN E 173 20.83 -18.69 -32.57
C ASN E 173 22.13 -17.90 -32.73
N SER E 174 22.73 -17.52 -31.60
CA SER E 174 23.98 -16.75 -31.53
C SER E 174 23.81 -15.34 -32.10
N GLY E 175 22.59 -14.98 -32.51
CA GLY E 175 22.35 -13.63 -32.99
C GLY E 175 21.67 -13.58 -34.34
N ALA E 176 21.14 -14.71 -34.80
CA ALA E 176 20.47 -14.75 -36.09
C ALA E 176 19.00 -14.32 -36.00
N LEU E 177 18.43 -14.30 -34.81
CA LEU E 177 17.02 -13.96 -34.62
C LEU E 177 16.89 -12.63 -33.88
N THR E 178 16.24 -11.67 -34.51
CA THR E 178 15.85 -10.43 -33.88
C THR E 178 14.38 -10.07 -34.09
N SER E 179 13.72 -10.65 -35.08
CA SER E 179 12.28 -10.43 -35.30
C SER E 179 11.51 -11.37 -34.39
N GLY E 180 10.78 -10.81 -33.43
CA GLY E 180 10.09 -11.61 -32.43
C GLY E 180 10.85 -11.78 -31.13
N VAL E 181 12.07 -11.28 -31.05
CA VAL E 181 12.87 -11.41 -29.83
C VAL E 181 12.34 -10.44 -28.78
N HIS E 182 12.31 -10.89 -27.53
CA HIS E 182 11.78 -10.08 -26.43
C HIS E 182 12.49 -10.52 -25.16
N THR E 183 13.34 -9.65 -24.62
CA THR E 183 14.03 -9.89 -23.36
C THR E 183 13.45 -8.96 -22.32
N PHE E 184 12.80 -9.53 -21.32
CA PHE E 184 12.09 -8.77 -20.30
C PHE E 184 13.04 -8.35 -19.19
N PRO E 185 12.72 -7.27 -18.48
CA PRO E 185 13.54 -6.87 -17.33
C PRO E 185 13.49 -7.89 -16.21
N ALA E 186 14.53 -7.88 -15.39
CA ALA E 186 14.67 -8.83 -14.30
C ALA E 186 14.08 -8.26 -13.00
N VAL E 187 13.63 -9.17 -12.14
CA VAL E 187 12.98 -8.80 -10.89
C VAL E 187 13.66 -9.51 -9.73
N LEU E 188 13.88 -8.77 -8.65
CA LEU E 188 14.41 -9.35 -7.42
C LEU E 188 13.43 -10.34 -6.82
N GLN E 189 13.67 -11.62 -7.03
CA GLN E 189 12.85 -12.64 -6.39
C GLN E 189 13.00 -12.56 -4.87
N SER E 190 12.09 -13.25 -4.16
CA SER E 190 12.07 -13.16 -2.71
C SER E 190 13.38 -13.64 -2.10
N SER E 191 13.94 -14.73 -2.63
CA SER E 191 15.13 -15.33 -2.05
C SER E 191 16.33 -14.39 -2.06
N GLY E 192 16.33 -13.38 -2.92
CA GLY E 192 17.41 -12.44 -3.05
C GLY E 192 18.11 -12.49 -4.39
N LEU E 193 17.92 -13.56 -5.16
CA LEU E 193 18.53 -13.68 -6.48
C LEU E 193 17.67 -12.95 -7.52
N TYR E 194 17.79 -13.32 -8.79
CA TYR E 194 17.08 -12.63 -9.86
C TYR E 194 16.47 -13.65 -10.81
N SER E 195 15.69 -13.15 -11.77
CA SER E 195 15.03 -14.00 -12.75
C SER E 195 14.60 -13.16 -13.94
N LEU E 196 14.78 -13.71 -15.13
CA LEU E 196 14.36 -13.07 -16.37
C LEU E 196 13.87 -14.13 -17.35
N SER E 197 13.16 -13.68 -18.37
CA SER E 197 12.59 -14.57 -19.37
C SER E 197 12.71 -13.95 -20.75
N SER E 198 13.19 -14.71 -21.71
CA SER E 198 13.35 -14.28 -23.10
C SER E 198 12.56 -15.20 -24.00
N VAL E 199 11.57 -14.66 -24.71
CA VAL E 199 10.70 -15.45 -25.56
C VAL E 199 10.84 -14.99 -27.01
N VAL E 200 10.28 -15.78 -27.91
CA VAL E 200 10.30 -15.48 -29.34
C VAL E 200 9.02 -16.03 -29.96
N THR E 201 8.55 -15.34 -31.01
CA THR E 201 7.34 -15.71 -31.73
C THR E 201 7.77 -16.14 -33.13
N VAL E 202 7.53 -17.41 -33.44
CA VAL E 202 7.98 -17.97 -34.71
C VAL E 202 6.83 -18.73 -35.36
N PRO E 203 6.89 -18.90 -36.68
CA PRO E 203 5.84 -19.65 -37.38
C PRO E 203 5.93 -21.14 -37.07
N SER E 204 4.76 -21.76 -36.90
CA SER E 204 4.70 -23.19 -36.63
C SER E 204 5.08 -24.05 -37.83
N SER E 205 5.21 -23.45 -39.02
CA SER E 205 5.75 -24.18 -40.15
C SER E 205 7.24 -24.47 -39.99
N SER E 206 7.89 -23.87 -38.99
CA SER E 206 9.31 -24.06 -38.76
C SER E 206 9.62 -25.22 -37.82
N LEU E 207 8.72 -25.51 -36.89
CA LEU E 207 8.97 -26.55 -35.89
C LEU E 207 9.20 -27.90 -36.56
N GLY E 208 9.96 -28.76 -35.88
CA GLY E 208 10.38 -30.02 -36.47
C GLY E 208 11.50 -29.81 -37.47
N THR E 209 11.27 -28.91 -38.43
CA THR E 209 12.27 -28.55 -39.42
C THR E 209 13.32 -27.64 -38.81
N GLN E 210 12.96 -26.39 -38.53
CA GLN E 210 13.91 -25.45 -37.96
C GLN E 210 14.15 -25.73 -36.48
N THR E 211 15.23 -25.15 -35.96
CA THR E 211 15.63 -25.33 -34.57
C THR E 211 15.87 -23.97 -33.93
N TYR E 212 15.67 -23.90 -32.61
CA TYR E 212 15.78 -22.64 -31.88
C TYR E 212 16.60 -22.87 -30.62
N ILE E 213 17.69 -22.12 -30.49
CA ILE E 213 18.64 -22.26 -29.40
C ILE E 213 18.72 -20.96 -28.63
N CYS E 214 18.56 -21.05 -27.31
CA CYS E 214 18.74 -19.91 -26.41
C CYS E 214 20.18 -19.87 -25.93
N ASN E 215 20.75 -18.66 -25.86
CA ASN E 215 22.14 -18.47 -25.47
C ASN E 215 22.18 -17.52 -24.29
N VAL E 216 22.48 -18.06 -23.11
CA VAL E 216 22.55 -17.29 -21.88
C VAL E 216 24.02 -17.10 -21.51
N ASN E 217 24.40 -15.86 -21.22
CA ASN E 217 25.77 -15.51 -20.83
C ASN E 217 25.72 -14.70 -19.55
N HIS E 218 26.48 -15.14 -18.55
CA HIS E 218 26.51 -14.52 -17.22
C HIS E 218 27.97 -14.36 -16.83
N LYS E 219 28.48 -13.13 -16.96
CA LYS E 219 29.89 -12.88 -16.68
C LYS E 219 30.22 -12.91 -15.19
N PRO E 220 29.48 -12.21 -14.31
CA PRO E 220 29.94 -12.11 -12.90
C PRO E 220 30.09 -13.45 -12.18
N SER E 221 29.70 -14.56 -12.79
CA SER E 221 29.94 -15.88 -12.21
C SER E 221 30.56 -16.84 -13.22
N ASN E 222 30.96 -16.36 -14.39
CA ASN E 222 31.59 -17.15 -15.44
C ASN E 222 30.76 -18.39 -15.79
N THR E 223 29.59 -18.12 -16.36
CA THR E 223 28.74 -19.20 -16.89
C THR E 223 28.24 -18.82 -18.28
N LYS E 224 28.27 -19.80 -19.17
CA LYS E 224 27.73 -19.64 -20.53
C LYS E 224 26.98 -20.91 -20.87
N VAL E 225 25.66 -20.81 -21.03
CA VAL E 225 24.80 -21.94 -21.31
C VAL E 225 24.14 -21.75 -22.67
N ASP E 226 23.98 -22.84 -23.40
CA ASP E 226 23.22 -22.84 -24.65
C ASP E 226 22.21 -23.97 -24.58
N LYS E 227 20.93 -23.62 -24.63
CA LYS E 227 19.84 -24.55 -24.40
C LYS E 227 19.01 -24.73 -25.67
N ARG E 228 18.56 -25.96 -25.88
CA ARG E 228 17.67 -26.30 -26.99
C ARG E 228 16.23 -26.36 -26.49
N VAL E 229 15.30 -25.99 -27.38
CA VAL E 229 13.88 -26.07 -27.09
C VAL E 229 13.28 -27.12 -28.03
N GLU E 230 12.70 -28.15 -27.44
CA GLU E 230 12.14 -29.28 -28.19
C GLU E 230 10.64 -29.37 -27.96
N PRO E 231 9.79 -28.98 -28.92
CA PRO E 231 8.35 -29.11 -28.73
C PRO E 231 7.86 -30.56 -28.82
N LYS E 232 6.55 -30.75 -28.72
CA LYS E 232 5.94 -32.08 -28.69
C LYS E 232 6.56 -32.92 -27.57
N SER E 233 6.55 -32.35 -26.37
CA SER E 233 7.21 -32.98 -25.22
C SER E 233 6.73 -32.37 -23.91
N ASP F 1 3.84 15.80 5.76
CA ASP F 1 4.67 16.67 4.93
C ASP F 1 3.94 17.08 3.65
N ILE F 2 4.66 17.75 2.75
CA ILE F 2 4.10 18.16 1.47
C ILE F 2 3.96 16.92 0.58
N VAL F 3 2.75 16.41 0.43
CA VAL F 3 2.49 15.22 -0.37
C VAL F 3 2.11 15.67 -1.77
N MET F 4 2.96 15.36 -2.74
CA MET F 4 2.76 15.76 -4.13
C MET F 4 2.12 14.62 -4.91
N THR F 5 1.25 14.97 -5.85
CA THR F 5 0.60 14.00 -6.72
C THR F 5 0.59 14.53 -8.14
N GLN F 6 0.47 13.61 -9.10
CA GLN F 6 0.48 13.96 -10.53
C GLN F 6 -0.64 13.23 -11.24
N SER F 7 -1.54 13.99 -11.84
CA SER F 7 -2.53 13.46 -12.76
C SER F 7 -2.21 13.92 -14.17
N PRO F 8 -2.26 13.04 -15.18
CA PRO F 8 -2.61 11.63 -15.04
C PRO F 8 -1.44 10.78 -14.56
N LEU F 9 -1.58 9.46 -14.66
CA LEU F 9 -0.49 8.53 -14.41
C LEU F 9 0.11 7.99 -15.70
N SER F 10 -0.48 8.34 -16.86
CA SER F 10 0.00 7.97 -18.17
C SER F 10 -0.76 8.78 -19.20
N LEU F 11 -0.11 9.04 -20.33
CA LEU F 11 -0.74 9.85 -21.37
C LEU F 11 -0.12 9.54 -22.73
N PRO F 12 -0.88 8.91 -23.64
CA PRO F 12 -0.40 8.74 -25.00
C PRO F 12 -0.40 10.07 -25.74
N VAL F 13 0.60 10.24 -26.62
CA VAL F 13 0.71 11.42 -27.46
C VAL F 13 1.02 10.96 -28.88
N THR F 14 0.92 11.91 -29.81
CA THR F 14 1.30 11.72 -31.19
C THR F 14 1.95 13.01 -31.65
N PRO F 15 3.07 12.94 -32.38
CA PRO F 15 3.82 14.15 -32.73
C PRO F 15 2.96 15.16 -33.48
N GLY F 16 2.89 16.37 -32.93
CA GLY F 16 2.08 17.43 -33.49
C GLY F 16 0.98 17.89 -32.56
N GLU F 17 0.17 16.94 -32.08
CA GLU F 17 -0.93 17.27 -31.19
C GLU F 17 -0.39 17.79 -29.85
N PRO F 18 -1.12 18.71 -29.19
CA PRO F 18 -0.69 19.18 -27.86
C PRO F 18 -0.74 18.10 -26.80
N ALA F 19 -0.52 18.49 -25.55
CA ALA F 19 -0.45 17.58 -24.41
C ALA F 19 -0.44 18.41 -23.13
N SER F 20 -1.01 17.86 -22.07
CA SER F 20 -1.10 18.55 -20.79
C SER F 20 -0.84 17.57 -19.66
N ILE F 21 -0.18 18.05 -18.60
CA ILE F 21 0.06 17.23 -17.42
C ILE F 21 -0.21 18.07 -16.19
N SER F 22 -0.98 17.54 -15.25
CA SER F 22 -1.31 18.26 -14.03
C SER F 22 -0.42 17.81 -12.88
N CYS F 23 -0.39 18.64 -11.83
CA CYS F 23 0.33 18.37 -10.59
C CYS F 23 -0.33 19.17 -9.48
N ARG F 24 -0.70 18.48 -8.41
CA ARG F 24 -1.28 19.11 -7.23
C ARG F 24 -0.38 18.89 -6.03
N SER F 25 -0.17 19.94 -5.26
CA SER F 25 0.65 19.85 -4.05
C SER F 25 -0.17 19.33 -2.88
N SER F 26 -0.28 20.15 -1.83
CA SER F 26 -1.02 19.85 -0.63
C SER F 26 -1.08 21.11 0.22
N GLN F 27 0.09 21.75 0.33
CA GLN F 27 0.27 23.03 1.07
C GLN F 27 0.53 24.13 0.03
N SER F 28 0.35 25.39 0.43
CA SER F 28 0.55 26.53 -0.48
C SER F 28 1.96 26.55 -1.00
N LEU F 29 2.13 26.62 -2.32
CA LEU F 29 3.48 26.54 -2.89
C LEU F 29 4.07 27.89 -3.21
N LEU F 30 3.86 28.88 -2.36
CA LEU F 30 4.31 30.21 -2.75
C LEU F 30 4.19 31.00 -1.47
N HIS F 31 5.14 31.88 -1.21
CA HIS F 31 4.97 32.77 -0.05
C HIS F 31 5.03 34.23 -0.50
N SER F 32 5.69 35.08 0.27
CA SER F 32 5.73 36.47 -0.10
C SER F 32 6.78 36.70 -1.20
N ASN F 33 6.86 37.96 -1.67
CA ASN F 33 7.63 38.35 -2.84
C ASN F 33 7.33 37.47 -4.05
N GLY F 34 6.22 36.73 -3.99
CA GLY F 34 5.70 35.96 -5.08
C GLY F 34 6.50 34.75 -5.60
N TYR F 35 6.00 34.27 -6.74
CA TYR F 35 6.44 33.09 -7.46
C TYR F 35 6.56 31.80 -6.65
N ASN F 36 6.09 30.75 -7.28
CA ASN F 36 5.85 29.43 -6.72
C ASN F 36 7.10 28.55 -6.82
N TYR F 37 7.25 27.60 -5.89
CA TYR F 37 8.46 26.82 -5.75
C TYR F 37 8.26 25.40 -6.28
N LEU F 38 8.06 25.30 -7.58
CA LEU F 38 7.84 23.99 -8.18
C LEU F 38 8.56 23.91 -9.53
N ASP F 39 9.50 23.00 -9.61
CA ASP F 39 10.18 22.71 -10.86
C ASP F 39 9.55 21.51 -11.54
N TRP F 40 9.94 21.36 -12.80
CA TRP F 40 9.38 20.36 -13.70
C TRP F 40 10.54 19.69 -14.42
N TYR F 41 10.79 18.42 -14.12
CA TYR F 41 11.86 17.67 -14.72
C TYR F 41 11.33 16.59 -15.67
N LEU F 42 12.19 16.22 -16.61
CA LEU F 42 11.95 15.14 -17.55
C LEU F 42 13.04 14.09 -17.38
N GLN F 43 12.70 12.84 -17.65
CA GLN F 43 13.67 11.75 -17.67
C GLN F 43 13.44 10.91 -18.93
N LYS F 44 14.39 10.97 -19.84
CA LYS F 44 14.40 10.13 -21.03
C LYS F 44 14.71 8.68 -20.64
N PRO F 45 14.34 7.71 -21.47
CA PRO F 45 14.57 6.30 -21.10
C PRO F 45 16.05 5.97 -20.93
N GLY F 46 16.45 5.69 -19.69
CA GLY F 46 17.83 5.33 -19.41
C GLY F 46 18.82 6.45 -19.63
N GLN F 47 18.48 7.66 -19.22
CA GLN F 47 19.42 8.78 -19.25
C GLN F 47 19.20 9.63 -18.01
N SER F 48 20.21 10.43 -17.68
CA SER F 48 20.12 11.34 -16.56
C SER F 48 18.97 12.32 -16.78
N PRO F 49 18.32 12.79 -15.72
CA PRO F 49 17.11 13.61 -15.92
C PRO F 49 17.44 15.02 -16.38
N GLN F 50 16.64 15.51 -17.31
CA GLN F 50 16.73 16.88 -17.81
C GLN F 50 16.06 17.83 -16.81
N LEU F 51 15.82 19.07 -17.25
CA LEU F 51 15.05 20.06 -16.51
C LEU F 51 14.40 20.99 -17.52
N LEU F 52 13.12 21.29 -17.35
CA LEU F 52 12.46 22.15 -18.34
C LEU F 52 11.76 23.37 -17.73
N ILE F 53 11.34 23.32 -16.47
CA ILE F 53 10.74 24.47 -15.79
C ILE F 53 11.27 24.54 -14.37
N TYR F 54 11.60 25.76 -13.92
CA TYR F 54 11.94 26.01 -12.52
C TYR F 54 11.13 27.21 -12.01
N LEU F 55 10.88 27.20 -10.70
CA LEU F 55 10.07 28.22 -10.02
C LEU F 55 8.66 28.33 -10.58
N GLY F 56 8.21 27.33 -11.33
CA GLY F 56 6.92 27.42 -11.98
C GLY F 56 6.91 28.47 -13.09
N SER F 57 6.38 28.11 -14.26
CA SER F 57 6.26 28.99 -15.41
C SER F 57 7.60 29.33 -16.05
N ASN F 58 8.60 29.69 -15.25
CA ASN F 58 9.89 30.10 -15.79
C ASN F 58 10.58 28.92 -16.48
N ARG F 59 10.82 29.08 -17.78
CA ARG F 59 11.57 28.09 -18.55
C ARG F 59 13.05 28.20 -18.19
N ALA F 60 13.90 27.47 -18.93
CA ALA F 60 15.31 27.40 -18.57
C ALA F 60 16.16 27.33 -19.84
N SER F 61 17.47 27.28 -19.63
CA SER F 61 18.43 27.26 -20.72
C SER F 61 18.25 26.02 -21.60
N GLY F 62 18.58 26.17 -22.88
CA GLY F 62 18.51 25.10 -23.84
C GLY F 62 17.14 24.51 -24.10
N VAL F 63 16.09 24.99 -23.42
CA VAL F 63 14.74 24.43 -23.52
C VAL F 63 14.05 25.03 -24.74
N PRO F 64 13.55 24.22 -25.68
CA PRO F 64 12.78 24.77 -26.79
C PRO F 64 11.53 25.49 -26.29
N ASP F 65 11.06 26.43 -27.10
CA ASP F 65 9.93 27.30 -26.73
C ASP F 65 8.57 26.62 -26.89
N ARG F 66 8.45 25.35 -26.48
CA ARG F 66 7.19 24.64 -26.52
C ARG F 66 6.71 24.14 -25.17
N PHE F 67 7.53 24.26 -24.13
CA PHE F 67 7.18 23.83 -22.78
C PHE F 67 6.67 25.04 -22.01
N ILE F 68 5.45 24.95 -21.48
CA ILE F 68 4.80 26.07 -20.81
C ILE F 68 4.47 25.62 -19.39
N GLY F 69 5.20 26.17 -18.42
CA GLY F 69 4.84 25.96 -17.04
C GLY F 69 3.70 26.88 -16.63
N SER F 70 2.89 26.40 -15.69
CA SER F 70 1.73 27.18 -15.28
C SER F 70 1.26 26.70 -13.91
N GLY F 71 0.58 27.58 -13.20
CA GLY F 71 0.03 27.22 -11.91
C GLY F 71 0.51 28.13 -10.79
N SER F 72 -0.26 28.18 -9.70
CA SER F 72 0.07 28.99 -8.55
C SER F 72 -0.70 28.44 -7.37
N GLY F 73 -0.04 28.28 -6.23
CA GLY F 73 -0.76 27.72 -5.10
C GLY F 73 -0.68 26.23 -4.98
N THR F 74 -1.79 25.58 -5.30
CA THR F 74 -1.89 24.13 -5.24
C THR F 74 -2.66 23.64 -6.47
N ASP F 75 -2.19 24.01 -7.66
CA ASP F 75 -2.87 23.60 -8.88
C ASP F 75 -2.01 23.84 -10.11
N PHE F 76 -0.84 23.21 -10.18
CA PHE F 76 0.11 23.46 -11.25
C PHE F 76 -0.14 22.53 -12.43
N THR F 77 0.34 22.95 -13.59
CA THR F 77 0.24 22.13 -14.80
C THR F 77 1.28 22.58 -15.81
N LEU F 78 1.79 21.62 -16.57
CA LEU F 78 2.73 21.83 -17.65
C LEU F 78 2.04 21.49 -18.97
N LYS F 79 1.96 22.45 -19.87
CA LYS F 79 1.43 22.20 -21.20
C LYS F 79 2.57 22.12 -22.20
N ILE F 80 2.34 21.35 -23.27
CA ILE F 80 3.31 21.13 -24.33
C ILE F 80 2.55 21.11 -25.64
N SER F 81 2.70 22.16 -26.43
CA SER F 81 2.06 22.25 -27.74
C SER F 81 3.07 21.86 -28.82
N ARG F 82 2.59 21.15 -29.85
CA ARG F 82 3.43 20.62 -30.92
C ARG F 82 4.53 19.74 -30.34
N VAL F 83 4.29 18.44 -30.26
CA VAL F 83 5.15 17.50 -29.55
C VAL F 83 6.08 16.81 -30.55
N GLU F 84 7.33 16.61 -30.14
CA GLU F 84 8.29 15.83 -30.90
C GLU F 84 8.46 14.45 -30.26
N ALA F 85 8.78 13.46 -31.09
CA ALA F 85 8.92 12.07 -30.63
C ALA F 85 10.19 11.84 -29.81
N GLU F 86 10.91 12.86 -29.39
CA GLU F 86 12.11 12.70 -28.56
C GLU F 86 11.85 13.03 -27.09
N ASP F 87 10.66 13.50 -26.75
CA ASP F 87 10.28 13.81 -25.37
C ASP F 87 9.64 12.62 -24.67
N VAL F 88 9.63 11.46 -25.31
CA VAL F 88 9.07 10.25 -24.71
C VAL F 88 9.85 9.92 -23.45
N GLY F 89 9.18 9.89 -22.31
CA GLY F 89 9.86 9.60 -21.07
C GLY F 89 8.90 9.69 -19.89
N VAL F 90 9.47 10.05 -18.75
CA VAL F 90 8.72 10.20 -17.50
C VAL F 90 8.91 11.61 -16.98
N PHE F 91 7.80 12.31 -16.74
CA PHE F 91 7.81 13.67 -16.22
C PHE F 91 7.62 13.67 -14.71
N TYR F 92 8.37 14.51 -14.02
CA TYR F 92 8.25 14.68 -12.58
C TYR F 92 8.02 16.14 -12.24
N CYS F 93 7.06 16.39 -11.37
CA CYS F 93 6.89 17.70 -10.74
C CYS F 93 7.51 17.66 -9.35
N MET F 94 8.17 18.76 -8.96
CA MET F 94 8.94 18.79 -7.72
C MET F 94 8.69 20.10 -6.96
N GLN F 95 8.57 19.99 -5.65
CA GLN F 95 8.34 21.11 -4.74
C GLN F 95 9.65 21.53 -4.08
N ALA F 96 9.75 22.82 -3.75
CA ALA F 96 10.95 23.37 -3.11
C ALA F 96 10.63 24.25 -1.91
N LEU F 97 9.47 24.05 -1.27
CA LEU F 97 9.18 24.79 -0.05
C LEU F 97 9.96 24.22 1.12
N GLN F 98 9.30 23.43 1.97
CA GLN F 98 9.99 22.76 3.06
C GLN F 98 10.87 21.66 2.50
N ALA F 99 12.18 21.81 2.68
CA ALA F 99 13.17 20.87 2.14
C ALA F 99 12.98 20.68 0.64
N VAL F 100 12.85 19.43 0.22
CA VAL F 100 12.76 19.05 -1.19
C VAL F 100 11.87 17.81 -1.30
N GLY F 101 10.98 17.81 -2.28
CA GLY F 101 10.12 16.65 -2.52
C GLY F 101 9.79 16.42 -3.97
N PHE F 102 9.83 15.16 -4.42
CA PHE F 102 9.63 14.84 -5.82
C PHE F 102 8.18 14.42 -6.07
N GLY F 103 7.90 13.82 -7.22
CA GLY F 103 6.58 13.41 -7.58
C GLY F 103 6.53 12.01 -8.15
N PRO F 104 5.33 11.43 -8.25
CA PRO F 104 5.21 10.04 -8.71
C PRO F 104 5.72 9.81 -10.12
N GLY F 105 5.42 10.69 -11.05
CA GLY F 105 5.89 10.50 -12.41
C GLY F 105 4.73 10.16 -13.34
N THR F 106 4.75 10.75 -14.54
CA THR F 106 3.66 10.63 -15.51
C THR F 106 4.25 10.18 -16.84
N LYS F 107 4.36 8.86 -17.02
CA LYS F 107 5.00 8.32 -18.21
C LYS F 107 4.22 8.72 -19.47
N VAL F 108 4.97 8.91 -20.56
CA VAL F 108 4.42 9.38 -21.82
C VAL F 108 4.76 8.37 -22.90
N GLU F 109 3.75 7.94 -23.65
CA GLU F 109 3.88 6.90 -24.65
C GLU F 109 3.63 7.48 -26.03
N ILE F 110 3.14 6.66 -26.96
CA ILE F 110 2.72 7.09 -28.28
C ILE F 110 1.37 6.43 -28.54
N LYS F 111 0.35 7.25 -28.82
CA LYS F 111 -0.97 6.70 -29.10
C LYS F 111 -0.91 5.78 -30.31
N ARG F 112 -1.61 4.66 -30.22
CA ARG F 112 -1.62 3.65 -31.26
C ARG F 112 -3.02 3.09 -31.38
N THR F 113 -3.35 2.54 -32.54
CA THR F 113 -4.70 2.05 -32.81
C THR F 113 -5.01 0.76 -32.06
N VAL F 114 -4.52 0.64 -30.83
CA VAL F 114 -4.93 -0.35 -29.83
C VAL F 114 -4.88 -1.78 -30.35
N ALA F 115 -3.88 -2.54 -29.93
CA ALA F 115 -3.76 -3.94 -30.29
C ALA F 115 -4.18 -4.85 -29.13
N ALA F 116 -4.45 -6.11 -29.46
CA ALA F 116 -4.88 -7.11 -28.48
C ALA F 116 -3.76 -8.08 -28.18
N PRO F 117 -3.62 -8.50 -26.92
CA PRO F 117 -2.54 -9.45 -26.58
C PRO F 117 -2.71 -10.78 -27.30
N SER F 118 -1.58 -11.47 -27.48
CA SER F 118 -1.54 -12.82 -28.03
C SER F 118 -1.01 -13.72 -26.92
N VAL F 119 -1.92 -14.10 -26.01
CA VAL F 119 -1.51 -14.72 -24.75
C VAL F 119 -0.99 -16.12 -25.00
N PHE F 120 0.08 -16.49 -24.27
CA PHE F 120 0.61 -17.84 -24.27
C PHE F 120 0.85 -18.29 -22.83
N ILE F 121 0.72 -19.61 -22.61
CA ILE F 121 1.00 -20.20 -21.31
C ILE F 121 2.10 -21.25 -21.47
N PHE F 122 2.91 -21.38 -20.42
CA PHE F 122 4.11 -22.22 -20.45
C PHE F 122 4.23 -23.02 -19.16
N PRO F 123 4.18 -24.35 -19.26
CA PRO F 123 4.35 -25.21 -18.08
C PRO F 123 5.79 -25.18 -17.58
N PRO F 124 6.07 -25.74 -16.39
CA PRO F 124 7.38 -25.53 -15.77
C PRO F 124 8.49 -26.47 -16.24
N SER F 125 8.19 -27.43 -17.12
CA SER F 125 9.17 -28.41 -17.61
C SER F 125 9.62 -29.37 -16.50
N ASP F 126 10.29 -30.45 -16.88
CA ASP F 126 10.66 -31.50 -15.94
C ASP F 126 12.00 -31.26 -15.27
N GLU F 127 12.96 -30.65 -15.99
CA GLU F 127 14.26 -30.37 -15.40
C GLU F 127 14.13 -29.47 -14.18
N GLN F 128 13.22 -28.50 -14.22
CA GLN F 128 12.98 -27.66 -13.06
C GLN F 128 12.37 -28.45 -11.92
N LEU F 129 11.45 -29.36 -12.24
CA LEU F 129 10.85 -30.21 -11.22
C LEU F 129 11.88 -31.10 -10.54
N LYS F 130 12.94 -31.47 -11.27
CA LYS F 130 14.02 -32.25 -10.66
C LYS F 130 14.60 -31.53 -9.45
N SER F 131 14.70 -30.20 -9.51
CA SER F 131 15.36 -29.43 -8.45
C SER F 131 14.53 -29.44 -7.17
N GLY F 132 13.28 -29.00 -7.25
CA GLY F 132 12.42 -28.93 -6.09
C GLY F 132 11.57 -27.68 -6.07
N THR F 133 11.21 -27.21 -7.26
CA THR F 133 10.49 -25.96 -7.43
C THR F 133 9.88 -25.96 -8.84
N ALA F 134 8.69 -25.37 -8.96
CA ALA F 134 8.03 -25.24 -10.25
C ALA F 134 7.58 -23.80 -10.46
N SER F 135 7.58 -23.36 -11.72
CA SER F 135 7.20 -21.99 -12.04
C SER F 135 6.54 -21.96 -13.42
N VAL F 136 5.27 -21.57 -13.45
CA VAL F 136 4.47 -21.48 -14.67
C VAL F 136 4.55 -20.05 -15.19
N VAL F 137 4.49 -19.89 -16.52
CA VAL F 137 4.68 -18.59 -17.15
C VAL F 137 3.46 -18.24 -18.00
N CYS F 138 3.07 -16.96 -17.96
CA CYS F 138 2.02 -16.41 -18.82
C CYS F 138 2.59 -15.20 -19.53
N LEU F 139 2.37 -15.11 -20.84
CA LEU F 139 3.00 -14.10 -21.68
C LEU F 139 1.96 -13.35 -22.50
N LEU F 140 2.00 -12.02 -22.41
CA LEU F 140 1.23 -11.12 -23.25
C LEU F 140 2.19 -10.45 -24.23
N ASN F 141 1.83 -10.43 -25.51
CA ASN F 141 2.77 -10.10 -26.57
C ASN F 141 2.13 -9.15 -27.56
N ASN F 142 2.87 -8.09 -27.93
CA ASN F 142 2.47 -7.15 -28.98
C ASN F 142 1.09 -6.56 -28.72
N PHE F 143 1.03 -5.70 -27.70
CA PHE F 143 -0.22 -5.06 -27.32
C PHE F 143 0.03 -3.60 -26.96
N TYR F 144 -1.07 -2.85 -26.90
CA TYR F 144 -1.11 -1.45 -26.48
C TYR F 144 -2.54 -1.17 -26.04
N PRO F 145 -2.75 -0.39 -24.96
CA PRO F 145 -1.79 0.36 -24.13
C PRO F 145 -1.05 -0.43 -23.08
N ARG F 146 -0.24 0.28 -22.30
CA ARG F 146 0.52 -0.32 -21.20
C ARG F 146 -0.37 -1.14 -20.27
N GLU F 147 -1.49 -0.55 -19.85
CA GLU F 147 -2.31 -1.13 -18.79
C GLU F 147 -2.88 -2.47 -19.23
N ALA F 148 -2.58 -3.52 -18.45
CA ALA F 148 -3.13 -4.85 -18.67
C ALA F 148 -3.13 -5.57 -17.33
N LYS F 149 -4.13 -6.42 -17.10
CA LYS F 149 -4.25 -7.13 -15.84
C LYS F 149 -4.27 -8.63 -16.08
N VAL F 150 -3.42 -9.35 -15.35
CA VAL F 150 -3.24 -10.78 -15.52
C VAL F 150 -3.43 -11.45 -14.16
N GLN F 151 -4.31 -12.44 -14.11
CA GLN F 151 -4.64 -13.15 -12.88
C GLN F 151 -4.33 -14.64 -13.04
N TRP F 152 -3.93 -15.26 -11.94
CA TRP F 152 -3.60 -16.67 -11.91
C TRP F 152 -4.71 -17.44 -11.20
N LYS F 153 -5.10 -18.58 -11.79
CA LYS F 153 -6.15 -19.41 -11.22
C LYS F 153 -5.69 -20.86 -11.25
N VAL F 154 -5.68 -21.50 -10.09
CA VAL F 154 -5.26 -22.88 -9.93
C VAL F 154 -6.50 -23.68 -9.51
N ASP F 155 -7.00 -24.52 -10.42
CA ASP F 155 -8.30 -25.16 -10.24
C ASP F 155 -9.35 -24.13 -9.86
N ASN F 156 -9.29 -22.98 -10.52
CA ASN F 156 -10.15 -21.80 -10.32
C ASN F 156 -9.95 -21.13 -8.97
N ALA F 157 -8.97 -21.56 -8.17
CA ALA F 157 -8.58 -20.79 -6.99
C ALA F 157 -7.61 -19.69 -7.41
N LEU F 158 -7.92 -18.46 -7.03
CA LEU F 158 -7.12 -17.31 -7.42
C LEU F 158 -5.98 -17.09 -6.43
N GLN F 159 -4.82 -16.75 -6.96
CA GLN F 159 -3.60 -16.60 -6.18
C GLN F 159 -3.38 -15.14 -5.79
N SER F 160 -2.54 -14.94 -4.78
CA SER F 160 -2.24 -13.60 -4.29
C SER F 160 -0.83 -13.58 -3.71
N GLY F 161 -0.07 -12.54 -4.07
CA GLY F 161 1.25 -12.33 -3.49
C GLY F 161 2.28 -13.39 -3.80
N ASN F 162 2.13 -14.10 -4.92
CA ASN F 162 3.09 -15.13 -5.31
C ASN F 162 3.26 -15.19 -6.83
N SER F 163 3.14 -14.05 -7.49
CA SER F 163 3.33 -13.95 -8.93
C SER F 163 4.07 -12.66 -9.25
N GLN F 164 5.05 -12.75 -10.14
CA GLN F 164 5.88 -11.62 -10.52
C GLN F 164 5.64 -11.26 -11.99
N GLU F 165 5.56 -9.97 -12.29
CA GLU F 165 5.32 -9.53 -13.66
C GLU F 165 6.27 -8.39 -14.04
N SER F 166 6.68 -8.41 -15.31
CA SER F 166 7.64 -7.45 -15.84
C SER F 166 7.28 -7.09 -17.28
N VAL F 167 7.47 -5.81 -17.61
CA VAL F 167 7.09 -5.25 -18.89
C VAL F 167 8.33 -4.72 -19.61
N THR F 168 8.29 -4.75 -20.94
CA THR F 168 9.34 -4.12 -21.73
C THR F 168 9.08 -2.61 -21.83
N GLU F 169 9.44 -2.01 -22.95
CA GLU F 169 9.10 -0.62 -23.23
C GLU F 169 8.41 -0.52 -24.57
N GLN F 170 7.98 0.69 -24.90
CA GLN F 170 7.42 0.99 -26.21
C GLN F 170 8.38 0.51 -27.30
N ASP F 171 8.00 -0.55 -28.00
CA ASP F 171 8.83 -1.02 -29.11
C ASP F 171 8.99 0.11 -30.12
N SER F 172 10.24 0.43 -30.45
CA SER F 172 10.55 1.68 -31.13
C SER F 172 9.85 1.79 -32.49
N LYS F 173 9.53 0.66 -33.11
CA LYS F 173 9.02 0.66 -34.48
C LYS F 173 7.51 0.50 -34.58
N ASP F 174 6.82 0.17 -33.49
CA ASP F 174 5.37 0.00 -33.56
C ASP F 174 4.63 0.29 -32.27
N SER F 175 5.32 0.72 -31.20
CA SER F 175 4.68 1.13 -29.95
C SER F 175 3.84 0.02 -29.34
N THR F 176 4.28 -1.23 -29.49
CA THR F 176 3.57 -2.38 -28.96
C THR F 176 4.34 -2.96 -27.78
N TYR F 177 3.63 -3.22 -26.68
CA TYR F 177 4.25 -3.67 -25.45
C TYR F 177 4.30 -5.20 -25.38
N SER F 178 5.00 -5.68 -24.35
CA SER F 178 5.02 -7.10 -24.03
C SER F 178 5.24 -7.24 -22.53
N LEU F 179 4.54 -8.18 -21.92
CA LEU F 179 4.57 -8.37 -20.48
C LEU F 179 4.62 -9.86 -20.17
N SER F 180 5.25 -10.21 -19.05
CA SER F 180 5.30 -11.60 -18.63
C SER F 180 5.02 -11.68 -17.14
N SER F 181 4.38 -12.77 -16.74
CA SER F 181 4.09 -13.03 -15.33
C SER F 181 4.39 -14.49 -15.01
N THR F 182 5.16 -14.72 -13.95
CA THR F 182 5.53 -16.05 -13.51
C THR F 182 4.92 -16.34 -12.14
N LEU F 183 4.51 -17.59 -11.95
CA LEU F 183 3.93 -18.07 -10.70
C LEU F 183 4.79 -19.22 -10.19
N THR F 184 5.30 -19.07 -8.96
CA THR F 184 6.24 -20.03 -8.38
C THR F 184 5.57 -20.79 -7.25
N LEU F 185 5.74 -22.11 -7.25
CA LEU F 185 5.19 -22.97 -6.21
C LEU F 185 6.15 -24.13 -5.96
N SER F 186 5.96 -24.78 -4.81
CA SER F 186 6.71 -25.99 -4.51
C SER F 186 6.33 -27.11 -5.48
N LYS F 187 7.23 -28.08 -5.63
CA LYS F 187 6.92 -29.27 -6.41
C LYS F 187 5.65 -29.95 -5.89
N ALA F 188 5.57 -30.12 -4.56
CA ALA F 188 4.39 -30.73 -3.95
C ALA F 188 3.14 -29.92 -4.27
N ASP F 189 3.16 -28.62 -3.99
CA ASP F 189 1.99 -27.79 -4.26
C ASP F 189 1.69 -27.71 -5.75
N TYR F 190 2.72 -27.77 -6.60
CA TYR F 190 2.48 -27.78 -8.04
C TYR F 190 1.69 -29.01 -8.46
N GLU F 191 2.30 -30.20 -8.29
CA GLU F 191 1.58 -31.39 -8.75
C GLU F 191 0.37 -31.72 -7.88
N LYS F 192 0.13 -30.96 -6.81
CA LYS F 192 -1.07 -31.15 -6.00
C LYS F 192 -2.34 -30.83 -6.81
N HIS F 193 -2.44 -29.61 -7.32
CA HIS F 193 -3.63 -29.18 -8.04
C HIS F 193 -3.52 -29.61 -9.50
N LYS F 194 -4.48 -29.17 -10.33
CA LYS F 194 -4.60 -29.70 -11.68
C LYS F 194 -4.53 -28.62 -12.75
N VAL F 195 -5.64 -27.89 -12.94
CA VAL F 195 -5.76 -26.94 -14.05
C VAL F 195 -5.17 -25.61 -13.62
N TYR F 196 -4.07 -25.22 -14.26
CA TYR F 196 -3.49 -23.89 -14.11
C TYR F 196 -3.89 -23.03 -15.30
N ALA F 197 -4.25 -21.77 -15.02
CA ALA F 197 -4.68 -20.89 -16.08
C ALA F 197 -4.34 -19.45 -15.71
N CYS F 198 -4.15 -18.62 -16.72
CA CYS F 198 -4.07 -17.18 -16.53
C CYS F 198 -5.20 -16.52 -17.31
N GLU F 199 -5.94 -15.65 -16.62
CA GLU F 199 -7.01 -14.86 -17.19
C GLU F 199 -6.51 -13.43 -17.38
N VAL F 200 -6.62 -12.91 -18.59
CA VAL F 200 -6.12 -11.60 -18.96
C VAL F 200 -7.30 -10.70 -19.31
N THR F 201 -7.22 -9.44 -18.83
CA THR F 201 -8.15 -8.39 -19.22
C THR F 201 -7.36 -7.17 -19.66
N HIS F 202 -7.87 -6.50 -20.68
CA HIS F 202 -7.13 -5.43 -21.36
C HIS F 202 -8.11 -4.38 -21.86
N GLN F 203 -7.55 -3.31 -22.42
CA GLN F 203 -8.32 -2.23 -23.04
C GLN F 203 -8.84 -2.60 -24.42
N GLY F 204 -8.27 -3.62 -25.05
CA GLY F 204 -8.68 -3.99 -26.39
C GLY F 204 -9.28 -5.38 -26.48
N LEU F 205 -9.62 -5.95 -25.33
CA LEU F 205 -10.21 -7.28 -25.26
C LEU F 205 -11.63 -7.17 -24.71
N SER F 206 -12.60 -7.49 -25.55
CA SER F 206 -13.96 -7.73 -25.09
C SER F 206 -14.00 -9.10 -24.44
N SER F 207 -14.43 -9.15 -23.17
CA SER F 207 -14.44 -10.35 -22.34
C SER F 207 -13.02 -10.83 -22.08
N PRO F 208 -12.63 -10.97 -20.81
CA PRO F 208 -11.28 -11.46 -20.50
C PRO F 208 -11.04 -12.83 -21.14
N VAL F 209 -9.82 -13.04 -21.63
CA VAL F 209 -9.47 -14.29 -22.29
C VAL F 209 -8.42 -15.01 -21.46
N THR F 210 -8.49 -16.33 -21.43
CA THR F 210 -7.63 -17.11 -20.56
C THR F 210 -6.96 -18.22 -21.35
N LYS F 211 -5.72 -18.53 -20.96
CA LYS F 211 -5.02 -19.71 -21.43
C LYS F 211 -4.79 -20.66 -20.26
N SER F 212 -5.00 -21.96 -20.51
CA SER F 212 -5.06 -22.95 -19.44
C SER F 212 -4.41 -24.24 -19.88
N PHE F 213 -4.10 -25.07 -18.90
CA PHE F 213 -3.63 -26.44 -19.12
C PHE F 213 -3.80 -27.20 -17.81
N ASN F 214 -3.56 -28.52 -17.87
CA ASN F 214 -3.76 -29.36 -16.69
C ASN F 214 -2.88 -30.60 -16.79
N ARG F 215 -1.87 -30.68 -15.92
CA ARG F 215 -1.08 -31.88 -15.74
C ARG F 215 -0.20 -31.74 -14.50
N GLY F 216 -0.82 -31.65 -13.33
CA GLY F 216 -0.08 -31.56 -12.09
C GLY F 216 0.58 -32.87 -11.70
C1 NAG G . -37.76 -14.82 -5.71
C2 NAG G . -39.18 -15.34 -5.89
C3 NAG G . -39.59 -15.20 -7.35
C4 NAG G . -39.39 -13.77 -7.84
C5 NAG G . -38.00 -13.24 -7.49
C6 NAG G . -37.86 -11.75 -7.72
C7 NAG G . -40.10 -17.08 -4.43
C8 NAG G . -40.10 -18.55 -4.11
N2 NAG G . -39.30 -16.71 -5.44
O3 NAG G . -40.96 -15.58 -7.49
O4 NAG G . -39.52 -13.73 -9.25
O5 NAG G . -37.70 -13.46 -6.10
O6 NAG G . -38.82 -11.02 -6.96
O7 NAG G . -40.78 -16.27 -3.82
C1 NAG G . -40.78 -13.17 -9.65
C2 NAG G . -40.62 -12.48 -11.00
C3 NAG G . -41.97 -11.98 -11.54
C4 NAG G . -43.04 -13.05 -11.44
C5 NAG G . -43.06 -13.67 -10.04
C6 NAG G . -44.03 -14.82 -9.92
C7 NAG G . -39.19 -10.72 -11.97
C8 NAG G . -38.21 -9.62 -11.66
N2 NAG G . -39.67 -11.39 -10.92
O3 NAG G . -41.78 -11.59 -12.89
O4 NAG G . -44.33 -12.48 -11.65
O5 NAG G . -41.76 -14.17 -9.73
O6 NAG G . -43.43 -15.93 -9.26
O7 NAG G . -39.51 -10.99 -13.13
C1 BMA G . -44.62 -12.40 -13.07
C2 BMA G . -45.77 -13.41 -13.40
C3 BMA G . -46.35 -13.11 -14.79
C4 BMA G . -46.66 -11.62 -14.96
C5 BMA G . -45.38 -10.83 -14.71
C6 BMA G . -45.55 -9.33 -14.91
O2 BMA G . -46.82 -13.30 -12.46
O3 BMA G . -47.50 -13.89 -15.04
O4 BMA G . -47.14 -11.36 -16.26
O5 BMA G . -45.01 -11.05 -13.35
O6 BMA G . -44.32 -8.80 -15.39
C1 FUC G . -38.14 -10.01 -6.21
C2 FUC G . -39.16 -8.94 -5.79
C3 FUC G . -40.23 -9.58 -4.89
C4 FUC G . -39.57 -10.18 -3.65
C5 FUC G . -38.42 -11.14 -4.07
C6 FUC G . -37.53 -11.52 -2.90
O2 FUC G . -39.74 -8.28 -6.90
O3 FUC G . -41.14 -8.59 -4.46
O4 FUC G . -39.07 -9.15 -2.81
O5 FUC G . -37.53 -10.57 -5.07
C1 NAG H . 25.96 31.50 -0.56
C2 NAG H . 26.91 32.66 -0.47
C3 NAG H . 26.33 33.73 0.47
C4 NAG H . 24.94 34.14 0.01
C5 NAG H . 24.04 32.91 -0.23
C6 NAG H . 22.76 33.25 -0.94
C7 NAG H . 29.25 32.03 -0.87
C8 NAG H . 30.55 31.62 -0.24
N2 NAG H . 28.24 32.25 -0.02
O3 NAG H . 27.21 34.86 0.48
O4 NAG H . 24.32 34.96 0.99
O5 NAG H . 24.71 31.94 -1.06
O6 NAG H . 23.02 33.98 -2.13
O7 NAG H . 29.13 32.17 -2.08
C1 NAG H . 24.48 36.34 0.58
C2 NAG H . 23.15 37.06 0.71
C3 NAG H . 23.31 38.51 0.24
C4 NAG H . 24.45 39.19 0.99
C5 NAG H . 25.73 38.34 0.98
C6 NAG H . 26.78 38.87 1.92
C7 NAG H . 20.86 36.26 0.42
C8 NAG H . 19.89 35.54 -0.49
N2 NAG H . 22.10 36.39 -0.04
O3 NAG H . 22.09 39.21 0.44
O4 NAG H . 24.77 40.42 0.33
O5 NAG H . 25.45 36.99 1.40
O6 NAG H . 28.09 38.48 1.51
O7 NAG H . 20.50 36.70 1.51
C1 BMA H . 24.14 41.54 0.99
C2 BMA H . 25.21 42.64 1.18
C3 BMA H . 24.56 43.93 1.67
C4 BMA H . 23.34 44.30 0.82
C5 BMA H . 22.36 43.13 0.76
C6 BMA H . 21.14 43.40 -0.09
O2 BMA H . 25.84 42.95 -0.05
O3 BMA H . 25.49 45.01 1.71
O4 BMA H . 22.69 45.44 1.35
O5 BMA H . 23.05 42.00 0.21
O6 BMA H . 20.25 42.30 0.04
C1 FUC H . 22.19 33.49 -3.21
C2 FUC H . 22.23 34.55 -4.32
C3 FUC H . 23.67 34.77 -4.77
C4 FUC H . 24.31 33.45 -5.26
C5 FUC H . 24.00 32.26 -4.31
C6 FUC H . 24.09 30.93 -5.04
O2 FUC H . 21.62 35.77 -3.94
O3 FUC H . 23.70 35.69 -5.86
O4 FUC H . 23.86 33.15 -6.57
O5 FUC H . 22.68 32.26 -3.70
C1 NAG I . -18.33 -30.32 -9.83
C2 NAG I . -19.74 -30.94 -9.76
C3 NAG I . -19.66 -32.45 -9.49
C4 NAG I . -18.73 -33.12 -10.48
C5 NAG I . -17.36 -32.45 -10.45
C6 NAG I . -16.39 -33.01 -11.45
C7 NAG I . -21.90 -30.28 -8.78
C8 NAG I . -22.57 -29.55 -7.66
N2 NAG I . -20.56 -30.28 -8.76
O3 NAG I . -20.96 -33.02 -9.60
O4 NAG I . -18.58 -34.50 -10.15
O5 NAG I . -17.51 -31.06 -10.75
O6 NAG I . -16.41 -34.44 -11.45
O7 NAG I . -22.53 -30.85 -9.67
C1 NAG J . -19.04 -38.82 -29.62
C2 NAG J . -18.58 -39.65 -30.83
C3 NAG J . -18.42 -41.11 -30.44
C4 NAG J . -17.52 -41.25 -29.22
C5 NAG J . -18.06 -40.40 -28.09
C6 NAG J . -17.19 -40.42 -26.85
C7 NAG J . -19.11 -39.45 -33.21
C8 NAG J . -20.19 -39.33 -34.24
N2 NAG J . -19.51 -39.51 -31.94
O3 NAG J . -17.87 -41.84 -31.53
O4 NAG J . -17.47 -42.62 -28.80
O5 NAG J . -18.13 -39.03 -28.52
O6 NAG J . -17.93 -40.04 -25.69
O7 NAG J . -17.93 -39.50 -33.53
C1 NAG K . -12.58 -23.17 -22.03
C2 NAG K . -11.42 -23.00 -21.06
C3 NAG K . -10.87 -21.58 -21.12
C4 NAG K . -10.55 -21.19 -22.57
C5 NAG K . -11.75 -21.44 -23.46
C6 NAG K . -11.46 -21.20 -24.92
C7 NAG K . -10.99 -23.63 -18.71
C8 NAG K . -11.62 -23.92 -17.38
N2 NAG K . -11.84 -23.32 -19.70
O3 NAG K . -9.69 -21.49 -20.34
O4 NAG K . -10.20 -19.81 -22.64
O5 NAG K . -12.16 -22.82 -23.35
O6 NAG K . -11.60 -22.39 -25.69
O7 NAG K . -9.78 -23.65 -18.89
C1 NAG L . -12.87 -16.96 -50.28
C2 NAG L . -13.57 -16.83 -51.62
C3 NAG L . -12.59 -16.31 -52.67
C4 NAG L . -11.90 -15.04 -52.19
C5 NAG L . -11.34 -15.22 -50.77
C6 NAG L . -10.83 -13.92 -50.18
C7 NAG L . -15.02 -18.25 -53.03
C8 NAG L . -15.49 -19.65 -53.29
N2 NAG L . -14.14 -18.12 -52.03
O3 NAG L . -13.27 -16.06 -53.89
O4 NAG L . -10.83 -14.72 -53.07
O5 NAG L . -12.36 -15.70 -49.88
O6 NAG L . -10.39 -14.09 -48.85
O7 NAG L . -15.42 -17.29 -53.68
C1 NAG M . -26.55 -46.93 -37.15
C2 NAG M . -26.73 -47.24 -35.65
C3 NAG M . -26.66 -48.76 -35.43
C4 NAG M . -27.60 -49.50 -36.36
C5 NAG M . -27.36 -49.07 -37.80
C6 NAG M . -28.31 -49.70 -38.79
C7 NAG M . -25.81 -46.41 -33.53
C8 NAG M . -24.67 -45.68 -32.87
N2 NAG M . -25.72 -46.56 -34.85
O3 NAG M . -26.99 -49.06 -34.07
O4 NAG M . -27.42 -50.89 -36.24
O5 NAG M . -27.51 -47.65 -37.92
O6 NAG M . -27.63 -50.08 -39.98
O7 NAG M . -26.76 -46.84 -32.89
C1 NAG N . -3.10 -31.61 -37.19
C2 NAG N . -1.93 -31.13 -36.35
C3 NAG N . -0.84 -32.20 -36.27
C4 NAG N . -1.42 -33.53 -35.81
C5 NAG N . -2.59 -33.92 -36.72
C6 NAG N . -3.28 -35.19 -36.26
C7 NAG N . -1.87 -28.68 -36.57
C8 NAG N . -1.19 -27.51 -37.21
N2 NAG N . -1.38 -29.89 -36.88
O3 NAG N . 0.16 -31.77 -35.36
O4 NAG N . -0.43 -34.55 -35.85
O5 NAG N . -3.58 -32.88 -36.70
O6 NAG N . -2.73 -36.33 -36.90
O7 NAG N . -2.83 -28.54 -35.81
C1 NAG O . -2.60 -17.50 -58.50
C2 NAG O . -1.43 -17.00 -57.65
C3 NAG O . -0.73 -15.82 -58.33
C4 NAG O . -0.36 -16.18 -59.76
C5 NAG O . -1.60 -16.62 -60.51
C6 NAG O . -1.34 -17.03 -61.94
C7 NAG O . -1.10 -16.72 -55.23
C8 NAG O . -1.74 -16.28 -53.94
N2 NAG O . -1.87 -16.63 -56.31
O3 NAG O . 0.45 -15.49 -57.60
O4 NAG O . 0.22 -15.04 -60.42
O5 NAG O . -2.16 -17.76 -59.84
O6 NAG O . -0.14 -17.77 -62.04
O7 NAG O . 0.05 -17.13 -55.28
C1 NAG P . 4.44 -26.46 -51.29
C2 NAG P . 5.29 -25.21 -51.14
C3 NAG P . 6.72 -25.59 -50.76
C4 NAG P . 6.73 -26.48 -49.52
C5 NAG P . 5.81 -27.68 -49.74
C6 NAG P . 5.66 -28.54 -48.50
C7 NAG P . 4.98 -23.12 -52.37
C8 NAG P . 5.02 -22.45 -53.72
N2 NAG P . 5.28 -24.41 -52.36
O3 NAG P . 7.48 -24.42 -50.51
O4 NAG P . 8.04 -26.94 -49.26
O5 NAG P . 4.49 -27.24 -50.09
O6 NAG P . 6.46 -28.05 -47.43
O7 NAG P . 4.69 -22.50 -51.35
C1 NAG Q . -12.92 -36.98 -64.90
C2 NAG Q . -14.20 -37.31 -65.67
C3 NAG Q . -14.22 -38.78 -66.09
C4 NAG Q . -12.93 -39.16 -66.82
C5 NAG Q . -11.74 -38.81 -65.95
C6 NAG Q . -10.41 -39.09 -66.61
C7 NAG Q . -16.57 -36.72 -65.41
C8 NAG Q . -17.66 -36.41 -64.43
N2 NAG Q . -15.38 -37.00 -64.88
O3 NAG Q . -15.33 -39.03 -66.95
O4 NAG Q . -12.92 -40.55 -67.10
O5 NAG Q . -11.77 -37.40 -65.66
O6 NAG Q . -9.35 -38.40 -65.96
O7 NAG Q . -16.75 -36.69 -66.62
C1 NAG R . -1.79 -41.37 -61.10
C2 NAG R . -2.74 -41.81 -62.23
C3 NAG R . -1.98 -42.59 -63.29
C4 NAG R . -0.79 -41.79 -63.80
C5 NAG R . 0.09 -41.36 -62.63
C6 NAG R . 1.23 -40.46 -63.04
C7 NAG R . -5.10 -42.14 -61.63
C8 NAG R . -6.12 -43.09 -61.06
N2 NAG R . -3.85 -42.60 -61.71
O3 NAG R . -2.85 -42.91 -64.37
O4 NAG R . -0.03 -42.56 -64.71
O5 NAG R . -0.69 -40.63 -61.66
O6 NAG R . 2.15 -40.26 -61.97
O7 NAG R . -5.40 -41.01 -62.00
C1 NAG S . -6.08 -18.53 -45.56
C2 NAG S . -6.39 -17.91 -44.20
C3 NAG S . -5.37 -16.81 -43.87
C4 NAG S . -3.95 -17.34 -44.00
C5 NAG S . -3.75 -17.95 -45.38
C6 NAG S . -2.38 -18.59 -45.56
C7 NAG S . -8.83 -18.13 -44.03
C8 NAG S . -10.14 -17.40 -44.01
N2 NAG S . -7.73 -17.37 -44.17
O3 NAG S . -5.60 -16.34 -42.55
O4 NAG S . -3.01 -16.28 -43.82
O5 NAG S . -4.72 -18.98 -45.59
O6 NAG S . -1.49 -17.71 -46.23
O7 NAG S . -8.76 -19.35 -43.92
C1 NAG T . 30.25 14.62 16.59
C2 NAG T . 31.73 14.88 16.96
C3 NAG T . 32.66 14.80 15.74
C4 NAG T . 32.38 13.55 14.92
C5 NAG T . 30.90 13.54 14.55
C6 NAG T . 30.50 12.36 13.70
C7 NAG T . 31.38 16.51 18.80
C8 NAG T . 31.65 17.91 19.27
N2 NAG T . 31.89 16.19 17.60
O3 NAG T . 34.01 14.78 16.18
O4 NAG T . 33.16 13.55 13.73
O5 NAG T . 30.15 13.47 15.76
O6 NAG T . 30.28 12.74 12.35
O7 NAG T . 30.74 15.71 19.48
C1 NAG U . 31.31 21.00 37.67
C2 NAG U . 32.60 20.61 38.40
C3 NAG U . 33.77 20.48 37.43
C4 NAG U . 33.41 19.59 36.26
C5 NAG U . 32.13 20.09 35.60
C6 NAG U . 31.66 19.22 34.46
C7 NAG U . 32.62 21.40 40.73
C8 NAG U . 33.03 22.51 41.66
N2 NAG U . 32.92 21.59 39.44
O3 NAG U . 34.89 19.94 38.11
O4 NAG U . 34.46 19.59 35.29
O5 NAG U . 31.08 20.09 36.58
O6 NAG U . 32.52 19.33 33.33
O7 NAG U . 32.03 20.41 41.13
C1 NAG V . 18.18 15.40 24.87
C2 NAG V . 18.05 13.95 24.40
C3 NAG V . 16.57 13.60 24.19
C4 NAG V . 15.78 13.87 25.45
C5 NAG V . 15.98 15.31 25.90
C6 NAG V . 15.32 15.62 27.23
C7 NAG V . 19.43 12.55 22.93
C8 NAG V . 20.17 12.47 21.63
N2 NAG V . 18.80 13.71 23.18
O3 NAG V . 16.45 12.23 23.83
O4 NAG V . 14.39 13.64 25.22
O5 NAG V . 17.39 15.60 26.06
O6 NAG V . 15.64 16.93 27.69
O7 NAG V . 19.39 11.61 23.72
C1 NAG W . 3.33 30.40 45.07
C2 NAG W . 3.39 31.81 45.66
C3 NAG W . 2.23 32.02 46.63
C4 NAG W . 0.90 31.71 45.96
C5 NAG W . 0.93 30.29 45.40
C6 NAG W . -0.32 29.93 44.64
C7 NAG W . 5.13 33.28 46.58
C8 NAG W . 6.45 33.34 47.28
N2 NAG W . 4.66 32.06 46.34
O3 NAG W . 2.22 33.36 47.11
O4 NAG W . -0.17 31.83 46.90
O5 NAG W . 2.03 30.16 44.48
O6 NAG W . -0.03 29.31 43.40
O7 NAG W . 4.53 34.29 46.25
C1 NAG X . 38.63 29.97 43.25
C2 NAG X . 39.51 30.84 42.36
C3 NAG X . 40.96 30.87 42.87
C4 NAG X . 40.99 31.25 44.34
C5 NAG X . 40.09 30.32 45.14
C6 NAG X . 40.03 30.68 46.61
C7 NAG X . 39.83 31.12 39.94
C8 NAG X . 39.72 30.47 38.59
N2 NAG X . 39.46 30.37 40.98
O3 NAG X . 41.72 31.78 42.12
O4 NAG X . 42.34 31.18 44.83
O5 NAG X . 38.76 30.39 44.63
O6 NAG X . 39.38 31.93 46.82
O7 NAG X . 40.25 32.27 40.07
C1 NAG Y . 15.99 12.31 44.75
C2 NAG Y . 15.59 11.67 43.41
C3 NAG Y . 16.40 10.39 43.17
C4 NAG Y . 17.89 10.66 43.35
C5 NAG Y . 18.17 11.36 44.68
C6 NAG Y . 19.61 11.72 44.87
C7 NAG Y . 13.47 11.22 42.25
C8 NAG Y . 12.01 10.93 42.42
N2 NAG Y . 14.16 11.39 43.38
O3 NAG Y . 16.15 9.93 41.85
O4 NAG Y . 18.60 9.42 43.32
O5 NAG Y . 17.40 12.56 44.75
O6 NAG Y . 20.35 10.66 45.45
O7 NAG Y . 13.99 11.29 41.15
C1 NAG Z . -2.84 25.33 55.06
C2 NAG Z . -3.81 24.16 54.89
C3 NAG Z . -5.24 24.63 55.14
C4 NAG Z . -5.35 25.32 56.48
C5 NAG Z . -4.33 26.45 56.58
C6 NAG Z . -4.30 27.09 57.95
C7 NAG Z . -2.76 22.62 53.28
C8 NAG Z . -2.78 22.10 51.89
N2 NAG Z . -3.68 23.54 53.58
O3 NAG Z . -6.12 23.50 55.10
O4 NAG Z . -6.66 25.87 56.64
O5 NAG Z . -3.02 25.92 56.34
O6 NAG Z . -2.98 27.10 58.48
O7 NAG Z . -1.93 22.24 54.11
C1 NAG AA . 4.85 13.56 55.85
C2 NAG AA . 3.47 13.07 56.31
C3 NAG AA . 3.48 11.57 56.52
C4 NAG AA . 4.04 10.84 55.30
C5 NAG AA . 5.39 11.42 54.92
C6 NAG AA . 5.96 10.83 53.65
C7 NAG AA . 1.78 14.09 57.76
C8 NAG AA . 1.53 14.79 59.07
N2 NAG AA . 3.05 13.76 57.52
O3 NAG AA . 2.15 11.11 56.78
O4 NAG AA . 4.19 9.46 55.59
O5 NAG AA . 5.26 12.83 54.70
O6 NAG AA . 6.25 9.45 53.81
O7 NAG AA . 0.87 13.85 56.98
C1 NAG BA . 16.05 32.68 65.19
C2 NAG BA . 16.73 34.01 65.52
C3 NAG BA . 18.00 33.77 66.33
C4 NAG BA . 17.67 32.95 67.58
C5 NAG BA . 16.94 31.67 67.20
C6 NAG BA . 16.47 30.89 68.40
C7 NAG BA . 17.08 36.09 64.27
C8 NAG BA . 17.42 36.71 62.94
N2 NAG BA . 17.05 34.76 64.30
O3 NAG BA . 18.59 35.01 66.70
O4 NAG BA . 18.87 32.63 68.27
O5 NAG BA . 15.78 31.97 66.41
O6 NAG BA . 15.09 31.15 68.68
O7 NAG BA . 16.84 36.78 65.26
C1 NAG CA . 15.95 19.56 67.96
C2 NAG CA . 16.94 20.32 68.86
C3 NAG CA . 16.76 19.89 70.32
C4 NAG CA . 15.30 20.04 70.74
C5 NAG CA . 14.39 19.30 69.76
C6 NAG CA . 12.92 19.51 70.06
C7 NAG CA . 19.29 21.00 68.66
C8 NAG CA . 20.65 20.63 68.15
N2 NAG CA . 18.32 20.11 68.44
O3 NAG CA . 17.59 20.67 71.16
O4 NAG CA . 15.11 19.51 72.05
O5 NAG CA . 14.61 19.77 68.43
O6 NAG CA . 12.10 18.99 69.01
O7 NAG CA . 19.08 22.06 69.23
C1 NAG DA . 3.49 21.75 44.31
C2 NAG DA . 3.44 21.45 42.81
C3 NAG DA . 2.18 20.67 42.47
C4 NAG DA . 2.03 19.44 43.36
C5 NAG DA . 2.13 19.84 44.82
C6 NAG DA . 2.10 18.67 45.77
C7 NAG DA . 3.94 22.74 40.78
C8 NAG DA . 3.95 24.10 40.14
N2 NAG DA . 3.51 22.68 42.04
O3 NAG DA . 2.23 20.27 41.10
O4 NAG DA . 0.78 18.82 43.13
O5 NAG DA . 3.38 20.53 45.06
O6 NAG DA . 3.24 18.65 46.62
O7 NAG DA . 4.30 21.74 40.17
#